data_8Z6F
#
_entry.id   8Z6F
#
_cell.length_a   1.00
_cell.length_b   1.00
_cell.length_c   1.00
_cell.angle_alpha   90.00
_cell.angle_beta   90.00
_cell.angle_gamma   90.00
#
_symmetry.space_group_name_H-M   'P 1'
#
loop_
_entity.id
_entity.type
_entity.pdbx_description
1 polymer Polycystin-1
2 polymer Polycystin-2
3 non-polymer '[(2~{R})-2-hexadecanoyloxy-3-[oxidanyl-[(2~{R},3~{R},5~{S},6~{R})-2,3,5,6-tetrakis(oxidanyl)-4-phosphonooxy-cyclohexyl]oxy-phosphoryl]oxy-propyl] hexadecanoate'
#
loop_
_entity_poly.entity_id
_entity_poly.type
_entity_poly.pdbx_seq_one_letter_code
_entity_poly.pdbx_strand_id
1 'polypeptide(L)'
;MDYKDDDDKGASLFVPPSHVRFVFPEPTADVNYIVMLTCAVCLVTYMVMAAILHKLDQLDASRGRAIPFCGQRGRFKYEI
LVKTGWGRGSGTTAHVGIMLYGVDSRSGHRHLDGDRAFHRNSLDIFRIATPHSLGSVWKIRVWHDNKGLSPAWFLQHVIV
RDLQTARSAFFLVNDWLSVETEANGGLVEKEVLAASDAALLRFRRLLVAELQRGFFDKHIWLSIWDRPPRSRFTRIQRAT
CCVLLICLFLGANAVWYGAVGDSAYSTGHVSRLSPLSVDTVAVGLVSSVVVYPVYLAILFLFRMSRSKVAGSPSPTPAGQ
QVLDIDSCLDSSVLDSSFLTFSGLHAEQAFVGQMKSDLFLDDSKSLVCWPSGEGTLSWPDLLSDPSIVGSNLRQLARGQA
GHGLGPEEDGFSLASPYSPAKSFSASDEDLIQQVLAEGVSSPAPTQDTHMETDLLSSLSSTPGEKTETLALQRLGELGPP
SPGLNWEQPQAARLSRTGLVEGLRKRLLPAWCASLAHGLSLLLVAVAVAVSGWVGASFPPGVSVAWLLSSSASFLASFLG
WEPLKVLLEALYFSLVAKRLHPDEDDTLVESPAVTPVSARVPRVRPPHGFALFLAKEEARKVKRLHGMLRSLLVYMLFLL
VTLLASYGDASCHGHAYRLQSAIKQELHSRAFLAITRSEELWPWMAHVLLPYVHGNQSSPELGPPRLRQVRLQEALYPDP
PGPRVHTCSAAGGFSTSDYDVGWESPHNGSGTWAYSAPDLLGAWSWGSCAVYDSGGYVQELGLSLEESRDRLRFLQLHNW
LDNRSRAVFLELTRYSPAVGLHAAVTLRLEFPAAGRALAALSVRPFALRRLSAGLSLPLLTSVCLLLFAVHFAVAEARTW
HREGRWRVLRLGAWARWLLVALTAATALVRLAQLGAADRQWTRFVRGRPRRFTSFDQVAQLSSAARGLAASLLFLLLVKA
AQQLRFVRQWSVFGKTLCRALPELLGVTLGLVVLGVAYAQLAILLVSSCVDSLWSVAQALLVLCPGTGLSTLCPAESWHL
SPLLCVGLWALRLWGALRLGAVILRWRYHALRGELYRPAWEPQDYEMVELFLRRLRLWMGLSKVKEFRHKVRFEGMEPLP
SRSSRGSKVSPDVPPPSAGSDASHPSTSSSQLDGLSVSLGRLGTRCEPEPSRLQAVFEALLTQFDRLNQATEDVYQLEQQ
LHSLQGRRSSRAPAGSSRGPSPGLRPALPSRLARASRGVDLATGPSRTPLRAKNKVHPSST
;
A
2 'polypeptide(L)'
;MGASSAWSHPQFEKGGGSGGGSGGSAWSHPQFEKGSAAAMVNSSRVQPQQPGDAKRPPAPRAPDPGRLMAGCAAVGASLA
APGGLCEQRGLEIEMQRIRQAAARDPPAGAAASPSPPLSSCSRQAWSRDNPGFEAEEEEEEVEGEEGGMVVEMDVEWRPG
SRRSAASSAVSSVGARSRGLGGYHGAGHPSGRRRRREDQGPPCPSPVGGGDPLHRHLPLEGQPPRVAWAERLVRGLRGLW
GTRLMEESSTNREKYLKSVLRELVTYLLFLIVLCILTYGMMSSNVYYYTRMMSQLFLDTPVSKTEKTNFKTLSSMEDFWK
FTEGSLLDGLYWKMQPSNQTEADNRSFIFYENLLLGVPRIRQLRVRNGSCSIPQDLRDEIKECYDVYSVSSEDRAPFGPR
NGTAWIYTSEKDLNGSSHWGIIATYSGAGYYLDLSRTREETAAQVASLKKNVWLDRGTRATFIDFSVYNANINLFCVVRL
LVEFPATGGVIPSWQFQPLKLIRYVTTFDFFLAACEIIFCFFIFYYVVEEILEIRIHKLHYFRSFWNCLDVVIVVLSVVA
IGINIYRTSNVEVLLQFLEDQNTFPNFEHLAYWQIQFNNIAAVTVFFVWIKLFKFINFNRTMSQLSTTMSRCAKDLFGFA
IMFFIIFLAYAQLAYLVFGTQVDDFSTFQECIFTQFRIILGDINFAEIEEANRVLGPIYFTTFVFFMFFILLNMFLAIIN
DTYSEVKSDLAQQKAEMELSDLIRKGYHKALVKLKLKKNTVDDISESLRQGGGKLNFDELRQDLKGKGHTDAEIEAIFTK
YDQDGDQELTEHEHQQMRDDLEKEREDLDLDHSSLPRPMSSRSFPRSLDDSEEDDDEDSGHSSRRRGSISSGVSYEEFQV
LVRRVDRMEHSIGSIVSKIDAVIVKLEIMERAKLKRREVLGRLLDGVAEDERLGRDSEIHREQMERLVREELERWESDDA
ASQISHGLGTPVGLNGQPRPRSSRPSSSQSTEGMEGAGGNGSSNVHV
;
B,C,D
#
loop_
_chem_comp.id
_chem_comp.type
_chem_comp.name
_chem_comp.formula
A1D75 non-polymer '[(2~{R})-2-hexadecanoyloxy-3-[oxidanyl-[(2~{R},3~{R},5~{S},6~{R})-2,3,5,6-tetrakis(oxidanyl)-4-phosphonooxy-cyclohexyl]oxy-phosphoryl]oxy-propyl] hexadecanoate' 'C41 H80 O16 P2'
#
# COMPACT_ATOMS: atom_id res chain seq x y z
N VAL A 23 26.54 -41.39 10.25
CA VAL A 23 26.70 -40.37 9.22
C VAL A 23 25.88 -39.13 9.58
N PHE A 24 26.53 -37.97 9.54
CA PHE A 24 25.91 -36.69 9.85
C PHE A 24 26.15 -35.73 8.70
N PRO A 25 25.40 -35.87 7.60
CA PRO A 25 25.64 -35.01 6.43
C PRO A 25 24.92 -33.68 6.53
N GLU A 26 24.97 -32.91 5.44
CA GLU A 26 24.34 -31.60 5.30
C GLU A 26 24.73 -30.64 6.41
N PRO A 27 25.96 -30.12 6.40
CA PRO A 27 26.28 -28.97 7.27
C PRO A 27 25.63 -27.68 6.79
N THR A 28 25.12 -27.63 5.56
CA THR A 28 24.48 -26.47 4.98
C THR A 28 23.02 -26.40 5.46
N ALA A 29 22.44 -25.21 5.37
CA ALA A 29 21.10 -24.93 5.88
C ALA A 29 20.12 -24.67 4.74
N ASP A 30 20.18 -25.48 3.69
CA ASP A 30 19.23 -25.39 2.60
C ASP A 30 17.97 -26.19 2.94
N VAL A 31 16.89 -25.90 2.20
CA VAL A 31 15.58 -26.48 2.46
C VAL A 31 15.12 -27.24 1.23
N ASN A 32 14.70 -28.50 1.45
CA ASN A 32 14.05 -29.30 0.42
C ASN A 32 12.57 -29.31 0.71
N TYR A 33 11.79 -28.60 -0.12
CA TYR A 33 10.37 -28.42 0.13
C TYR A 33 9.55 -29.67 -0.11
N ILE A 34 10.10 -30.67 -0.81
CA ILE A 34 9.33 -31.87 -1.13
C ILE A 34 8.92 -32.60 0.13
N VAL A 35 9.89 -32.87 1.01
CA VAL A 35 9.63 -33.66 2.20
C VAL A 35 8.66 -32.95 3.14
N MET A 36 8.90 -31.66 3.38
CA MET A 36 8.03 -30.92 4.29
C MET A 36 6.61 -30.79 3.71
N LEU A 37 6.50 -30.57 2.39
CA LEU A 37 5.18 -30.46 1.79
C LEU A 37 4.41 -31.77 1.88
N THR A 38 5.08 -32.89 1.57
CA THR A 38 4.41 -34.18 1.68
C THR A 38 4.01 -34.49 3.13
N CYS A 39 4.89 -34.18 4.08
CA CYS A 39 4.56 -34.41 5.48
C CYS A 39 3.36 -33.58 5.92
N ALA A 40 3.32 -32.31 5.50
CA ALA A 40 2.19 -31.46 5.85
C ALA A 40 0.90 -31.97 5.25
N VAL A 41 0.93 -32.40 3.99
CA VAL A 41 -0.27 -32.94 3.36
C VAL A 41 -0.73 -34.20 4.07
N CYS A 42 0.21 -35.08 4.42
CA CYS A 42 -0.15 -36.30 5.13
C CYS A 42 -0.77 -36.00 6.48
N LEU A 43 -0.20 -35.06 7.22
CA LEU A 43 -0.75 -34.69 8.53
C LEU A 43 -2.14 -34.08 8.41
N VAL A 44 -2.35 -33.20 7.42
CA VAL A 44 -3.67 -32.59 7.25
C VAL A 44 -4.70 -33.65 6.86
N THR A 45 -4.32 -34.56 5.96
CA THR A 45 -5.21 -35.66 5.59
C THR A 45 -5.56 -36.51 6.80
N TYR A 46 -4.55 -36.82 7.63
CA TYR A 46 -4.80 -37.60 8.84
C TYR A 46 -5.76 -36.88 9.77
N MET A 47 -5.57 -35.57 9.96
CA MET A 47 -6.44 -34.82 10.87
C MET A 47 -7.88 -34.81 10.38
N VAL A 48 -8.09 -34.51 9.10
CA VAL A 48 -9.46 -34.43 8.59
C VAL A 48 -10.11 -35.81 8.58
N MET A 49 -9.35 -36.86 8.23
CA MET A 49 -9.89 -38.21 8.26
C MET A 49 -10.23 -38.63 9.68
N ALA A 50 -9.40 -38.25 10.66
CA ALA A 50 -9.70 -38.58 12.05
C ALA A 50 -10.98 -37.89 12.51
N ALA A 51 -11.17 -36.62 12.13
CA ALA A 51 -12.38 -35.92 12.49
C ALA A 51 -13.61 -36.58 11.88
N ILE A 52 -13.55 -36.87 10.57
CA ILE A 52 -14.72 -37.46 9.91
C ILE A 52 -14.97 -38.88 10.41
N LEU A 53 -13.92 -39.60 10.79
CA LEU A 53 -14.09 -40.93 11.34
C LEU A 53 -14.61 -40.90 12.77
N HIS A 54 -14.31 -39.86 13.53
CA HIS A 54 -14.98 -39.69 14.82
C HIS A 54 -16.47 -39.41 14.63
N LYS A 55 -16.79 -38.59 13.63
CA LYS A 55 -18.20 -38.41 13.26
C LYS A 55 -18.88 -39.74 12.97
N LEU A 56 -18.26 -40.54 12.09
CA LEU A 56 -18.81 -41.85 11.75
C LEU A 56 -18.86 -42.77 12.96
N ASP A 57 -17.86 -42.66 13.85
CA ASP A 57 -17.82 -43.48 15.06
C ASP A 57 -19.04 -43.23 15.93
N GLN A 58 -19.31 -41.96 16.24
CA GLN A 58 -20.45 -41.67 17.09
C GLN A 58 -21.76 -41.94 16.38
N LEU A 59 -21.82 -41.74 15.06
CA LEU A 59 -23.02 -42.10 14.31
C LEU A 59 -23.31 -43.59 14.38
N ASP A 60 -22.27 -44.42 14.23
CA ASP A 60 -22.46 -45.87 14.28
C ASP A 60 -22.76 -46.34 15.69
N ALA A 61 -22.14 -45.72 16.70
CA ALA A 61 -22.42 -46.09 18.08
C ALA A 61 -23.82 -45.69 18.51
N SER A 62 -24.38 -44.64 17.89
CA SER A 62 -25.75 -44.24 18.21
C SER A 62 -26.79 -45.21 17.71
N ARG A 63 -26.42 -46.14 16.81
CA ARG A 63 -27.36 -47.12 16.28
C ARG A 63 -27.08 -48.54 16.75
N GLY A 64 -25.82 -48.89 16.99
CA GLY A 64 -25.48 -50.22 17.45
C GLY A 64 -25.46 -50.35 18.96
N ARG A 75 -30.96 -56.42 -3.15
CA ARG A 75 -31.34 -56.49 -1.75
C ARG A 75 -31.59 -57.93 -1.32
N PHE A 76 -30.71 -58.45 -0.46
CA PHE A 76 -30.88 -59.82 0.03
C PHE A 76 -32.12 -59.95 0.90
N LYS A 77 -32.38 -58.97 1.75
CA LYS A 77 -33.54 -59.05 2.64
C LYS A 77 -34.84 -58.92 1.85
N TYR A 78 -35.83 -59.72 2.24
CA TYR A 78 -37.15 -59.71 1.63
C TYR A 78 -38.17 -59.12 2.58
N GLU A 79 -39.33 -58.76 2.04
CA GLU A 79 -40.43 -58.18 2.78
C GLU A 79 -41.68 -59.04 2.69
N ILE A 80 -41.50 -60.36 2.81
CA ILE A 80 -42.61 -61.30 2.71
C ILE A 80 -42.75 -62.06 4.02
N LEU A 81 -43.76 -62.93 4.10
CA LEU A 81 -44.00 -63.69 5.31
C LEU A 81 -42.89 -64.70 5.56
N VAL A 82 -42.55 -64.88 6.83
CA VAL A 82 -41.52 -65.83 7.23
C VAL A 82 -42.10 -66.80 8.26
N LYS A 83 -43.41 -67.02 8.19
CA LYS A 83 -44.09 -67.89 9.14
C LYS A 83 -43.80 -69.34 8.80
N THR A 84 -43.14 -70.05 9.72
CA THR A 84 -42.82 -71.47 9.57
C THR A 84 -43.45 -72.21 10.74
N GLY A 85 -44.69 -72.67 10.54
CA GLY A 85 -45.41 -73.38 11.58
C GLY A 85 -45.50 -74.87 11.34
N TRP A 86 -44.53 -75.42 10.60
CA TRP A 86 -44.52 -76.84 10.29
C TRP A 86 -43.94 -77.70 11.41
N GLY A 87 -43.48 -77.09 12.50
CA GLY A 87 -42.94 -77.83 13.62
C GLY A 87 -43.31 -77.17 14.94
N ARG A 88 -42.88 -77.82 16.02
CA ARG A 88 -43.15 -77.33 17.37
C ARG A 88 -42.12 -77.94 18.30
N GLY A 89 -42.24 -77.63 19.60
CA GLY A 89 -41.35 -78.15 20.61
C GLY A 89 -40.11 -77.33 20.86
N SER A 90 -39.88 -76.28 20.06
CA SER A 90 -38.71 -75.43 20.20
C SER A 90 -39.03 -74.08 20.84
N GLY A 91 -40.05 -74.02 21.70
CA GLY A 91 -40.42 -72.77 22.34
C GLY A 91 -39.36 -72.24 23.27
N THR A 92 -38.68 -71.17 22.86
CA THR A 92 -37.61 -70.57 23.64
C THR A 92 -37.35 -69.18 23.09
N THR A 93 -36.60 -68.38 23.85
CA THR A 93 -36.22 -67.04 23.44
C THR A 93 -35.14 -67.14 22.38
N ALA A 94 -35.55 -67.13 21.11
CA ALA A 94 -34.62 -67.28 19.99
C ALA A 94 -34.81 -66.12 19.02
N HIS A 95 -33.70 -65.51 18.61
CA HIS A 95 -33.75 -64.41 17.64
C HIS A 95 -32.40 -64.39 16.91
N VAL A 96 -32.38 -64.92 15.70
CA VAL A 96 -31.17 -65.01 14.89
C VAL A 96 -31.42 -64.32 13.55
N GLY A 97 -30.33 -64.09 12.82
CA GLY A 97 -30.42 -63.43 11.54
C GLY A 97 -29.83 -64.26 10.41
N ILE A 98 -29.51 -63.60 9.29
CA ILE A 98 -28.96 -64.28 8.12
C ILE A 98 -27.71 -63.53 7.67
N MET A 99 -26.85 -64.25 6.96
CA MET A 99 -25.59 -63.70 6.44
C MET A 99 -25.62 -63.77 4.93
N LEU A 100 -25.64 -62.62 4.27
CA LEU A 100 -25.61 -62.55 2.81
C LEU A 100 -24.16 -62.53 2.33
N TYR A 101 -23.53 -63.70 2.43
CA TYR A 101 -22.12 -63.86 2.05
C TYR A 101 -22.02 -63.88 0.53
N GLY A 102 -22.14 -62.70 -0.05
CA GLY A 102 -22.10 -62.51 -1.48
C GLY A 102 -21.11 -61.42 -1.87
N VAL A 103 -21.37 -60.82 -3.03
CA VAL A 103 -20.52 -59.77 -3.57
C VAL A 103 -21.06 -58.42 -3.14
N ASP A 104 -20.15 -57.48 -2.90
CA ASP A 104 -20.42 -56.09 -2.53
C ASP A 104 -21.06 -55.94 -1.17
N SER A 105 -21.24 -57.03 -0.41
CA SER A 105 -21.85 -56.97 0.90
C SER A 105 -21.49 -58.19 1.74
N ARG A 106 -20.89 -57.99 2.91
CA ARG A 106 -20.49 -59.07 3.80
C ARG A 106 -20.90 -58.69 5.22
N SER A 107 -22.09 -59.10 5.63
CA SER A 107 -22.61 -58.83 6.96
C SER A 107 -23.09 -60.12 7.60
N GLY A 108 -22.94 -60.19 8.92
CA GLY A 108 -23.33 -61.35 9.70
C GLY A 108 -24.77 -61.30 10.13
N HIS A 109 -25.13 -62.22 11.01
CA HIS A 109 -26.49 -62.31 11.53
C HIS A 109 -26.78 -61.15 12.49
N ARG A 110 -28.05 -60.79 12.57
CA ARG A 110 -28.48 -59.72 13.47
C ARG A 110 -29.50 -60.24 14.48
N HIS A 111 -30.03 -59.35 15.31
CA HIS A 111 -31.02 -59.71 16.31
C HIS A 111 -32.19 -58.72 16.25
N LEU A 112 -33.33 -59.18 16.74
CA LEU A 112 -34.54 -58.37 16.76
C LEU A 112 -35.46 -58.91 17.86
N ASP A 113 -36.48 -58.13 18.19
CA ASP A 113 -37.44 -58.51 19.22
C ASP A 113 -38.82 -58.00 18.84
N GLY A 114 -39.82 -58.88 18.89
CA GLY A 114 -41.18 -58.53 18.60
C GLY A 114 -42.03 -58.40 19.84
N ASP A 115 -43.34 -58.54 19.66
CA ASP A 115 -44.26 -58.41 20.78
C ASP A 115 -44.18 -59.62 21.71
N ARG A 116 -44.29 -60.83 21.14
CA ARG A 116 -44.26 -62.04 21.94
C ARG A 116 -42.86 -62.39 22.44
N ALA A 117 -41.82 -61.81 21.84
CA ALA A 117 -40.43 -62.07 22.24
C ALA A 117 -40.11 -63.56 22.22
N PHE A 118 -40.59 -64.24 21.19
CA PHE A 118 -40.34 -65.67 20.97
C PHE A 118 -40.82 -66.50 22.16
N HIS A 119 -42.13 -66.48 22.37
CA HIS A 119 -42.75 -67.21 23.48
C HIS A 119 -42.72 -68.70 23.19
N ARG A 120 -43.23 -69.50 24.12
CA ARG A 120 -43.24 -70.95 23.95
C ARG A 120 -44.21 -71.36 22.84
N ASN A 121 -43.77 -72.33 22.04
CA ASN A 121 -44.57 -72.87 20.92
C ASN A 121 -45.00 -71.76 19.96
N SER A 122 -44.10 -70.83 19.69
CA SER A 122 -44.37 -69.72 18.79
C SER A 122 -43.17 -69.50 17.89
N LEU A 123 -43.42 -69.25 16.61
CA LEU A 123 -42.39 -68.99 15.62
C LEU A 123 -42.54 -67.56 15.11
N ASP A 124 -41.46 -66.79 15.21
CA ASP A 124 -41.48 -65.40 14.78
C ASP A 124 -41.56 -65.30 13.26
N ILE A 125 -42.34 -64.31 12.79
CA ILE A 125 -42.50 -64.03 11.38
C ILE A 125 -42.35 -62.53 11.21
N PHE A 126 -41.16 -62.08 10.84
CA PHE A 126 -40.89 -60.65 10.68
C PHE A 126 -39.68 -60.49 9.76
N ARG A 127 -39.26 -59.24 9.58
CA ARG A 127 -38.12 -58.91 8.75
C ARG A 127 -37.10 -58.12 9.57
N ILE A 128 -35.84 -58.21 9.14
CA ILE A 128 -34.75 -57.51 9.82
C ILE A 128 -34.25 -56.39 8.92
N ALA A 129 -33.67 -55.38 9.55
CA ALA A 129 -33.13 -54.22 8.83
C ALA A 129 -31.65 -54.43 8.55
N THR A 130 -31.37 -55.31 7.59
CA THR A 130 -30.01 -55.64 7.20
C THR A 130 -29.67 -54.93 5.89
N PRO A 131 -28.73 -54.00 5.89
CA PRO A 131 -28.39 -53.26 4.68
C PRO A 131 -27.56 -54.04 3.66
N HIS A 132 -27.19 -55.28 3.97
CA HIS A 132 -26.44 -56.10 3.03
C HIS A 132 -27.33 -56.52 1.86
N SER A 133 -26.76 -56.47 0.66
CA SER A 133 -27.49 -56.82 -0.56
C SER A 133 -26.74 -57.91 -1.29
N LEU A 134 -27.46 -58.97 -1.68
CA LEU A 134 -26.88 -60.09 -2.40
C LEU A 134 -27.31 -60.06 -3.86
N GLY A 135 -26.81 -61.02 -4.64
CA GLY A 135 -27.12 -61.14 -6.04
C GLY A 135 -27.88 -62.41 -6.37
N SER A 136 -28.07 -62.61 -7.68
CA SER A 136 -28.76 -63.79 -8.19
C SER A 136 -27.81 -64.97 -8.34
N VAL A 137 -27.12 -65.31 -7.25
CA VAL A 137 -26.19 -66.44 -7.25
C VAL A 137 -26.40 -67.25 -5.98
N TRP A 138 -25.76 -68.41 -5.90
CA TRP A 138 -25.89 -69.29 -4.74
C TRP A 138 -25.02 -68.74 -3.61
N LYS A 139 -25.47 -67.63 -3.03
CA LYS A 139 -24.77 -66.97 -1.94
C LYS A 139 -25.82 -66.57 -0.89
N ILE A 140 -26.05 -67.46 0.08
CA ILE A 140 -27.02 -67.22 1.13
C ILE A 140 -26.60 -68.04 2.35
N ARG A 141 -26.78 -67.45 3.53
CA ARG A 141 -26.46 -68.13 4.77
C ARG A 141 -27.34 -67.57 5.88
N VAL A 142 -27.80 -68.46 6.76
CA VAL A 142 -28.67 -68.09 7.87
C VAL A 142 -28.13 -68.74 9.14
N TRP A 143 -28.10 -67.97 10.23
CA TRP A 143 -27.63 -68.45 11.51
C TRP A 143 -28.80 -68.85 12.39
N HIS A 144 -28.48 -69.53 13.49
CA HIS A 144 -29.48 -70.00 14.45
C HIS A 144 -29.03 -69.64 15.85
N ASP A 145 -30.00 -69.50 16.75
CA ASP A 145 -29.72 -69.15 18.13
C ASP A 145 -30.60 -70.01 19.03
N ASN A 146 -29.97 -70.94 19.75
CA ASN A 146 -30.66 -71.85 20.68
C ASN A 146 -30.05 -71.65 22.06
N LYS A 147 -30.63 -70.74 22.84
CA LYS A 147 -30.16 -70.45 24.19
C LYS A 147 -30.92 -71.33 25.16
N GLY A 148 -30.23 -72.36 25.69
CA GLY A 148 -30.85 -73.26 26.64
C GLY A 148 -31.18 -74.62 26.05
N LEU A 149 -32.46 -74.94 25.97
CA LEU A 149 -32.89 -76.23 25.42
C LEU A 149 -32.60 -76.29 23.92
N SER A 150 -32.37 -77.51 23.43
CA SER A 150 -32.08 -77.72 22.01
C SER A 150 -33.34 -77.47 21.18
N PRO A 151 -33.19 -77.08 19.92
CA PRO A 151 -34.36 -76.82 19.07
C PRO A 151 -35.00 -78.11 18.57
N ALA A 152 -36.34 -78.09 18.50
CA ALA A 152 -37.12 -79.22 18.01
C ALA A 152 -37.98 -78.90 16.80
N TRP A 153 -38.33 -77.64 16.58
CA TRP A 153 -39.14 -77.26 15.42
C TRP A 153 -38.27 -77.20 14.17
N PHE A 154 -38.94 -77.22 13.02
CA PHE A 154 -38.29 -77.19 11.71
C PHE A 154 -38.75 -75.95 10.96
N LEU A 155 -37.93 -74.90 11.00
CA LEU A 155 -38.21 -73.68 10.25
C LEU A 155 -37.47 -73.74 8.92
N GLN A 156 -38.22 -73.99 7.83
CA GLN A 156 -37.61 -74.16 6.52
C GLN A 156 -36.92 -72.88 6.05
N HIS A 157 -37.71 -71.83 5.79
CA HIS A 157 -37.18 -70.58 5.27
C HIS A 157 -38.25 -69.50 5.26
N VAL A 158 -37.90 -68.30 4.78
CA VAL A 158 -38.85 -67.21 4.62
C VAL A 158 -39.41 -67.33 3.21
N ILE A 159 -40.74 -67.47 3.12
CA ILE A 159 -41.39 -67.68 1.82
C ILE A 159 -41.40 -66.37 1.04
N VAL A 160 -40.49 -66.24 0.08
CA VAL A 160 -40.40 -65.08 -0.79
C VAL A 160 -39.95 -65.54 -2.17
N ARG A 161 -40.57 -64.97 -3.20
CA ARG A 161 -40.24 -65.32 -4.59
C ARG A 161 -39.57 -64.15 -5.30
N ASP A 162 -40.20 -62.98 -5.31
CA ASP A 162 -39.61 -61.81 -5.96
C ASP A 162 -40.17 -60.56 -5.27
N LEU A 163 -39.37 -59.96 -4.39
CA LEU A 163 -39.76 -58.74 -3.69
C LEU A 163 -38.89 -57.55 -4.09
N GLN A 164 -37.59 -57.64 -3.87
CA GLN A 164 -36.66 -56.59 -4.27
C GLN A 164 -35.65 -57.07 -5.30
N THR A 165 -34.94 -58.17 -5.03
CA THR A 165 -33.95 -58.70 -5.95
C THR A 165 -34.03 -60.21 -6.12
N ALA A 166 -34.96 -60.89 -5.44
CA ALA A 166 -35.12 -62.34 -5.51
C ALA A 166 -33.81 -63.05 -5.19
N ARG A 167 -33.15 -62.59 -4.12
CA ARG A 167 -31.88 -63.15 -3.67
C ARG A 167 -32.08 -64.14 -2.53
N SER A 168 -33.22 -64.83 -2.53
CA SER A 168 -33.53 -65.82 -1.52
C SER A 168 -34.30 -66.96 -2.18
N ALA A 169 -34.46 -68.07 -1.46
CA ALA A 169 -35.17 -69.23 -1.96
C ALA A 169 -36.02 -69.82 -0.84
N PHE A 170 -37.24 -70.21 -1.17
CA PHE A 170 -38.17 -70.77 -0.20
C PHE A 170 -37.97 -72.28 -0.06
N PHE A 171 -36.74 -72.69 0.20
CA PHE A 171 -36.41 -74.11 0.38
C PHE A 171 -35.09 -74.26 1.12
N LEU A 172 -35.05 -75.18 2.08
CA LEU A 172 -33.85 -75.43 2.86
C LEU A 172 -33.93 -76.84 3.43
N VAL A 173 -32.88 -77.23 4.15
CA VAL A 173 -32.84 -78.57 4.74
C VAL A 173 -33.93 -78.71 5.80
N ASN A 174 -34.07 -77.70 6.66
CA ASN A 174 -35.05 -77.70 7.74
C ASN A 174 -34.89 -78.93 8.63
N ASP A 175 -33.64 -79.27 8.90
CA ASP A 175 -33.31 -80.44 9.72
C ASP A 175 -32.67 -79.99 11.03
N TRP A 176 -33.02 -80.68 12.10
CA TRP A 176 -32.49 -80.37 13.42
C TRP A 176 -31.02 -80.74 13.52
N LEU A 177 -30.30 -80.00 14.35
CA LEU A 177 -28.87 -80.22 14.53
C LEU A 177 -28.52 -79.89 15.98
N SER A 178 -27.23 -79.72 16.26
CA SER A 178 -26.77 -79.43 17.61
C SER A 178 -27.06 -77.96 17.93
N VAL A 179 -26.60 -77.52 19.10
CA VAL A 179 -26.82 -76.14 19.53
C VAL A 179 -25.95 -75.20 18.71
N GLU A 180 -26.54 -74.09 18.25
CA GLU A 180 -25.84 -73.09 17.46
C GLU A 180 -25.23 -73.71 16.19
N THR A 181 -25.96 -74.64 15.58
CA THR A 181 -25.54 -75.31 14.36
C THR A 181 -26.43 -74.82 13.22
N GLU A 182 -25.86 -74.01 12.34
CA GLU A 182 -26.59 -73.46 11.20
C GLU A 182 -26.47 -74.40 10.01
N ALA A 183 -27.60 -74.67 9.36
CA ALA A 183 -27.62 -75.55 8.19
C ALA A 183 -27.06 -74.83 6.98
N ASN A 184 -26.18 -75.50 6.24
CA ASN A 184 -25.55 -74.91 5.07
C ASN A 184 -26.50 -75.02 3.87
N GLY A 185 -26.03 -74.60 2.71
CA GLY A 185 -26.83 -74.65 1.50
C GLY A 185 -26.41 -73.57 0.53
N GLY A 186 -27.02 -73.60 -0.65
CA GLY A 186 -26.72 -72.64 -1.69
C GLY A 186 -27.84 -71.67 -1.97
N LEU A 187 -28.35 -71.69 -3.19
CA LEU A 187 -29.45 -70.80 -3.58
C LEU A 187 -30.79 -71.33 -3.09
N LEU A 201 -17.38 -82.02 7.25
CA LEU A 201 -16.55 -80.82 7.26
C LEU A 201 -15.25 -81.05 6.49
N ARG A 202 -15.16 -80.46 5.30
CA ARG A 202 -13.99 -80.59 4.46
C ARG A 202 -13.23 -79.27 4.43
N PHE A 203 -11.90 -79.35 4.46
CA PHE A 203 -11.07 -78.15 4.44
C PHE A 203 -11.18 -77.39 3.14
N ARG A 204 -11.61 -78.04 2.05
CA ARG A 204 -11.81 -77.37 0.78
C ARG A 204 -13.05 -76.49 0.77
N ARG A 205 -13.88 -76.55 1.81
CA ARG A 205 -15.04 -75.67 1.94
C ARG A 205 -15.00 -74.84 3.20
N LEU A 206 -14.02 -75.07 4.08
CA LEU A 206 -13.93 -74.34 5.36
C LEU A 206 -13.28 -72.99 5.18
N LEU A 207 -12.06 -72.95 4.64
CA LEU A 207 -11.31 -71.72 4.49
C LEU A 207 -11.66 -70.95 3.22
N VAL A 208 -12.39 -71.56 2.30
CA VAL A 208 -12.80 -70.85 1.09
C VAL A 208 -13.84 -69.78 1.42
N ALA A 209 -14.82 -70.12 2.25
CA ALA A 209 -15.82 -69.14 2.68
C ALA A 209 -15.24 -68.13 3.65
N GLU A 210 -14.14 -68.47 4.33
CA GLU A 210 -13.52 -67.54 5.26
C GLU A 210 -12.86 -66.37 4.54
N LEU A 211 -12.49 -66.56 3.26
CA LEU A 211 -11.89 -65.51 2.45
C LEU A 211 -12.91 -64.56 1.85
N GLN A 212 -14.12 -64.52 2.38
CA GLN A 212 -15.14 -63.56 1.96
C GLN A 212 -15.63 -62.69 3.10
N ARG A 213 -15.57 -63.18 4.34
CA ARG A 213 -15.94 -62.40 5.51
C ARG A 213 -14.77 -61.70 6.18
N GLY A 214 -13.55 -62.19 5.98
CA GLY A 214 -12.37 -61.57 6.56
C GLY A 214 -11.47 -60.92 5.54
N PHE A 215 -11.79 -61.11 4.26
CA PHE A 215 -10.97 -60.51 3.20
C PHE A 215 -11.11 -59.00 3.19
N PHE A 216 -12.32 -58.49 3.45
CA PHE A 216 -12.58 -57.07 3.52
C PHE A 216 -12.66 -56.58 4.97
N ASP A 217 -12.23 -57.43 5.91
CA ASP A 217 -12.25 -57.08 7.33
C ASP A 217 -10.89 -56.57 7.81
N LYS A 218 -9.83 -57.32 7.54
CA LYS A 218 -8.48 -56.95 7.97
C LYS A 218 -7.58 -56.59 6.80
N HIS A 219 -8.19 -56.22 5.67
CA HIS A 219 -7.45 -55.61 4.56
C HIS A 219 -7.27 -54.13 4.91
N ILE A 220 -6.13 -53.84 5.52
CA ILE A 220 -5.91 -52.59 6.26
C ILE A 220 -6.21 -51.37 5.39
N TRP A 221 -5.74 -51.37 4.15
CA TRP A 221 -6.04 -50.25 3.26
C TRP A 221 -7.52 -50.18 2.94
N LEU A 222 -8.11 -51.29 2.52
CA LEU A 222 -9.54 -51.33 2.20
C LEU A 222 -10.34 -51.89 3.38
N SER A 223 -10.27 -51.20 4.52
CA SER A 223 -11.03 -51.57 5.70
C SER A 223 -11.74 -50.41 6.38
N ILE A 224 -11.35 -49.16 6.10
CA ILE A 224 -12.03 -48.02 6.69
C ILE A 224 -13.48 -47.93 6.21
N TRP A 225 -13.73 -48.26 4.95
CA TRP A 225 -15.07 -48.22 4.39
C TRP A 225 -15.70 -49.60 4.27
N ASP A 226 -15.10 -50.63 4.87
CA ASP A 226 -15.63 -51.98 4.89
C ASP A 226 -15.56 -52.57 6.29
N ARG A 227 -15.89 -51.76 7.29
CA ARG A 227 -15.85 -52.20 8.68
C ARG A 227 -17.18 -52.80 9.10
N PRO A 228 -17.18 -54.02 9.63
CA PRO A 228 -18.42 -54.62 10.12
C PRO A 228 -18.88 -53.94 11.40
N PRO A 229 -20.17 -54.03 11.72
CA PRO A 229 -20.69 -53.30 12.89
C PRO A 229 -20.01 -53.71 14.19
N ARG A 230 -19.56 -52.71 14.94
CA ARG A 230 -18.99 -52.88 16.27
C ARG A 230 -17.82 -53.87 16.26
N SER A 231 -16.77 -53.47 15.55
CA SER A 231 -15.48 -54.14 15.59
C SER A 231 -14.57 -53.35 16.52
N ARG A 232 -13.94 -54.04 17.47
CA ARG A 232 -13.16 -53.35 18.51
C ARG A 232 -11.84 -52.84 17.95
N PHE A 233 -11.91 -51.88 17.02
CA PHE A 233 -10.73 -51.17 16.56
C PHE A 233 -11.00 -49.67 16.41
N THR A 234 -12.22 -49.22 16.68
CA THR A 234 -12.62 -47.81 16.70
C THR A 234 -12.52 -47.15 15.34
N ARG A 235 -12.07 -47.89 14.32
CA ARG A 235 -12.03 -47.42 12.94
C ARG A 235 -11.08 -46.24 12.76
N ILE A 236 -10.46 -45.79 13.85
CA ILE A 236 -9.47 -44.72 13.79
C ILE A 236 -8.07 -45.21 14.13
N GLN A 237 -7.94 -46.29 14.91
CA GLN A 237 -6.62 -46.88 15.12
C GLN A 237 -6.08 -47.50 13.83
N ARG A 238 -6.97 -47.92 12.93
CA ARG A 238 -6.52 -48.33 11.60
C ARG A 238 -5.95 -47.14 10.82
N ALA A 239 -6.62 -45.99 10.91
CA ALA A 239 -6.07 -44.79 10.30
C ALA A 239 -4.75 -44.40 10.96
N THR A 240 -4.68 -44.52 12.29
CA THR A 240 -3.43 -44.21 12.99
C THR A 240 -2.31 -45.13 12.54
N CYS A 241 -2.58 -46.43 12.40
CA CYS A 241 -1.52 -47.34 12.01
C CYS A 241 -1.11 -47.14 10.56
N CYS A 242 -2.07 -46.86 9.67
CA CYS A 242 -1.68 -46.64 8.27
C CYS A 242 -0.89 -45.36 8.11
N VAL A 243 -1.25 -44.29 8.83
CA VAL A 243 -0.45 -43.08 8.74
C VAL A 243 0.92 -43.28 9.37
N LEU A 244 0.98 -44.04 10.48
CA LEU A 244 2.27 -44.43 11.06
C LEU A 244 3.14 -45.11 10.04
N LEU A 245 2.59 -46.10 9.32
CA LEU A 245 3.41 -46.90 8.42
C LEU A 245 3.82 -46.13 7.18
N ILE A 246 2.94 -45.29 6.63
CA ILE A 246 3.36 -44.49 5.49
C ILE A 246 4.45 -43.50 5.91
N CYS A 247 4.30 -42.91 7.10
CA CYS A 247 5.33 -42.03 7.63
C CYS A 247 6.65 -42.76 7.78
N LEU A 248 6.60 -43.98 8.31
CA LEU A 248 7.81 -44.79 8.45
C LEU A 248 8.43 -45.15 7.10
N PHE A 249 7.60 -45.46 6.11
CA PHE A 249 8.09 -45.82 4.79
C PHE A 249 8.89 -44.67 4.17
N LEU A 250 8.32 -43.48 4.21
CA LEU A 250 8.98 -42.30 3.65
C LEU A 250 10.24 -41.94 4.45
N GLY A 251 10.11 -41.97 5.78
CA GLY A 251 11.22 -41.64 6.65
C GLY A 251 12.41 -42.57 6.45
N ALA A 252 12.16 -43.89 6.39
CA ALA A 252 13.23 -44.84 6.19
C ALA A 252 13.86 -44.68 4.82
N ASN A 253 13.05 -44.42 3.78
CA ASN A 253 13.60 -44.20 2.46
C ASN A 253 14.49 -42.96 2.43
N ALA A 254 14.04 -41.87 3.08
CA ALA A 254 14.86 -40.67 3.15
C ALA A 254 16.14 -40.90 3.94
N VAL A 255 16.08 -41.66 5.03
CA VAL A 255 17.28 -41.97 5.80
C VAL A 255 18.27 -42.77 4.96
N TRP A 256 17.77 -43.78 4.24
CA TRP A 256 18.66 -44.59 3.42
C TRP A 256 19.28 -43.77 2.30
N TYR A 257 18.49 -42.90 1.66
CA TYR A 257 19.01 -42.11 0.56
C TYR A 257 19.91 -40.97 1.03
N GLY A 258 19.79 -40.55 2.29
CA GLY A 258 20.55 -39.41 2.77
C GLY A 258 21.68 -39.73 3.71
N ALA A 259 21.52 -40.77 4.54
CA ALA A 259 22.53 -41.10 5.54
C ALA A 259 23.28 -42.39 5.25
N VAL A 260 22.58 -43.52 5.16
CA VAL A 260 23.24 -44.81 4.92
C VAL A 260 23.24 -45.01 3.41
N GLY A 261 24.25 -44.44 2.76
CA GLY A 261 24.38 -44.55 1.32
C GLY A 261 25.81 -44.71 0.88
N ASP A 262 26.70 -44.96 1.83
CA ASP A 262 28.13 -45.10 1.57
C ASP A 262 28.67 -46.48 1.88
N SER A 263 27.94 -47.30 2.64
CA SER A 263 28.42 -48.63 3.02
C SER A 263 28.54 -49.53 1.80
N ALA A 264 27.48 -49.62 0.99
CA ALA A 264 27.48 -50.50 -0.17
C ALA A 264 27.93 -49.76 -1.43
N TYR A 265 27.20 -48.71 -1.80
CA TYR A 265 27.52 -47.93 -3.00
C TYR A 265 28.17 -46.62 -2.57
N SER A 266 29.47 -46.69 -2.32
CA SER A 266 30.20 -45.51 -1.90
C SER A 266 30.50 -44.61 -3.10
N THR A 267 30.83 -43.35 -2.80
CA THR A 267 31.23 -42.35 -3.80
C THR A 267 30.11 -42.15 -4.82
N GLY A 268 29.02 -41.57 -4.33
CA GLY A 268 27.88 -41.25 -5.19
C GLY A 268 26.96 -42.41 -5.49
N HIS A 269 26.27 -42.90 -4.46
CA HIS A 269 25.34 -44.00 -4.65
C HIS A 269 24.23 -43.63 -5.63
N VAL A 270 23.72 -42.40 -5.56
CA VAL A 270 22.67 -41.95 -6.46
C VAL A 270 23.31 -41.61 -7.81
N SER A 271 23.12 -42.50 -8.79
CA SER A 271 23.65 -42.30 -10.13
C SER A 271 22.70 -42.79 -11.21
N ARG A 272 21.52 -43.26 -10.86
CA ARG A 272 20.58 -43.86 -11.80
C ARG A 272 19.23 -43.16 -11.71
N LEU A 273 18.68 -42.79 -12.87
CA LEU A 273 17.37 -42.15 -12.93
C LEU A 273 16.44 -42.73 -13.97
N SER A 274 16.93 -43.41 -15.00
CA SER A 274 16.06 -43.97 -16.03
C SER A 274 15.31 -45.18 -15.48
N PRO A 275 13.98 -45.18 -15.50
CA PRO A 275 13.23 -46.33 -14.98
C PRO A 275 13.31 -47.54 -15.89
N LEU A 276 14.02 -48.58 -15.45
CA LEU A 276 14.15 -49.81 -16.22
C LEU A 276 13.95 -51.02 -15.31
N SER A 277 13.06 -50.87 -14.32
CA SER A 277 12.75 -51.90 -13.33
C SER A 277 13.99 -52.37 -12.56
N VAL A 278 14.97 -51.49 -12.37
CA VAL A 278 16.17 -51.83 -11.63
C VAL A 278 16.36 -50.82 -10.50
N ASP A 279 15.78 -49.63 -10.66
CA ASP A 279 15.87 -48.57 -9.68
C ASP A 279 14.51 -48.29 -9.05
N THR A 280 14.52 -47.95 -7.77
CA THR A 280 13.34 -47.64 -6.97
C THR A 280 12.35 -48.80 -6.89
N VAL A 281 12.75 -50.00 -7.31
CA VAL A 281 11.90 -51.17 -7.24
C VAL A 281 12.35 -52.13 -6.14
N ALA A 282 13.65 -52.21 -5.88
CA ALA A 282 14.18 -52.95 -4.76
C ALA A 282 14.48 -52.06 -3.56
N VAL A 283 14.13 -50.77 -3.64
CA VAL A 283 14.40 -49.83 -2.58
C VAL A 283 13.34 -49.84 -1.50
N GLY A 284 12.06 -49.68 -1.86
CA GLY A 284 11.01 -49.69 -0.86
C GLY A 284 10.70 -51.06 -0.30
N LEU A 285 11.09 -52.11 -1.02
CA LEU A 285 10.84 -53.47 -0.54
C LEU A 285 11.58 -53.76 0.77
N VAL A 286 12.87 -53.40 0.85
CA VAL A 286 13.62 -53.65 2.07
C VAL A 286 13.11 -52.79 3.21
N SER A 287 12.70 -51.55 2.91
CA SER A 287 12.12 -50.70 3.95
C SER A 287 10.82 -51.30 4.50
N SER A 288 9.96 -51.79 3.61
CA SER A 288 8.72 -52.42 4.06
C SER A 288 9.01 -53.67 4.87
N VAL A 289 9.98 -54.47 4.44
CA VAL A 289 10.33 -55.68 5.18
C VAL A 289 10.84 -55.33 6.57
N VAL A 290 11.64 -54.26 6.67
CA VAL A 290 12.24 -53.93 7.97
C VAL A 290 11.29 -53.18 8.89
N VAL A 291 10.22 -52.57 8.37
CA VAL A 291 9.28 -51.84 9.22
C VAL A 291 7.89 -52.45 9.25
N TYR A 292 7.69 -53.63 8.68
CA TYR A 292 6.36 -54.25 8.79
C TYR A 292 6.18 -55.03 10.09
N PRO A 293 7.18 -55.78 10.57
CA PRO A 293 7.01 -56.44 11.89
C PRO A 293 6.71 -55.46 13.02
N VAL A 294 7.33 -54.27 13.01
CA VAL A 294 7.01 -53.28 14.02
C VAL A 294 5.57 -52.80 13.89
N TYR A 295 5.04 -52.76 12.67
CA TYR A 295 3.60 -52.54 12.49
C TYR A 295 2.80 -53.67 13.13
N LEU A 296 3.23 -54.91 12.91
CA LEU A 296 2.55 -56.05 13.52
C LEU A 296 2.63 -56.02 15.05
N ALA A 297 3.60 -55.31 15.62
CA ALA A 297 3.65 -55.18 17.07
C ALA A 297 2.43 -54.44 17.61
N ILE A 298 2.02 -53.37 16.94
CA ILE A 298 0.85 -52.60 17.35
C ILE A 298 -0.46 -53.23 16.88
N LEU A 299 -0.50 -53.78 15.67
CA LEU A 299 -1.71 -54.39 15.15
C LEU A 299 -2.17 -55.58 15.99
N PHE A 300 -1.26 -56.22 16.72
CA PHE A 300 -1.55 -57.42 17.50
C PHE A 300 -2.13 -58.53 16.62
N SER A 514 -6.24 -50.79 22.93
CA SER A 514 -4.98 -50.30 23.48
C SER A 514 -4.87 -48.78 23.31
N LEU A 515 -3.94 -48.18 24.05
CA LEU A 515 -3.68 -46.75 23.98
C LEU A 515 -2.47 -46.41 23.12
N ALA A 516 -2.25 -47.16 22.03
CA ALA A 516 -1.07 -46.99 21.21
C ALA A 516 -1.04 -45.65 20.47
N HIS A 517 -2.16 -44.93 20.38
CA HIS A 517 -2.18 -43.65 19.69
C HIS A 517 -1.30 -42.62 20.40
N GLY A 518 -1.36 -42.59 21.74
CA GLY A 518 -0.54 -41.66 22.50
C GLY A 518 0.95 -41.90 22.36
N LEU A 519 1.36 -43.16 22.30
CA LEU A 519 2.77 -43.48 22.08
C LEU A 519 3.16 -43.42 20.61
N SER A 520 2.19 -43.40 19.71
CA SER A 520 2.45 -43.37 18.27
C SER A 520 2.54 -41.96 17.71
N LEU A 521 1.86 -40.99 18.36
CA LEU A 521 2.01 -39.60 17.92
C LEU A 521 3.44 -39.12 18.10
N LEU A 522 4.11 -39.56 19.16
CA LEU A 522 5.52 -39.23 19.35
C LEU A 522 6.37 -39.83 18.23
N LEU A 523 6.08 -41.07 17.84
CA LEU A 523 6.80 -41.67 16.72
C LEU A 523 6.56 -40.91 15.43
N VAL A 524 5.33 -40.46 15.18
CA VAL A 524 5.05 -39.65 14.00
C VAL A 524 5.87 -38.37 14.02
N ALA A 525 5.90 -37.70 15.18
CA ALA A 525 6.62 -36.44 15.30
C ALA A 525 8.12 -36.63 15.06
N VAL A 526 8.70 -37.65 15.69
CA VAL A 526 10.14 -37.87 15.51
C VAL A 526 10.45 -38.31 14.09
N ALA A 527 9.56 -39.10 13.46
CA ALA A 527 9.79 -39.54 12.10
C ALA A 527 9.77 -38.36 11.13
N VAL A 528 8.78 -37.47 11.29
CA VAL A 528 8.74 -36.32 10.38
C VAL A 528 9.91 -35.37 10.66
N ALA A 529 10.35 -35.26 11.92
CA ALA A 529 11.51 -34.44 12.22
C ALA A 529 12.76 -34.99 11.54
N VAL A 530 12.95 -36.31 11.61
CA VAL A 530 14.10 -36.92 10.95
C VAL A 530 13.99 -36.76 9.43
N SER A 531 12.78 -36.93 8.87
CA SER A 531 12.59 -36.76 7.44
C SER A 531 12.95 -35.35 7.00
N GLY A 532 12.56 -34.35 7.79
CA GLY A 532 12.97 -32.99 7.50
C GLY A 532 14.43 -32.71 7.78
N TRP A 533 15.09 -33.56 8.57
CA TRP A 533 16.49 -33.36 8.89
C TRP A 533 17.43 -33.97 7.85
N VAL A 534 17.25 -35.25 7.53
CA VAL A 534 18.17 -35.92 6.61
C VAL A 534 17.74 -35.73 5.16
N GLY A 535 16.44 -35.55 4.92
CA GLY A 535 15.94 -35.45 3.56
C GLY A 535 16.04 -34.06 2.97
N ALA A 536 16.63 -33.12 3.71
CA ALA A 536 16.75 -31.75 3.24
C ALA A 536 17.83 -31.58 2.18
N SER A 537 18.90 -32.38 2.24
CA SER A 537 19.98 -32.28 1.26
C SER A 537 19.81 -33.31 0.15
N PHE A 538 18.72 -33.15 -0.61
CA PHE A 538 18.41 -34.02 -1.73
C PHE A 538 18.46 -33.23 -3.03
N PRO A 539 19.35 -33.56 -3.96
CA PRO A 539 19.28 -33.00 -5.31
C PRO A 539 18.02 -33.48 -6.00
N PRO A 540 17.62 -32.82 -7.11
CA PRO A 540 16.36 -33.21 -7.77
C PRO A 540 16.27 -34.68 -8.14
N GLY A 541 17.37 -35.29 -8.56
CA GLY A 541 17.34 -36.72 -8.85
C GLY A 541 17.12 -37.56 -7.61
N VAL A 542 17.79 -37.21 -6.51
CA VAL A 542 17.65 -37.96 -5.27
C VAL A 542 16.23 -37.83 -4.74
N SER A 543 15.66 -36.62 -4.78
CA SER A 543 14.31 -36.41 -4.25
C SER A 543 13.27 -37.20 -5.05
N VAL A 544 13.37 -37.17 -6.38
CA VAL A 544 12.39 -37.90 -7.19
C VAL A 544 12.59 -39.40 -7.04
N ALA A 545 13.84 -39.85 -6.90
CA ALA A 545 14.08 -41.26 -6.66
C ALA A 545 13.48 -41.71 -5.33
N TRP A 546 13.62 -40.88 -4.29
CA TRP A 546 13.02 -41.17 -2.99
C TRP A 546 11.50 -41.23 -3.09
N LEU A 547 10.90 -40.27 -3.80
CA LEU A 547 9.45 -40.25 -3.94
C LEU A 547 8.95 -41.48 -4.68
N LEU A 548 9.61 -41.85 -5.77
CA LEU A 548 9.20 -43.03 -6.52
C LEU A 548 9.42 -44.30 -5.73
N SER A 549 10.49 -44.37 -4.93
CA SER A 549 10.70 -45.54 -4.08
C SER A 549 9.60 -45.66 -3.05
N SER A 550 9.19 -44.55 -2.43
CA SER A 550 8.10 -44.61 -1.46
C SER A 550 6.79 -45.03 -2.14
N SER A 551 6.53 -44.49 -3.34
CA SER A 551 5.32 -44.87 -4.06
C SER A 551 5.32 -46.35 -4.42
N ALA A 552 6.47 -46.86 -4.86
CA ALA A 552 6.58 -48.28 -5.18
C ALA A 552 6.41 -49.15 -3.95
N SER A 553 6.96 -48.71 -2.81
CA SER A 553 6.77 -49.44 -1.56
C SER A 553 5.30 -49.51 -1.19
N PHE A 554 4.60 -48.38 -1.30
CA PHE A 554 3.17 -48.37 -0.99
C PHE A 554 2.40 -49.29 -1.93
N LEU A 555 2.71 -49.25 -3.23
CA LEU A 555 2.00 -50.09 -4.19
C LEU A 555 2.25 -51.56 -3.92
N ALA A 556 3.50 -51.92 -3.64
CA ALA A 556 3.84 -53.32 -3.35
C ALA A 556 3.16 -53.79 -2.08
N SER A 557 3.13 -52.93 -1.05
CA SER A 557 2.42 -53.30 0.17
C SER A 557 0.93 -53.45 -0.06
N PHE A 558 0.34 -52.63 -0.92
CA PHE A 558 -1.09 -52.73 -1.21
C PHE A 558 -1.44 -53.94 -2.07
N LEU A 559 -0.53 -54.40 -2.92
CA LEU A 559 -0.79 -55.52 -3.81
C LEU A 559 -0.07 -56.81 -3.43
N GLY A 560 1.04 -56.72 -2.70
CA GLY A 560 1.81 -57.91 -2.41
C GLY A 560 1.76 -58.37 -0.95
N TRP A 561 1.69 -57.41 -0.02
CA TRP A 561 1.68 -57.74 1.39
C TRP A 561 0.28 -57.86 1.97
N GLU A 562 -0.69 -57.12 1.45
CA GLU A 562 -2.07 -57.28 1.91
C GLU A 562 -2.63 -58.67 1.64
N PRO A 563 -2.50 -59.25 0.43
CA PRO A 563 -2.98 -60.64 0.25
C PRO A 563 -2.17 -61.66 1.02
N LEU A 564 -0.99 -61.31 1.53
CA LEU A 564 -0.16 -62.28 2.23
C LEU A 564 -0.76 -62.68 3.58
N LYS A 565 -1.16 -61.70 4.39
CA LYS A 565 -1.68 -61.99 5.73
C LYS A 565 -3.18 -62.25 5.77
N VAL A 566 -3.88 -62.10 4.65
CA VAL A 566 -5.30 -62.42 4.63
C VAL A 566 -5.52 -63.91 4.43
N LEU A 567 -4.55 -64.63 3.86
CA LEU A 567 -4.68 -66.09 3.76
C LEU A 567 -4.69 -66.73 5.14
N LEU A 568 -3.85 -66.24 6.04
CA LEU A 568 -3.77 -66.78 7.39
C LEU A 568 -5.00 -66.37 8.21
N PHE A 613 -40.14 -43.74 6.38
CA PHE A 613 -39.01 -44.58 6.76
C PHE A 613 -37.70 -43.84 6.52
N LEU A 614 -36.97 -43.57 7.61
CA LEU A 614 -35.68 -42.89 7.54
C LEU A 614 -34.50 -43.85 7.47
N ALA A 615 -34.76 -45.15 7.41
CA ALA A 615 -33.67 -46.11 7.27
C ALA A 615 -32.93 -45.92 5.95
N LYS A 616 -33.67 -45.68 4.86
CA LYS A 616 -33.02 -45.38 3.59
C LYS A 616 -32.24 -44.07 3.67
N GLU A 617 -32.74 -43.11 4.45
CA GLU A 617 -31.99 -41.87 4.66
C GLU A 617 -30.67 -42.12 5.38
N GLU A 618 -30.66 -42.95 6.41
CA GLU A 618 -29.40 -43.27 7.08
C GLU A 618 -28.46 -44.04 6.15
N ALA A 619 -29.01 -44.96 5.35
CA ALA A 619 -28.19 -45.71 4.42
C ALA A 619 -27.54 -44.79 3.39
N ARG A 620 -28.30 -43.86 2.83
CA ARG A 620 -27.72 -42.92 1.87
C ARG A 620 -26.79 -41.93 2.55
N LYS A 621 -27.02 -41.65 3.84
CA LYS A 621 -26.07 -40.84 4.61
C LYS A 621 -24.72 -41.54 4.70
N VAL A 622 -24.74 -42.84 5.01
CA VAL A 622 -23.51 -43.63 5.07
C VAL A 622 -22.84 -43.67 3.70
N LYS A 623 -23.65 -43.86 2.64
CA LYS A 623 -23.11 -43.91 1.30
C LYS A 623 -22.45 -42.59 0.90
N ARG A 624 -23.08 -41.46 1.21
CA ARG A 624 -22.51 -40.18 0.82
C ARG A 624 -21.30 -39.86 1.68
N LEU A 625 -21.27 -40.35 2.93
CA LEU A 625 -20.08 -40.19 3.75
C LEU A 625 -18.89 -40.94 3.16
N HIS A 626 -19.11 -42.17 2.71
CA HIS A 626 -18.04 -42.91 2.04
C HIS A 626 -17.62 -42.23 0.74
N GLY A 627 -18.58 -41.71 -0.02
CA GLY A 627 -18.24 -40.96 -1.21
C GLY A 627 -17.41 -39.73 -0.90
N MET A 628 -17.76 -39.01 0.19
CA MET A 628 -16.97 -37.87 0.61
C MET A 628 -15.56 -38.27 1.00
N LEU A 629 -15.41 -39.41 1.68
CA LEU A 629 -14.07 -39.86 2.03
C LEU A 629 -13.25 -40.17 0.78
N ARG A 630 -13.84 -40.86 -0.19
CA ARG A 630 -13.11 -41.16 -1.41
C ARG A 630 -12.73 -39.88 -2.15
N SER A 631 -13.67 -38.93 -2.22
CA SER A 631 -13.40 -37.65 -2.86
C SER A 631 -12.30 -36.90 -2.13
N LEU A 632 -12.30 -36.95 -0.80
CA LEU A 632 -11.26 -36.28 -0.03
C LEU A 632 -9.89 -36.85 -0.35
N LEU A 633 -9.77 -38.19 -0.36
CA LEU A 633 -8.48 -38.79 -0.67
C LEU A 633 -8.00 -38.43 -2.08
N VAL A 634 -8.88 -38.55 -3.08
CA VAL A 634 -8.44 -38.26 -4.44
C VAL A 634 -8.10 -36.78 -4.60
N TYR A 635 -8.90 -35.90 -4.01
CA TYR A 635 -8.67 -34.47 -4.16
C TYR A 635 -7.39 -34.04 -3.44
N MET A 636 -7.10 -34.62 -2.28
CA MET A 636 -5.87 -34.27 -1.59
C MET A 636 -4.64 -34.85 -2.29
N LEU A 637 -4.75 -36.01 -2.92
CA LEU A 637 -3.66 -36.48 -3.76
C LEU A 637 -3.43 -35.52 -4.93
N PHE A 638 -4.51 -35.02 -5.53
CA PHE A 638 -4.38 -34.05 -6.61
C PHE A 638 -3.73 -32.75 -6.10
N LEU A 639 -4.09 -32.33 -4.90
CA LEU A 639 -3.47 -31.15 -4.31
C LEU A 639 -1.99 -31.35 -4.08
N LEU A 640 -1.60 -32.53 -3.59
CA LEU A 640 -0.17 -32.82 -3.42
C LEU A 640 0.56 -32.79 -4.75
N VAL A 641 -0.05 -33.38 -5.78
CA VAL A 641 0.58 -33.41 -7.10
C VAL A 641 0.76 -32.00 -7.64
N THR A 642 -0.27 -31.15 -7.51
CA THR A 642 -0.15 -29.79 -8.04
C THR A 642 0.80 -28.93 -7.21
N LEU A 643 0.91 -29.18 -5.91
CA LEU A 643 1.91 -28.49 -5.11
C LEU A 643 3.32 -28.86 -5.54
N LEU A 644 3.56 -30.15 -5.75
CA LEU A 644 4.87 -30.57 -6.24
C LEU A 644 5.15 -30.06 -7.65
N ALA A 645 4.12 -29.91 -8.48
CA ALA A 645 4.31 -29.34 -9.81
C ALA A 645 4.64 -27.85 -9.73
N SER A 646 4.02 -27.13 -8.80
CA SER A 646 4.21 -25.68 -8.71
C SER A 646 5.49 -25.34 -7.96
N TYR A 647 5.59 -25.75 -6.70
CA TYR A 647 6.69 -25.33 -5.83
C TYR A 647 7.83 -26.36 -5.84
N GLY A 648 8.67 -26.25 -6.86
CA GLY A 648 9.87 -27.05 -6.94
C GLY A 648 11.11 -26.20 -7.11
N ASP A 649 10.93 -24.89 -7.29
CA ASP A 649 12.01 -23.99 -7.63
C ASP A 649 11.90 -22.67 -6.86
N ALA A 650 11.63 -22.76 -5.55
CA ALA A 650 11.44 -21.54 -4.75
C ALA A 650 12.72 -20.74 -4.62
N SER A 651 13.81 -21.38 -4.19
CA SER A 651 15.10 -20.70 -4.15
C SER A 651 15.52 -20.28 -5.55
N CYS A 652 15.26 -21.14 -6.53
CA CYS A 652 15.39 -20.77 -7.92
C CYS A 652 14.62 -19.49 -8.24
N HIS A 653 13.41 -19.35 -7.67
CA HIS A 653 12.57 -18.20 -7.99
C HIS A 653 13.18 -16.92 -7.42
N GLY A 654 13.63 -16.97 -6.17
CA GLY A 654 14.25 -15.79 -5.57
C GLY A 654 15.54 -15.41 -6.26
N HIS A 655 16.39 -16.40 -6.54
CA HIS A 655 17.61 -16.13 -7.28
C HIS A 655 17.31 -15.61 -8.68
N ALA A 656 16.21 -16.05 -9.29
CA ALA A 656 15.83 -15.54 -10.60
C ALA A 656 15.50 -14.07 -10.55
N TYR A 657 14.71 -13.64 -9.55
CA TYR A 657 14.43 -12.22 -9.42
C TYR A 657 15.73 -11.43 -9.24
N ARG A 658 16.58 -11.88 -8.33
CA ARG A 658 17.80 -11.12 -8.05
C ARG A 658 18.72 -11.07 -9.28
N LEU A 659 18.81 -12.18 -10.01
CA LEU A 659 19.66 -12.24 -11.20
C LEU A 659 19.14 -11.33 -12.29
N GLN A 660 17.83 -11.30 -12.52
CA GLN A 660 17.31 -10.41 -13.55
C GLN A 660 17.50 -8.96 -13.16
N SER A 661 17.35 -8.62 -11.88
CA SER A 661 17.61 -7.25 -11.46
C SER A 661 19.07 -6.87 -11.67
N ALA A 662 20.00 -7.76 -11.30
CA ALA A 662 21.41 -7.47 -11.48
C ALA A 662 21.76 -7.31 -12.96
N ILE A 663 21.21 -8.18 -13.81
CA ILE A 663 21.49 -8.09 -15.24
C ILE A 663 20.93 -6.80 -15.81
N LYS A 664 19.74 -6.40 -15.36
CA LYS A 664 19.16 -5.14 -15.83
C LYS A 664 20.04 -3.96 -15.44
N GLN A 665 20.52 -3.93 -14.19
CA GLN A 665 21.31 -2.78 -13.79
C GLN A 665 22.71 -2.80 -14.39
N GLU A 666 23.24 -3.95 -14.78
CA GLU A 666 24.54 -4.02 -15.41
C GLU A 666 24.52 -3.65 -16.89
N LEU A 667 23.35 -3.67 -17.53
CA LEU A 667 23.22 -3.27 -18.92
C LEU A 667 22.73 -1.85 -19.09
N HIS A 668 22.58 -1.11 -18.00
CA HIS A 668 22.09 0.27 -18.02
C HIS A 668 20.71 0.33 -18.65
N SER A 669 19.74 -0.29 -17.97
CA SER A 669 18.36 -0.32 -18.45
C SER A 669 17.78 1.08 -18.55
N ARG A 670 18.03 1.92 -17.53
CA ARG A 670 17.56 3.29 -17.58
C ARG A 670 18.21 4.05 -18.71
N ALA A 671 19.51 3.85 -18.91
CA ALA A 671 20.24 4.52 -19.98
C ALA A 671 19.90 3.96 -21.36
N PHE A 672 19.20 2.83 -21.44
CA PHE A 672 18.82 2.29 -22.75
C PHE A 672 17.38 2.61 -23.11
N LEU A 673 16.45 2.46 -22.15
CA LEU A 673 15.06 2.78 -22.42
C LEU A 673 14.82 4.28 -22.55
N ALA A 674 15.42 5.07 -21.66
CA ALA A 674 15.27 6.52 -21.71
C ALA A 674 16.25 7.13 -22.70
N ILE A 675 16.01 6.90 -23.98
CA ILE A 675 16.82 7.49 -25.05
C ILE A 675 15.90 8.20 -26.03
N THR A 676 16.46 9.20 -26.71
CA THR A 676 15.69 9.99 -27.66
C THR A 676 16.53 10.31 -28.91
N ARG A 677 17.73 9.77 -28.98
CA ARG A 677 18.65 10.06 -30.08
C ARG A 677 19.09 8.71 -30.66
N SER A 678 18.79 8.48 -31.92
CA SER A 678 18.98 7.16 -32.53
C SER A 678 20.43 6.86 -32.90
N GLU A 679 21.33 7.85 -32.81
CA GLU A 679 22.74 7.65 -33.14
C GLU A 679 23.63 7.48 -31.92
N GLU A 680 23.14 7.79 -30.72
CA GLU A 680 23.90 7.48 -29.51
C GLU A 680 23.90 5.99 -29.19
N LEU A 681 23.11 5.19 -29.91
CA LEU A 681 23.06 3.76 -29.64
C LEU A 681 24.38 3.08 -30.00
N TRP A 682 25.05 3.55 -31.05
CA TRP A 682 26.32 2.93 -31.42
C TRP A 682 27.37 3.16 -30.33
N PRO A 683 27.56 4.38 -29.83
CA PRO A 683 28.44 4.54 -28.65
C PRO A 683 27.92 3.80 -27.43
N TRP A 684 26.60 3.68 -27.27
CA TRP A 684 26.05 2.93 -26.14
C TRP A 684 26.49 1.47 -26.19
N MET A 685 26.35 0.84 -27.35
CA MET A 685 26.72 -0.57 -27.48
C MET A 685 28.23 -0.76 -27.46
N ALA A 686 28.97 0.19 -28.04
CA ALA A 686 30.42 0.13 -27.94
C ALA A 686 30.93 0.46 -26.55
N HIS A 687 30.07 0.93 -25.66
CA HIS A 687 30.44 1.31 -24.31
C HIS A 687 29.98 0.33 -23.25
N VAL A 688 28.73 -0.10 -23.28
CA VAL A 688 28.16 -0.87 -22.17
C VAL A 688 27.71 -2.25 -22.61
N LEU A 689 27.88 -2.58 -23.89
CA LEU A 689 27.50 -3.89 -24.39
C LEU A 689 28.71 -4.76 -24.71
N LEU A 690 29.62 -4.28 -25.55
CA LEU A 690 30.81 -5.07 -25.87
C LEU A 690 31.69 -5.36 -24.66
N PRO A 691 32.02 -4.39 -23.80
CA PRO A 691 32.77 -4.75 -22.58
C PRO A 691 32.02 -5.69 -21.67
N TYR A 692 30.68 -5.61 -21.62
CA TYR A 692 29.90 -6.56 -20.84
C TYR A 692 30.03 -7.97 -21.42
N VAL A 693 30.00 -8.10 -22.74
CA VAL A 693 30.05 -9.42 -23.35
C VAL A 693 31.45 -10.02 -23.26
N HIS A 694 32.48 -9.23 -23.54
CA HIS A 694 33.83 -9.78 -23.69
C HIS A 694 34.73 -9.52 -22.48
N GLY A 695 34.28 -8.71 -21.53
CA GLY A 695 35.09 -8.43 -20.36
C GLY A 695 35.13 -9.60 -19.40
N ASN A 696 36.04 -9.49 -18.42
CA ASN A 696 36.19 -10.51 -17.39
C ASN A 696 35.05 -10.49 -16.38
N GLN A 697 34.19 -9.46 -16.40
CA GLN A 697 33.05 -9.41 -15.50
C GLN A 697 32.09 -10.57 -15.78
N SER A 698 31.88 -10.87 -17.05
CA SER A 698 30.96 -11.94 -17.48
C SER A 698 31.78 -13.18 -17.81
N SER A 699 32.16 -13.93 -16.78
CA SER A 699 32.82 -15.21 -17.01
C SER A 699 31.93 -16.21 -17.75
N PRO A 700 30.66 -16.43 -17.34
CA PRO A 700 29.81 -17.34 -18.13
C PRO A 700 29.07 -16.60 -19.24
N GLU A 701 29.21 -17.08 -20.47
CA GLU A 701 28.58 -16.41 -21.59
C GLU A 701 27.56 -17.30 -22.29
N LEU A 702 27.94 -18.54 -22.59
CA LEU A 702 27.07 -19.50 -23.26
C LEU A 702 26.65 -19.02 -24.65
N GLY A 703 27.61 -18.74 -25.51
CA GLY A 703 27.33 -18.45 -26.90
C GLY A 703 27.44 -16.99 -27.28
N PRO A 704 27.74 -16.73 -28.55
CA PRO A 704 27.91 -15.34 -29.01
C PRO A 704 26.57 -14.66 -29.21
N PRO A 705 26.55 -13.34 -29.36
CA PRO A 705 25.28 -12.63 -29.62
C PRO A 705 24.87 -12.68 -31.08
N ARG A 706 23.72 -12.09 -31.39
CA ARG A 706 23.21 -12.05 -32.76
C ARG A 706 22.42 -10.76 -32.95
N LEU A 707 22.21 -10.42 -34.23
CA LEU A 707 21.54 -9.17 -34.57
C LEU A 707 20.85 -9.30 -35.93
N ARG A 708 19.53 -9.42 -35.94
CA ARG A 708 18.76 -9.61 -37.16
C ARG A 708 17.78 -8.46 -37.37
N GLN A 709 17.72 -7.99 -38.62
CA GLN A 709 16.88 -6.84 -38.95
C GLN A 709 15.92 -7.20 -40.06
N VAL A 710 14.70 -6.66 -39.98
CA VAL A 710 13.72 -6.83 -41.05
C VAL A 710 13.75 -5.62 -41.98
N ARG A 711 13.68 -5.89 -43.29
CA ARG A 711 13.74 -4.82 -44.28
C ARG A 711 12.39 -4.19 -44.59
N LEU A 712 11.36 -5.01 -44.77
CA LEU A 712 9.95 -4.74 -45.05
C LEU A 712 9.73 -4.23 -46.48
N GLN A 713 10.76 -3.74 -47.18
CA GLN A 713 10.73 -3.50 -48.62
C GLN A 713 9.79 -2.38 -49.09
N GLU A 714 9.09 -1.68 -48.19
CA GLU A 714 8.38 -0.45 -48.56
C GLU A 714 8.73 0.69 -47.59
N ALA A 715 10.02 0.96 -47.44
CA ALA A 715 10.54 2.00 -46.55
C ALA A 715 9.63 3.22 -46.48
N LEU A 716 9.28 3.61 -45.26
CA LEU A 716 8.27 4.63 -45.00
C LEU A 716 8.84 6.03 -45.22
N TYR A 717 7.96 6.96 -45.55
CA TYR A 717 8.31 8.35 -45.79
C TYR A 717 7.87 9.21 -44.61
N PRO A 718 8.79 9.94 -43.97
CA PRO A 718 8.46 10.78 -42.82
C PRO A 718 7.87 12.13 -43.22
N CYS A 728 2.51 4.99 -34.45
CA CYS A 728 2.88 3.81 -35.20
C CYS A 728 1.76 3.37 -36.12
N SER A 729 1.93 3.60 -37.42
CA SER A 729 0.94 3.25 -38.42
C SER A 729 1.64 3.17 -39.78
N ALA A 730 0.83 3.03 -40.83
CA ALA A 730 1.30 2.99 -42.20
C ALA A 730 2.31 1.87 -42.42
N ALA A 731 1.91 0.62 -42.18
CA ALA A 731 2.77 -0.53 -42.39
C ALA A 731 2.04 -1.55 -43.25
N GLY A 732 2.83 -2.33 -44.00
CA GLY A 732 2.30 -3.39 -44.83
C GLY A 732 3.00 -4.72 -44.60
N GLY A 733 3.45 -5.33 -45.69
CA GLY A 733 4.13 -6.62 -45.64
C GLY A 733 5.61 -6.49 -45.33
N PHE A 734 6.32 -7.60 -45.53
CA PHE A 734 7.72 -7.71 -45.15
C PHE A 734 8.54 -8.29 -46.29
N SER A 735 9.81 -7.89 -46.34
CA SER A 735 10.73 -8.38 -47.37
C SER A 735 11.12 -9.84 -47.09
N THR A 736 11.50 -10.54 -48.16
CA THR A 736 11.91 -11.92 -48.05
C THR A 736 13.15 -12.22 -48.91
N SER A 737 13.57 -11.30 -49.77
CA SER A 737 14.62 -11.59 -50.74
C SER A 737 16.02 -11.37 -50.15
N ASP A 738 17.04 -11.80 -50.88
CA ASP A 738 18.43 -11.73 -50.44
C ASP A 738 19.14 -10.56 -51.10
N TYR A 739 20.15 -10.03 -50.40
CA TYR A 739 20.88 -8.87 -50.89
C TYR A 739 22.37 -9.08 -50.63
N ASP A 740 23.19 -8.57 -51.55
CA ASP A 740 24.64 -8.70 -51.45
C ASP A 740 25.19 -7.63 -50.50
N VAL A 741 26.52 -7.51 -50.50
CA VAL A 741 27.18 -6.48 -49.71
C VAL A 741 26.66 -5.11 -50.12
N GLY A 742 26.31 -4.30 -49.12
CA GLY A 742 25.61 -3.06 -49.39
C GLY A 742 24.12 -3.31 -49.38
N TRP A 743 23.53 -3.49 -50.54
CA TRP A 743 22.11 -3.81 -50.64
C TRP A 743 21.90 -4.67 -51.88
N GLU A 744 20.65 -4.74 -52.36
CA GLU A 744 20.23 -5.66 -53.41
C GLU A 744 21.18 -5.63 -54.60
N SER A 745 21.88 -6.74 -54.85
CA SER A 745 22.82 -6.85 -55.97
C SER A 745 23.23 -8.30 -56.24
N PRO A 746 22.31 -9.15 -56.71
CA PRO A 746 22.67 -10.56 -56.92
C PRO A 746 23.57 -10.76 -58.14
N HIS A 747 24.85 -11.07 -57.91
CA HIS A 747 25.79 -11.30 -59.01
C HIS A 747 25.97 -12.79 -59.31
N ASN A 748 26.53 -13.55 -58.37
CA ASN A 748 26.84 -14.95 -58.62
C ASN A 748 25.75 -15.89 -58.11
N GLY A 749 25.52 -15.88 -56.80
CA GLY A 749 24.52 -16.75 -56.20
C GLY A 749 23.50 -16.03 -55.37
N SER A 750 23.49 -16.31 -54.07
CA SER A 750 22.56 -15.69 -53.14
C SER A 750 23.19 -14.46 -52.49
N GLY A 751 22.35 -13.67 -51.83
CA GLY A 751 22.80 -12.47 -51.17
C GLY A 751 23.79 -12.73 -50.05
N THR A 752 24.79 -11.86 -49.90
CA THR A 752 25.75 -11.96 -48.82
C THR A 752 25.06 -11.75 -47.48
N TRP A 753 23.92 -11.06 -47.51
CA TRP A 753 23.06 -10.89 -46.33
C TRP A 753 21.80 -11.70 -46.62
N ALA A 754 21.86 -13.00 -46.32
CA ALA A 754 20.79 -13.92 -46.65
C ALA A 754 19.59 -13.71 -45.74
N TYR A 755 18.45 -14.29 -46.12
CA TYR A 755 17.21 -14.11 -45.38
C TYR A 755 17.23 -14.83 -44.04
N SER A 756 17.83 -16.03 -43.98
CA SER A 756 17.87 -16.84 -42.76
C SER A 756 16.45 -17.13 -42.25
N ALA A 757 15.75 -17.95 -43.04
CA ALA A 757 14.35 -18.32 -42.86
C ALA A 757 14.01 -18.61 -41.40
N PRO A 758 12.83 -18.21 -40.94
CA PRO A 758 12.48 -18.37 -39.52
C PRO A 758 12.44 -19.83 -39.11
N ASP A 759 12.81 -20.08 -37.86
CA ASP A 759 12.77 -21.42 -37.32
C ASP A 759 11.33 -21.88 -37.10
N LEU A 760 11.14 -23.20 -37.11
CA LEU A 760 9.82 -23.78 -36.95
C LEU A 760 9.23 -23.45 -35.58
N LEU A 761 10.05 -23.55 -34.53
CA LEU A 761 9.61 -23.33 -33.16
C LEU A 761 10.36 -22.14 -32.56
N GLY A 762 9.62 -21.22 -31.97
CA GLY A 762 10.19 -20.06 -31.30
C GLY A 762 10.11 -18.80 -32.13
N ALA A 763 9.09 -17.99 -31.87
CA ALA A 763 8.83 -16.77 -32.63
C ALA A 763 7.75 -15.99 -31.90
N TRP A 764 7.18 -14.99 -32.58
CA TRP A 764 6.08 -14.18 -32.07
C TRP A 764 6.48 -13.43 -30.79
N SER A 765 7.45 -12.53 -30.95
CA SER A 765 7.84 -11.65 -29.85
C SER A 765 6.67 -10.77 -29.39
N TRP A 766 5.76 -10.44 -30.30
CA TRP A 766 4.53 -9.70 -30.00
C TRP A 766 4.86 -8.33 -29.39
N GLY A 767 5.46 -7.49 -30.23
CA GLY A 767 5.86 -6.16 -29.83
C GLY A 767 4.70 -5.21 -29.61
N SER A 768 4.98 -3.90 -29.65
CA SER A 768 3.97 -2.89 -29.36
C SER A 768 2.94 -2.77 -30.46
N CYS A 769 3.37 -2.45 -31.67
CA CYS A 769 2.47 -2.22 -32.80
C CYS A 769 2.79 -3.17 -33.94
N ALA A 770 3.36 -4.33 -33.62
CA ALA A 770 3.68 -5.33 -34.62
C ALA A 770 3.92 -6.66 -33.90
N VAL A 771 3.80 -7.74 -34.66
CA VAL A 771 4.09 -9.08 -34.18
C VAL A 771 5.06 -9.72 -35.17
N TYR A 772 6.26 -10.04 -34.72
CA TYR A 772 7.32 -10.50 -35.58
C TYR A 772 7.47 -12.03 -35.47
N ASP A 773 8.51 -12.55 -36.10
CA ASP A 773 8.84 -13.97 -36.03
C ASP A 773 10.36 -14.09 -35.89
N SER A 774 10.87 -15.30 -36.08
CA SER A 774 12.29 -15.57 -35.89
C SER A 774 13.12 -15.36 -37.15
N GLY A 775 12.50 -14.93 -38.25
CA GLY A 775 13.20 -14.69 -39.49
C GLY A 775 13.81 -13.29 -39.54
N GLY A 776 14.78 -13.14 -40.43
CA GLY A 776 15.45 -11.87 -40.60
C GLY A 776 16.92 -12.00 -40.95
N TYR A 777 17.51 -10.93 -41.47
CA TYR A 777 18.90 -10.95 -41.88
C TYR A 777 19.80 -10.82 -40.66
N VAL A 778 20.44 -11.92 -40.27
CA VAL A 778 21.15 -12.01 -39.01
C VAL A 778 22.59 -11.55 -39.19
N GLN A 779 23.22 -11.17 -38.08
CA GLN A 779 24.64 -10.84 -38.05
C GLN A 779 25.25 -11.52 -36.83
N GLU A 780 26.37 -12.20 -37.03
CA GLU A 780 26.98 -13.00 -35.97
C GLU A 780 27.78 -12.19 -34.96
N LEU A 781 28.12 -10.94 -35.29
CA LEU A 781 28.86 -10.03 -34.41
C LEU A 781 30.23 -10.57 -33.99
N GLY A 782 30.71 -11.62 -34.64
CA GLY A 782 32.02 -12.16 -34.32
C GLY A 782 32.04 -12.88 -32.98
N LEU A 783 33.27 -13.17 -32.53
CA LEU A 783 33.50 -13.84 -31.26
C LEU A 783 34.32 -13.00 -30.30
N SER A 784 35.43 -12.43 -30.76
CA SER A 784 36.29 -11.61 -29.92
C SER A 784 35.93 -10.13 -30.07
N LEU A 785 36.50 -9.31 -29.19
CA LEU A 785 36.18 -7.89 -29.17
C LEU A 785 36.70 -7.18 -30.42
N GLU A 786 37.90 -7.54 -30.87
CA GLU A 786 38.53 -6.81 -31.96
C GLU A 786 37.73 -6.93 -33.26
N GLU A 787 37.28 -8.14 -33.59
CA GLU A 787 36.52 -8.32 -34.82
C GLU A 787 35.12 -7.74 -34.71
N SER A 788 34.57 -7.72 -33.49
CA SER A 788 33.23 -7.17 -33.28
C SER A 788 33.18 -5.69 -33.61
N ARG A 789 34.21 -4.95 -33.22
CA ARG A 789 34.26 -3.52 -33.54
C ARG A 789 34.35 -3.31 -35.06
N ASP A 790 35.15 -4.13 -35.74
CA ASP A 790 35.23 -4.04 -37.19
C ASP A 790 33.89 -4.33 -37.84
N ARG A 791 33.18 -5.35 -37.34
CA ARG A 791 31.87 -5.67 -37.90
C ARG A 791 30.87 -4.53 -37.66
N LEU A 792 30.90 -3.93 -36.46
CA LEU A 792 29.94 -2.88 -36.17
C LEU A 792 30.21 -1.63 -37.02
N ARG A 793 31.50 -1.28 -37.21
CA ARG A 793 31.80 -0.15 -38.08
C ARG A 793 31.47 -0.46 -39.53
N PHE A 794 31.66 -1.72 -39.95
CA PHE A 794 31.27 -2.14 -41.28
C PHE A 794 29.78 -1.92 -41.51
N LEU A 795 28.96 -2.42 -40.58
CA LEU A 795 27.52 -2.25 -40.69
C LEU A 795 27.12 -0.78 -40.62
N GLN A 796 27.79 -0.01 -39.77
CA GLN A 796 27.50 1.41 -39.65
C GLN A 796 27.74 2.13 -40.97
N LEU A 797 28.99 2.18 -41.42
CA LEU A 797 29.31 2.87 -42.67
C LEU A 797 29.31 1.91 -43.87
N HIS A 798 28.28 1.05 -43.95
CA HIS A 798 28.04 0.33 -45.19
C HIS A 798 26.55 0.16 -45.47
N ASN A 799 25.71 1.09 -44.99
CA ASN A 799 24.29 1.13 -45.31
C ASN A 799 23.58 -0.16 -44.91
N TRP A 800 23.54 -0.42 -43.61
CA TRP A 800 22.88 -1.61 -43.08
C TRP A 800 21.51 -1.25 -42.51
N LEU A 801 21.47 -0.28 -41.60
CA LEU A 801 20.23 0.10 -40.94
C LEU A 801 19.72 1.44 -41.47
N ASP A 802 20.44 2.00 -42.45
CA ASP A 802 20.17 3.38 -42.86
C ASP A 802 18.80 3.54 -43.51
N ASN A 803 18.46 2.68 -44.47
CA ASN A 803 17.32 2.95 -45.32
C ASN A 803 16.00 2.42 -44.79
N ARG A 804 15.93 1.13 -44.44
CA ARG A 804 14.65 0.50 -44.19
C ARG A 804 14.26 0.54 -42.72
N SER A 805 15.08 -0.09 -41.87
CA SER A 805 14.99 0.08 -40.42
C SER A 805 13.60 -0.27 -39.88
N ARG A 806 13.25 -1.55 -39.94
CA ARG A 806 12.04 -2.00 -39.25
C ARG A 806 12.32 -2.32 -37.78
N ALA A 807 13.29 -3.19 -37.52
CA ALA A 807 13.63 -3.61 -36.17
C ALA A 807 15.09 -4.06 -36.16
N VAL A 808 15.64 -4.19 -34.95
CA VAL A 808 17.05 -4.53 -34.76
C VAL A 808 17.22 -5.89 -34.10
N PHE A 809 16.38 -6.20 -33.10
CA PHE A 809 16.31 -7.51 -32.46
C PHE A 809 17.69 -7.98 -32.00
N LEU A 810 18.21 -7.30 -30.98
CA LEU A 810 19.48 -7.70 -30.38
C LEU A 810 19.19 -8.59 -29.19
N GLU A 811 19.85 -9.75 -29.17
CA GLU A 811 19.61 -10.78 -28.17
C GLU A 811 20.91 -11.57 -28.06
N LEU A 812 21.35 -11.88 -26.83
CA LEU A 812 22.40 -12.88 -26.79
C LEU A 812 22.11 -14.12 -25.93
N THR A 813 22.25 -14.01 -24.61
CA THR A 813 21.98 -15.05 -23.62
C THR A 813 22.53 -14.59 -22.27
N ARG A 814 22.26 -15.34 -21.19
CA ARG A 814 22.99 -15.21 -19.93
C ARG A 814 22.97 -16.50 -19.14
N TYR A 815 24.12 -16.90 -18.58
CA TYR A 815 24.21 -18.04 -17.68
C TYR A 815 24.74 -17.62 -16.32
N SER A 816 24.37 -18.38 -15.29
CA SER A 816 24.80 -18.10 -13.92
C SER A 816 24.96 -19.42 -13.18
N PRO A 817 26.16 -20.02 -13.22
CA PRO A 817 26.35 -21.33 -12.61
C PRO A 817 26.19 -21.35 -11.10
N ALA A 818 26.36 -20.23 -10.41
CA ALA A 818 26.23 -20.21 -8.96
C ALA A 818 24.81 -20.55 -8.53
N VAL A 819 23.81 -20.00 -9.22
CA VAL A 819 22.42 -20.30 -8.92
C VAL A 819 21.82 -21.33 -9.86
N GLY A 820 22.51 -21.69 -10.94
CA GLY A 820 22.02 -22.70 -11.85
C GLY A 820 20.95 -22.25 -12.82
N LEU A 821 20.86 -20.96 -13.11
CA LEU A 821 19.82 -20.42 -13.98
C LEU A 821 20.42 -19.80 -15.22
N HIS A 822 19.67 -19.89 -16.32
CA HIS A 822 19.95 -19.16 -17.53
C HIS A 822 19.04 -17.93 -17.58
N ALA A 823 19.39 -17.00 -18.45
CA ALA A 823 18.57 -15.81 -18.66
C ALA A 823 18.55 -15.48 -20.15
N ALA A 824 17.35 -15.21 -20.66
CA ALA A 824 17.17 -14.81 -22.05
C ALA A 824 16.94 -13.30 -22.10
N VAL A 825 17.94 -12.58 -22.60
CA VAL A 825 17.91 -11.12 -22.67
C VAL A 825 17.62 -10.71 -24.10
N THR A 826 16.65 -9.82 -24.28
CA THR A 826 16.26 -9.39 -25.62
C THR A 826 16.22 -7.88 -25.68
N LEU A 827 16.87 -7.32 -26.69
CA LEU A 827 16.82 -5.89 -27.00
C LEU A 827 16.17 -5.71 -28.36
N ARG A 828 15.09 -4.94 -28.41
CA ARG A 828 14.36 -4.72 -29.65
C ARG A 828 13.96 -3.26 -29.77
N LEU A 829 14.20 -2.68 -30.94
CA LEU A 829 13.70 -1.34 -31.28
C LEU A 829 12.68 -1.46 -32.38
N GLU A 830 11.54 -0.80 -32.20
CA GLU A 830 10.56 -0.65 -33.26
C GLU A 830 10.69 0.75 -33.86
N PHE A 831 10.65 0.82 -35.18
CA PHE A 831 10.74 2.09 -35.89
C PHE A 831 9.40 2.43 -36.52
N PRO A 832 8.56 3.23 -35.87
CA PRO A 832 7.30 3.62 -36.53
C PRO A 832 7.52 4.51 -37.74
N ALA A 833 8.33 5.55 -37.60
CA ALA A 833 8.68 6.43 -38.70
C ALA A 833 10.17 6.71 -38.65
N ALA A 834 10.74 7.06 -39.82
CA ALA A 834 12.15 7.38 -39.90
C ALA A 834 12.48 8.55 -38.99
N GLY A 835 13.56 8.41 -38.22
CA GLY A 835 13.94 9.42 -37.26
C GLY A 835 13.23 9.33 -35.93
N ARG A 836 12.50 8.24 -35.68
CA ARG A 836 11.84 8.02 -34.39
C ARG A 836 12.08 6.57 -33.98
N ALA A 837 12.20 6.36 -32.67
CA ALA A 837 12.52 5.04 -32.14
C ALA A 837 11.99 4.90 -30.72
N LEU A 838 11.52 3.70 -30.40
CA LEU A 838 11.16 3.33 -29.04
C LEU A 838 11.75 1.96 -28.72
N ALA A 839 12.13 1.76 -27.46
CA ALA A 839 12.91 0.60 -27.05
C ALA A 839 12.11 -0.27 -26.10
N ALA A 840 12.39 -1.57 -26.13
CA ALA A 840 11.74 -2.54 -25.25
C ALA A 840 12.80 -3.42 -24.61
N LEU A 841 12.65 -3.67 -23.31
CA LEU A 841 13.56 -4.51 -22.55
C LEU A 841 12.80 -5.62 -21.85
N SER A 842 13.24 -6.86 -22.05
CA SER A 842 12.70 -8.01 -21.35
C SER A 842 13.83 -8.96 -20.99
N VAL A 843 13.83 -9.41 -19.74
CA VAL A 843 14.82 -10.37 -19.26
C VAL A 843 14.07 -11.52 -18.61
N ARG A 844 14.17 -12.71 -19.20
CA ARG A 844 13.44 -13.88 -18.73
C ARG A 844 14.41 -14.91 -18.20
N PRO A 845 14.54 -15.07 -16.88
CA PRO A 845 15.39 -16.14 -16.34
C PRO A 845 14.63 -17.46 -16.24
N PHE A 846 15.36 -18.54 -16.48
CA PHE A 846 14.75 -19.86 -16.45
C PHE A 846 15.82 -20.90 -16.14
N ALA A 847 15.37 -22.08 -15.75
CA ALA A 847 16.25 -23.22 -15.51
C ALA A 847 16.15 -24.18 -16.68
N LEU A 848 17.30 -24.59 -17.21
CA LEU A 848 17.34 -25.43 -18.40
C LEU A 848 17.27 -26.90 -17.98
N ARG A 849 16.05 -27.34 -17.69
CA ARG A 849 15.79 -28.74 -17.37
C ARG A 849 15.33 -29.46 -18.63
N ARG A 850 15.95 -30.60 -18.92
CA ARG A 850 15.77 -31.28 -20.18
C ARG A 850 14.94 -32.55 -20.00
N LEU A 851 14.33 -32.98 -21.11
CA LEU A 851 13.59 -34.24 -21.12
C LEU A 851 14.52 -35.44 -21.06
N SER A 852 15.69 -35.34 -21.70
CA SER A 852 16.66 -36.43 -21.73
C SER A 852 17.42 -36.57 -20.42
N ALA A 853 17.25 -35.62 -19.48
CA ALA A 853 17.96 -35.69 -18.21
C ALA A 853 17.55 -36.91 -17.38
N GLY A 854 16.42 -37.54 -17.70
CA GLY A 854 16.00 -38.72 -16.98
C GLY A 854 14.59 -38.64 -16.46
N LEU A 855 14.44 -38.62 -15.13
CA LEU A 855 13.13 -38.71 -14.50
C LEU A 855 12.96 -37.54 -13.55
N SER A 856 13.21 -36.33 -14.06
CA SER A 856 13.09 -35.12 -13.25
C SER A 856 11.65 -34.98 -12.72
N LEU A 857 11.54 -34.27 -11.61
CA LEU A 857 10.28 -34.01 -10.92
C LEU A 857 9.21 -33.41 -11.84
N PRO A 858 9.55 -32.46 -12.73
CA PRO A 858 8.51 -31.97 -13.66
C PRO A 858 7.87 -33.07 -14.49
N LEU A 859 8.64 -34.05 -14.94
CA LEU A 859 8.07 -35.12 -15.75
C LEU A 859 7.08 -35.96 -14.95
N LEU A 860 7.46 -36.34 -13.72
CA LEU A 860 6.57 -37.13 -12.87
C LEU A 860 5.30 -36.36 -12.55
N THR A 861 5.45 -35.10 -12.13
CA THR A 861 4.27 -34.30 -11.83
C THR A 861 3.39 -34.12 -13.05
N SER A 862 3.98 -33.96 -14.23
CA SER A 862 3.20 -33.75 -15.43
C SER A 862 2.43 -35.01 -15.82
N VAL A 863 3.05 -36.19 -15.73
CA VAL A 863 2.33 -37.40 -16.08
C VAL A 863 1.23 -37.68 -15.06
N CYS A 864 1.47 -37.39 -13.78
CA CYS A 864 0.40 -37.52 -12.80
C CYS A 864 -0.74 -36.55 -13.09
N LEU A 865 -0.42 -35.32 -13.48
CA LEU A 865 -1.46 -34.35 -13.82
C LEU A 865 -2.26 -34.79 -15.04
N LEU A 866 -1.59 -35.37 -16.03
CA LEU A 866 -2.30 -35.88 -17.20
C LEU A 866 -3.23 -37.03 -16.83
N LEU A 867 -2.76 -37.92 -15.95
CA LEU A 867 -3.63 -39.00 -15.47
C LEU A 867 -4.85 -38.44 -14.74
N PHE A 868 -4.64 -37.44 -13.90
CA PHE A 868 -5.77 -36.81 -13.22
C PHE A 868 -6.73 -36.17 -14.23
N ALA A 869 -6.17 -35.52 -15.25
CA ALA A 869 -7.01 -34.88 -16.26
C ALA A 869 -7.88 -35.88 -16.99
N VAL A 870 -7.30 -37.00 -17.43
CA VAL A 870 -8.09 -37.99 -18.15
C VAL A 870 -9.10 -38.64 -17.22
N HIS A 871 -8.72 -38.84 -15.94
CA HIS A 871 -9.65 -39.39 -14.96
C HIS A 871 -10.88 -38.51 -14.80
N PHE A 872 -10.67 -37.21 -14.57
CA PHE A 872 -11.79 -36.29 -14.44
C PHE A 872 -12.60 -36.21 -15.74
N ALA A 873 -11.91 -36.24 -16.88
CA ALA A 873 -12.61 -36.16 -18.16
C ALA A 873 -13.56 -37.33 -18.34
N VAL A 874 -13.11 -38.55 -18.08
CA VAL A 874 -14.00 -39.69 -18.28
C VAL A 874 -15.10 -39.70 -17.23
N ALA A 875 -14.75 -39.39 -15.97
CA ALA A 875 -15.74 -39.41 -14.90
C ALA A 875 -16.84 -38.37 -15.11
N GLU A 876 -16.54 -37.25 -15.76
CA GLU A 876 -17.56 -36.23 -15.99
C GLU A 876 -18.30 -36.48 -17.31
N ALA A 877 -17.59 -36.97 -18.34
CA ALA A 877 -18.26 -37.28 -19.59
C ALA A 877 -19.23 -38.44 -19.45
N ARG A 878 -18.99 -39.32 -18.47
CA ARG A 878 -19.92 -40.41 -18.21
C ARG A 878 -21.30 -39.88 -17.85
N THR A 879 -21.34 -38.86 -16.99
CA THR A 879 -22.62 -38.22 -16.66
C THR A 879 -23.10 -37.29 -17.76
N TRP A 880 -22.19 -36.62 -18.46
CA TRP A 880 -22.59 -35.68 -19.50
C TRP A 880 -23.32 -36.40 -20.64
N HIS A 881 -22.81 -37.56 -21.05
CA HIS A 881 -23.46 -38.31 -22.11
C HIS A 881 -24.79 -38.92 -21.68
N ARG A 882 -24.93 -39.25 -20.39
CA ARG A 882 -26.21 -39.76 -19.90
C ARG A 882 -27.30 -38.71 -20.00
N GLU A 883 -26.98 -37.46 -19.67
CA GLU A 883 -27.93 -36.36 -19.80
C GLU A 883 -28.15 -35.93 -21.24
N GLY A 884 -27.14 -36.10 -22.11
CA GLY A 884 -27.26 -35.74 -23.50
C GLY A 884 -27.15 -34.24 -23.74
N ARG A 885 -28.25 -33.62 -24.15
CA ARG A 885 -28.30 -32.19 -24.42
C ARG A 885 -29.00 -31.47 -23.27
N TRP A 886 -29.16 -30.15 -23.44
CA TRP A 886 -29.88 -29.31 -22.49
C TRP A 886 -29.24 -29.34 -21.10
N ARG A 887 -27.93 -29.55 -21.02
CA ARG A 887 -27.21 -29.53 -19.75
C ARG A 887 -26.58 -28.14 -19.59
N VAL A 888 -27.44 -27.18 -19.25
CA VAL A 888 -27.04 -25.78 -19.12
C VAL A 888 -27.63 -25.21 -17.84
N LEU A 889 -27.43 -23.90 -17.63
CA LEU A 889 -27.99 -23.09 -16.55
C LEU A 889 -27.30 -23.35 -15.21
N ARG A 890 -26.19 -24.09 -15.18
CA ARG A 890 -25.42 -24.30 -13.96
C ARG A 890 -23.95 -24.22 -14.28
N LEU A 891 -23.15 -23.92 -13.26
CA LEU A 891 -21.70 -23.90 -13.43
C LEU A 891 -21.16 -25.30 -13.70
N GLY A 892 -21.32 -26.21 -12.73
CA GLY A 892 -21.35 -27.64 -12.98
C GLY A 892 -20.38 -28.20 -13.99
N ALA A 893 -20.96 -28.72 -15.09
CA ALA A 893 -20.16 -29.31 -16.15
C ALA A 893 -19.19 -28.30 -16.76
N TRP A 894 -19.60 -27.03 -16.88
CA TRP A 894 -18.69 -26.02 -17.41
C TRP A 894 -17.48 -25.82 -16.50
N ALA A 895 -17.70 -25.79 -15.19
CA ALA A 895 -16.61 -25.73 -14.23
C ALA A 895 -15.70 -26.95 -14.33
N ARG A 896 -16.28 -28.12 -14.51
CA ARG A 896 -15.47 -29.32 -14.72
C ARG A 896 -14.64 -29.23 -16.00
N TRP A 897 -15.23 -28.69 -17.07
CA TRP A 897 -14.45 -28.49 -18.30
C TRP A 897 -13.31 -27.52 -18.07
N LEU A 898 -13.56 -26.44 -17.32
CA LEU A 898 -12.49 -25.51 -16.99
C LEU A 898 -11.37 -26.20 -16.22
N LEU A 899 -11.74 -27.02 -15.23
CA LEU A 899 -10.73 -27.70 -14.43
C LEU A 899 -9.90 -28.66 -15.28
N VAL A 900 -10.55 -29.44 -16.15
CA VAL A 900 -9.80 -30.40 -16.96
C VAL A 900 -8.95 -29.67 -17.98
N ALA A 901 -9.44 -28.56 -18.53
CA ALA A 901 -8.63 -27.77 -19.46
C ALA A 901 -7.38 -27.23 -18.78
N LEU A 902 -7.51 -26.70 -17.57
CA LEU A 902 -6.34 -26.19 -16.86
C LEU A 902 -5.36 -27.31 -16.54
N THR A 903 -5.85 -28.42 -15.99
CA THR A 903 -4.95 -29.50 -15.59
C THR A 903 -4.40 -30.28 -16.77
N ALA A 904 -4.94 -30.08 -17.97
CA ALA A 904 -4.31 -30.64 -19.16
C ALA A 904 -3.30 -29.68 -19.78
N ALA A 905 -3.64 -28.39 -19.84
CA ALA A 905 -2.70 -27.41 -20.37
C ALA A 905 -1.45 -27.33 -19.52
N THR A 906 -1.58 -27.49 -18.20
CA THR A 906 -0.40 -27.47 -17.33
C THR A 906 0.59 -28.55 -17.72
N ALA A 907 0.11 -29.75 -18.00
CA ALA A 907 1.00 -30.83 -18.39
C ALA A 907 1.52 -30.67 -19.81
N LEU A 908 0.66 -30.28 -20.76
CA LEU A 908 1.11 -30.15 -22.14
C LEU A 908 2.18 -29.05 -22.28
N VAL A 909 1.99 -27.90 -21.61
CA VAL A 909 3.00 -26.85 -21.72
C VAL A 909 4.30 -27.28 -21.06
N ARG A 910 4.23 -28.03 -19.96
CA ARG A 910 5.45 -28.50 -19.32
C ARG A 910 6.22 -29.48 -20.21
N LEU A 911 5.50 -30.43 -20.83
CA LEU A 911 6.18 -31.34 -21.76
C LEU A 911 6.75 -30.59 -22.95
N ALA A 912 6.03 -29.60 -23.48
CA ALA A 912 6.56 -28.82 -24.59
C ALA A 912 7.82 -28.08 -24.18
N GLN A 913 7.83 -27.52 -22.97
CA GLN A 913 9.00 -26.81 -22.47
C GLN A 913 10.19 -27.76 -22.33
N LEU A 914 9.96 -28.96 -21.79
CA LEU A 914 11.06 -29.91 -21.63
C LEU A 914 11.61 -30.33 -23.00
N GLY A 915 10.73 -30.63 -23.94
CA GLY A 915 11.17 -31.04 -25.27
C GLY A 915 11.94 -29.94 -25.98
N ALA A 916 11.42 -28.71 -25.91
CA ALA A 916 12.11 -27.57 -26.53
C ALA A 916 13.47 -27.35 -25.90
N ALA A 917 13.55 -27.43 -24.56
CA ALA A 917 14.84 -27.26 -23.90
C ALA A 917 15.83 -28.31 -24.35
N ASP A 918 15.40 -29.57 -24.43
CA ASP A 918 16.30 -30.63 -24.87
C ASP A 918 16.78 -30.40 -26.31
N ARG A 919 15.84 -30.07 -27.20
CA ARG A 919 16.20 -29.88 -28.61
C ARG A 919 17.16 -28.72 -28.78
N GLN A 920 16.89 -27.60 -28.10
CA GLN A 920 17.74 -26.44 -28.24
C GLN A 920 19.11 -26.67 -27.60
N TRP A 921 19.18 -27.38 -26.47
CA TRP A 921 20.47 -27.68 -25.89
C TRP A 921 21.30 -28.56 -26.82
N THR A 922 20.69 -29.57 -27.42
CA THR A 922 21.42 -30.39 -28.39
C THR A 922 21.89 -29.55 -29.57
N ARG A 923 21.03 -28.66 -30.08
CA ARG A 923 21.42 -27.80 -31.18
C ARG A 923 22.60 -26.90 -30.82
N PHE A 924 22.60 -26.36 -29.60
CA PHE A 924 23.72 -25.53 -29.17
C PHE A 924 24.99 -26.35 -29.04
N VAL A 925 24.89 -27.56 -28.47
CA VAL A 925 26.05 -28.41 -28.32
C VAL A 925 26.62 -28.82 -29.67
N ARG A 926 25.79 -28.86 -30.71
CA ARG A 926 26.28 -29.11 -32.06
C ARG A 926 27.43 -28.17 -32.42
N GLY A 927 27.16 -26.87 -32.43
CA GLY A 927 28.21 -25.87 -32.59
C GLY A 927 28.06 -24.71 -31.64
N ARG A 928 29.05 -24.50 -30.77
CA ARG A 928 28.90 -23.46 -29.75
C ARG A 928 29.11 -22.07 -30.36
N PRO A 929 30.29 -21.74 -30.93
CA PRO A 929 30.47 -20.39 -31.47
C PRO A 929 30.00 -20.28 -32.91
N ARG A 930 28.85 -20.84 -33.21
CA ARG A 930 28.40 -20.89 -34.60
C ARG A 930 26.99 -20.36 -34.79
N ARG A 931 26.13 -20.47 -33.78
CA ARG A 931 24.74 -20.07 -33.91
C ARG A 931 24.27 -19.36 -32.63
N PHE A 932 22.96 -19.20 -32.52
CA PHE A 932 22.30 -18.51 -31.43
C PHE A 932 21.49 -19.42 -30.52
N THR A 933 20.72 -20.34 -31.09
CA THR A 933 19.98 -21.38 -30.38
C THR A 933 18.74 -20.85 -29.67
N SER A 934 18.63 -19.53 -29.52
CA SER A 934 17.35 -18.87 -29.21
C SER A 934 16.55 -19.49 -28.08
N PHE A 935 17.02 -19.37 -26.83
CA PHE A 935 16.33 -19.99 -25.71
C PHE A 935 15.08 -19.24 -25.28
N ASP A 936 14.68 -18.23 -26.06
CA ASP A 936 13.49 -17.45 -25.71
C ASP A 936 12.23 -18.30 -25.73
N GLN A 937 12.15 -19.26 -26.64
CA GLN A 937 11.01 -20.17 -26.66
C GLN A 937 10.92 -20.95 -25.35
N VAL A 938 12.06 -21.45 -24.87
CA VAL A 938 12.09 -22.20 -23.62
C VAL A 938 11.68 -21.30 -22.47
N ALA A 939 12.17 -20.06 -22.44
CA ALA A 939 11.79 -19.14 -21.38
C ALA A 939 10.29 -18.85 -21.37
N GLN A 940 9.71 -18.61 -22.54
CA GLN A 940 8.27 -18.36 -22.62
C GLN A 940 7.44 -19.57 -22.22
N LEU A 941 7.86 -20.77 -22.63
CA LEU A 941 7.14 -21.97 -22.22
C LEU A 941 7.23 -22.19 -20.71
N SER A 942 8.40 -21.91 -20.12
CA SER A 942 8.53 -22.02 -18.67
C SER A 942 7.60 -21.04 -17.96
N SER A 943 7.53 -19.80 -18.44
CA SER A 943 6.65 -18.81 -17.82
C SER A 943 5.19 -19.23 -17.95
N ALA A 944 4.79 -19.74 -19.12
CA ALA A 944 3.41 -20.17 -19.31
C ALA A 944 3.06 -21.34 -18.41
N ALA A 945 3.96 -22.31 -18.27
CA ALA A 945 3.70 -23.44 -17.40
C ALA A 945 3.58 -22.99 -15.95
N ARG A 946 4.44 -22.07 -15.53
CA ARG A 946 4.35 -21.55 -14.16
C ARG A 946 3.02 -20.85 -13.92
N GLY A 947 2.57 -20.03 -14.88
CA GLY A 947 1.30 -19.36 -14.72
C GLY A 947 0.12 -20.33 -14.66
N LEU A 948 0.14 -21.35 -15.51
CA LEU A 948 -0.95 -22.33 -15.49
C LEU A 948 -0.97 -23.12 -14.18
N ALA A 949 0.20 -23.50 -13.68
CA ALA A 949 0.25 -24.20 -12.40
C ALA A 949 -0.24 -23.32 -11.26
N ALA A 950 0.12 -22.03 -11.28
CA ALA A 950 -0.37 -21.11 -10.25
C ALA A 950 -1.89 -20.98 -10.31
N SER A 951 -2.45 -20.91 -11.53
CA SER A 951 -3.90 -20.80 -11.66
C SER A 951 -4.60 -22.08 -11.16
N LEU A 952 -4.03 -23.24 -11.46
CA LEU A 952 -4.60 -24.49 -10.96
C LEU A 952 -4.58 -24.54 -9.45
N LEU A 953 -3.47 -24.14 -8.84
CA LEU A 953 -3.39 -24.12 -7.38
C LEU A 953 -4.37 -23.13 -6.78
N PHE A 954 -4.55 -21.97 -7.44
CA PHE A 954 -5.56 -21.02 -7.01
C PHE A 954 -6.94 -21.65 -6.99
N LEU A 955 -7.29 -22.34 -8.08
CA LEU A 955 -8.61 -22.95 -8.17
C LEU A 955 -8.80 -24.01 -7.08
N LEU A 956 -7.77 -24.83 -6.84
CA LEU A 956 -7.90 -25.84 -5.80
C LEU A 956 -7.99 -25.24 -4.41
N LEU A 957 -7.27 -24.15 -4.14
CA LEU A 957 -7.39 -23.50 -2.85
C LEU A 957 -8.78 -22.88 -2.66
N VAL A 958 -9.35 -22.31 -3.72
CA VAL A 958 -10.71 -21.80 -3.64
C VAL A 958 -11.69 -22.93 -3.35
N LYS A 959 -11.50 -24.09 -4.00
CA LYS A 959 -12.34 -25.24 -3.70
C LYS A 959 -12.18 -25.69 -2.25
N ALA A 960 -10.96 -25.67 -1.72
CA ALA A 960 -10.74 -26.02 -0.32
C ALA A 960 -11.49 -25.07 0.59
N ALA A 961 -11.45 -23.77 0.29
CA ALA A 961 -12.21 -22.80 1.08
C ALA A 961 -13.70 -23.07 1.00
N GLN A 962 -14.21 -23.39 -0.19
CA GLN A 962 -15.63 -23.66 -0.35
C GLN A 962 -16.06 -24.90 0.43
N GLN A 963 -15.24 -25.94 0.44
CA GLN A 963 -15.61 -27.21 1.08
C GLN A 963 -15.62 -27.13 2.60
N LEU A 964 -15.49 -25.94 3.18
CA LEU A 964 -15.53 -25.75 4.62
C LEU A 964 -16.94 -25.74 5.18
N ARG A 965 -17.96 -25.82 4.32
CA ARG A 965 -19.34 -25.68 4.75
C ARG A 965 -19.83 -26.82 5.63
N PHE A 966 -19.10 -27.93 5.72
CA PHE A 966 -19.58 -29.09 6.43
C PHE A 966 -19.66 -28.90 7.94
N VAL A 967 -19.08 -27.81 8.47
CA VAL A 967 -19.32 -27.42 9.86
C VAL A 967 -20.70 -26.81 9.90
N ARG A 968 -21.55 -27.29 10.83
CA ARG A 968 -22.96 -26.93 10.79
C ARG A 968 -23.19 -25.43 10.98
N GLN A 969 -22.45 -24.81 11.90
CA GLN A 969 -22.63 -23.40 12.18
C GLN A 969 -21.91 -22.50 11.18
N TRP A 970 -21.13 -23.06 10.25
CA TRP A 970 -20.40 -22.28 9.27
C TRP A 970 -20.93 -22.49 7.84
N SER A 971 -22.13 -23.02 7.69
CA SER A 971 -22.68 -23.28 6.37
C SER A 971 -23.45 -22.10 5.80
N VAL A 972 -23.56 -21.00 6.55
CA VAL A 972 -24.41 -19.88 6.14
C VAL A 972 -23.72 -18.97 5.13
N PHE A 973 -22.39 -18.91 5.11
CA PHE A 973 -21.70 -17.94 4.26
C PHE A 973 -21.87 -18.27 2.79
N GLY A 974 -21.64 -19.53 2.42
CA GLY A 974 -21.79 -19.91 1.03
C GLY A 974 -23.21 -19.79 0.54
N LYS A 975 -24.18 -20.22 1.36
CA LYS A 975 -25.58 -20.08 0.99
C LYS A 975 -25.95 -18.61 0.83
N THR A 976 -25.46 -17.75 1.73
CA THR A 976 -25.74 -16.34 1.64
C THR A 976 -25.24 -15.75 0.33
N LEU A 977 -23.99 -16.07 -0.03
CA LEU A 977 -23.44 -15.56 -1.28
C LEU A 977 -24.22 -16.08 -2.47
N CYS A 978 -24.54 -17.37 -2.48
CA CYS A 978 -25.23 -17.96 -3.62
C CYS A 978 -26.62 -17.35 -3.79
N ARG A 979 -27.35 -17.16 -2.68
CA ARG A 979 -28.68 -16.60 -2.77
C ARG A 979 -28.69 -15.11 -3.05
N ALA A 980 -27.65 -14.38 -2.64
CA ALA A 980 -27.59 -12.96 -2.92
C ALA A 980 -26.94 -12.64 -4.26
N LEU A 981 -26.46 -13.64 -4.98
CA LEU A 981 -25.85 -13.41 -6.29
C LEU A 981 -26.70 -12.58 -7.26
N PRO A 982 -28.01 -12.78 -7.42
CA PRO A 982 -28.75 -11.94 -8.38
C PRO A 982 -28.77 -10.46 -8.02
N GLU A 983 -29.00 -10.13 -6.75
CA GLU A 983 -28.99 -8.73 -6.35
C GLU A 983 -27.61 -8.11 -6.54
N LEU A 984 -26.55 -8.85 -6.20
CA LEU A 984 -25.19 -8.36 -6.41
C LEU A 984 -24.92 -8.17 -7.90
N LEU A 985 -25.47 -9.03 -8.74
CA LEU A 985 -25.30 -8.87 -10.19
C LEU A 985 -25.99 -7.60 -10.68
N GLY A 986 -27.20 -7.33 -10.19
CA GLY A 986 -27.88 -6.09 -10.57
C GLY A 986 -27.11 -4.85 -10.14
N VAL A 987 -26.64 -4.86 -8.89
CA VAL A 987 -25.84 -3.72 -8.41
C VAL A 987 -24.54 -3.61 -9.19
N THR A 988 -23.95 -4.74 -9.59
CA THR A 988 -22.74 -4.69 -10.40
C THR A 988 -23.02 -4.06 -11.77
N LEU A 989 -24.16 -4.38 -12.37
CA LEU A 989 -24.51 -3.74 -13.64
C LEU A 989 -24.67 -2.23 -13.47
N GLY A 990 -25.38 -1.81 -12.41
CA GLY A 990 -25.52 -0.39 -12.16
C GLY A 990 -24.20 0.30 -11.93
N LEU A 991 -23.31 -0.34 -11.16
CA LEU A 991 -21.99 0.22 -10.90
C LEU A 991 -21.14 0.29 -12.16
N VAL A 992 -21.26 -0.71 -13.05
CA VAL A 992 -20.53 -0.67 -14.31
C VAL A 992 -21.00 0.50 -15.17
N VAL A 993 -22.32 0.72 -15.24
CA VAL A 993 -22.83 1.86 -16.00
C VAL A 993 -22.30 3.16 -15.42
N LEU A 994 -22.38 3.31 -14.10
CA LEU A 994 -21.93 4.54 -13.46
C LEU A 994 -20.43 4.75 -13.64
N GLY A 995 -19.64 3.67 -13.56
CA GLY A 995 -18.21 3.79 -13.75
C GLY A 995 -17.83 4.15 -15.17
N VAL A 996 -18.56 3.61 -16.15
CA VAL A 996 -18.31 3.98 -17.54
C VAL A 996 -18.62 5.47 -17.74
N ALA A 997 -19.73 5.94 -17.19
CA ALA A 997 -20.06 7.35 -17.28
C ALA A 997 -18.98 8.21 -16.63
N TYR A 998 -18.52 7.81 -15.45
CA TYR A 998 -17.48 8.56 -14.76
C TYR A 998 -16.18 8.59 -15.57
N ALA A 999 -15.79 7.45 -16.13
CA ALA A 999 -14.55 7.39 -16.89
C ALA A 999 -14.62 8.28 -18.12
N GLN A 1000 -15.74 8.25 -18.84
CA GLN A 1000 -15.90 9.15 -19.97
C GLN A 1000 -15.84 10.61 -19.55
N LEU A 1001 -16.53 10.98 -18.46
CA LEU A 1001 -16.47 12.34 -17.97
C LEU A 1001 -15.04 12.76 -17.63
N ALA A 1002 -14.31 11.89 -16.94
CA ALA A 1002 -12.96 12.21 -16.51
C ALA A 1002 -12.03 12.39 -17.69
N ILE A 1003 -12.09 11.48 -18.68
CA ILE A 1003 -11.22 11.59 -19.84
C ILE A 1003 -11.55 12.86 -20.63
N LEU A 1004 -12.84 13.14 -20.83
CA LEU A 1004 -13.21 14.30 -21.61
C LEU A 1004 -12.83 15.60 -20.92
N LEU A 1005 -12.86 15.63 -19.59
CA LEU A 1005 -12.41 16.82 -18.87
C LEU A 1005 -10.89 16.95 -18.81
N VAL A 1006 -10.17 15.84 -18.75
CA VAL A 1006 -8.73 15.92 -18.56
C VAL A 1006 -7.97 16.12 -19.87
N SER A 1007 -8.53 15.68 -21.00
CA SER A 1007 -7.79 15.80 -22.26
C SER A 1007 -8.16 17.06 -23.04
N SER A 1008 -7.99 18.24 -22.43
CA SER A 1008 -8.31 19.46 -23.16
C SER A 1008 -7.30 20.60 -23.02
N CYS A 1009 -6.42 20.57 -22.01
CA CYS A 1009 -5.42 21.64 -21.84
C CYS A 1009 -4.47 21.24 -20.72
N VAL A 1010 -3.52 22.14 -20.44
CA VAL A 1010 -2.40 21.85 -19.53
C VAL A 1010 -2.54 22.73 -18.30
N ASP A 1011 -2.72 22.11 -17.14
CA ASP A 1011 -2.59 22.74 -15.83
C ASP A 1011 -3.71 23.74 -15.61
N SER A 1012 -4.51 24.00 -16.64
CA SER A 1012 -5.62 24.94 -16.53
C SER A 1012 -6.93 24.23 -16.83
N LEU A 1013 -7.04 22.98 -16.38
CA LEU A 1013 -8.18 22.13 -16.72
C LEU A 1013 -9.48 22.73 -16.22
N TRP A 1014 -9.62 22.80 -14.90
CA TRP A 1014 -10.77 23.42 -14.24
C TRP A 1014 -10.45 23.39 -12.75
N SER A 1015 -11.37 23.86 -11.92
CA SER A 1015 -11.17 23.93 -10.48
C SER A 1015 -12.06 22.98 -9.70
N VAL A 1016 -13.28 22.73 -10.16
CA VAL A 1016 -14.22 21.93 -9.39
C VAL A 1016 -13.97 20.44 -9.60
N ALA A 1017 -13.82 20.02 -10.86
CA ALA A 1017 -13.72 18.60 -11.16
C ALA A 1017 -12.47 17.98 -10.56
N GLN A 1018 -11.33 18.66 -10.66
CA GLN A 1018 -10.07 18.10 -10.19
C GLN A 1018 -10.00 17.99 -8.67
N ALA A 1019 -10.91 18.63 -7.94
CA ALA A 1019 -11.05 18.37 -6.52
C ALA A 1019 -11.82 17.09 -6.22
N LEU A 1020 -12.55 16.58 -7.20
CA LEU A 1020 -13.29 15.33 -7.06
C LEU A 1020 -12.83 14.26 -8.04
N LEU A 1021 -11.74 14.51 -8.77
CA LEU A 1021 -11.29 13.62 -9.84
C LEU A 1021 -10.38 12.56 -9.24
N VAL A 1022 -10.76 11.30 -9.40
CA VAL A 1022 -10.00 10.17 -8.87
C VAL A 1022 -9.32 9.45 -10.02
N LEU A 1023 -8.02 9.16 -9.83
CA LEU A 1023 -7.24 8.44 -10.82
C LEU A 1023 -6.70 7.16 -10.22
N CYS A 1024 -6.12 6.32 -11.08
CA CYS A 1024 -5.55 5.07 -10.63
C CYS A 1024 -4.35 5.36 -9.71
N PRO A 1025 -4.23 4.66 -8.58
CA PRO A 1025 -3.15 4.95 -7.64
C PRO A 1025 -1.78 4.74 -8.26
N GLY A 1026 -0.83 5.57 -7.84
CA GLY A 1026 0.54 5.53 -8.33
C GLY A 1026 0.82 6.55 -9.43
N THR A 1027 -0.22 7.07 -10.07
CA THR A 1027 -0.09 8.07 -11.12
C THR A 1027 -0.81 9.34 -10.67
N GLY A 1028 -0.10 10.46 -10.70
CA GLY A 1028 -0.67 11.73 -10.29
C GLY A 1028 -1.48 12.40 -11.38
N LEU A 1029 -1.85 13.66 -11.15
CA LEU A 1029 -2.65 14.42 -12.11
C LEU A 1029 -1.79 15.07 -13.20
N SER A 1030 -0.48 14.94 -13.14
CA SER A 1030 0.39 15.66 -14.07
C SER A 1030 0.47 14.93 -15.41
N THR A 1031 0.99 13.69 -15.39
CA THR A 1031 1.24 12.95 -16.63
C THR A 1031 0.04 12.04 -16.94
N LEU A 1032 -0.77 12.47 -17.90
CA LEU A 1032 -1.88 11.67 -18.39
C LEU A 1032 -1.86 11.62 -19.92
N CYS A 1033 -2.84 10.93 -20.51
CA CYS A 1033 -3.11 10.97 -21.94
C CYS A 1033 -1.90 10.55 -22.76
N PRO A 1034 -1.59 9.27 -22.83
CA PRO A 1034 -0.48 8.82 -23.69
C PRO A 1034 -0.79 8.87 -25.18
N ALA A 1035 0.01 9.63 -25.92
CA ALA A 1035 -0.24 9.99 -27.31
C ALA A 1035 -0.02 8.84 -28.29
N GLU A 1036 0.10 7.59 -27.86
CA GLU A 1036 0.27 6.49 -28.80
C GLU A 1036 -0.95 5.59 -28.79
N SER A 1037 -1.46 5.27 -27.60
CA SER A 1037 -2.62 4.40 -27.47
C SER A 1037 -3.32 4.72 -26.15
N TRP A 1038 -4.65 4.87 -26.21
CA TRP A 1038 -5.47 5.04 -25.01
C TRP A 1038 -5.75 3.66 -24.42
N HIS A 1039 -4.88 3.26 -23.50
CA HIS A 1039 -4.98 1.93 -22.91
C HIS A 1039 -6.27 1.78 -22.11
N LEU A 1040 -6.77 0.55 -22.05
CA LEU A 1040 -8.04 0.27 -21.40
C LEU A 1040 -7.88 -0.12 -19.93
N SER A 1041 -6.80 -0.81 -19.59
CA SER A 1041 -6.61 -1.24 -18.20
C SER A 1041 -6.46 -0.07 -17.23
N PRO A 1042 -5.69 0.99 -17.51
CA PRO A 1042 -5.70 2.13 -16.59
C PRO A 1042 -7.06 2.78 -16.45
N LEU A 1043 -7.84 2.84 -17.53
CA LEU A 1043 -9.19 3.39 -17.46
C LEU A 1043 -10.08 2.54 -16.55
N LEU A 1044 -9.95 1.21 -16.67
CA LEU A 1044 -10.70 0.32 -15.79
C LEU A 1044 -10.28 0.51 -14.34
N CYS A 1045 -8.97 0.67 -14.09
CA CYS A 1045 -8.52 0.95 -12.73
C CYS A 1045 -9.10 2.25 -12.20
N VAL A 1046 -9.13 3.29 -13.03
CA VAL A 1046 -9.68 4.57 -12.61
C VAL A 1046 -11.15 4.41 -12.25
N GLY A 1047 -11.90 3.73 -13.11
CA GLY A 1047 -13.32 3.52 -12.82
C GLY A 1047 -13.55 2.75 -11.54
N LEU A 1048 -12.81 1.65 -11.36
CA LEU A 1048 -12.97 0.83 -10.16
C LEU A 1048 -12.59 1.59 -8.89
N TRP A 1049 -11.49 2.33 -8.92
CA TRP A 1049 -11.07 3.05 -7.72
C TRP A 1049 -11.97 4.23 -7.42
N ALA A 1050 -12.49 4.91 -8.44
CA ALA A 1050 -13.48 5.96 -8.18
C ALA A 1050 -14.77 5.38 -7.62
N LEU A 1051 -15.15 4.19 -8.09
CA LEU A 1051 -16.30 3.50 -7.50
C LEU A 1051 -16.04 3.19 -6.03
N ARG A 1052 -14.83 2.71 -5.71
CA ARG A 1052 -14.53 2.38 -4.31
C ARG A 1052 -14.53 3.61 -3.43
N LEU A 1053 -13.83 4.67 -3.85
CA LEU A 1053 -13.60 5.82 -2.99
C LEU A 1053 -14.86 6.62 -2.70
N TRP A 1054 -15.82 6.64 -3.62
CA TRP A 1054 -17.08 7.35 -3.45
C TRP A 1054 -18.12 6.51 -2.70
N GLY A 1055 -17.67 5.53 -1.92
CA GLY A 1055 -18.57 4.56 -1.36
C GLY A 1055 -18.89 3.51 -2.40
N ALA A 1056 -20.17 3.31 -2.71
CA ALA A 1056 -20.62 2.65 -3.93
C ALA A 1056 -20.23 1.18 -4.00
N LEU A 1057 -19.43 0.71 -3.05
CA LEU A 1057 -19.13 -0.71 -2.92
C LEU A 1057 -19.66 -1.26 -1.61
N ARG A 1058 -20.33 -0.44 -0.81
CA ARG A 1058 -20.94 -0.85 0.44
C ARG A 1058 -22.42 -1.11 0.30
N LEU A 1059 -22.97 -1.04 -0.92
CA LEU A 1059 -24.32 -1.52 -1.14
C LEU A 1059 -24.37 -3.04 -1.12
N GLY A 1060 -23.25 -3.69 -1.41
CA GLY A 1060 -23.14 -5.11 -1.16
C GLY A 1060 -23.37 -5.44 0.29
N ALA A 1061 -22.94 -4.57 1.20
CA ALA A 1061 -23.25 -4.75 2.62
C ALA A 1061 -24.75 -4.68 2.86
N VAL A 1062 -25.43 -3.74 2.19
CA VAL A 1062 -26.87 -3.60 2.34
C VAL A 1062 -27.58 -4.89 1.94
N ILE A 1063 -27.17 -5.48 0.82
CA ILE A 1063 -27.81 -6.70 0.34
C ILE A 1063 -27.45 -7.90 1.21
N LEU A 1064 -26.17 -8.04 1.53
CA LEU A 1064 -25.69 -9.22 2.23
C LEU A 1064 -26.20 -9.26 3.66
N ARG A 1065 -26.35 -8.10 4.30
CA ARG A 1065 -26.91 -8.09 5.65
C ARG A 1065 -28.33 -8.65 5.65
N TRP A 1066 -29.16 -8.20 4.71
CA TRP A 1066 -30.53 -8.71 4.66
C TRP A 1066 -30.55 -10.20 4.37
N ARG A 1067 -29.73 -10.64 3.41
CA ARG A 1067 -29.73 -12.07 3.07
C ARG A 1067 -29.26 -12.92 4.24
N TYR A 1068 -28.20 -12.49 4.92
CA TYR A 1068 -27.67 -13.25 6.05
C TYR A 1068 -28.66 -13.28 7.21
N HIS A 1069 -29.30 -12.16 7.52
CA HIS A 1069 -30.28 -12.14 8.59
C HIS A 1069 -31.48 -13.00 8.26
N ALA A 1070 -31.89 -13.04 6.99
CA ALA A 1070 -33.00 -13.91 6.60
C ALA A 1070 -32.60 -15.37 6.70
N LEU A 1071 -31.38 -15.72 6.27
CA LEU A 1071 -30.95 -17.11 6.31
C LEU A 1071 -30.80 -17.62 7.74
N ARG A 1072 -30.24 -16.81 8.63
CA ARG A 1072 -30.04 -17.27 10.01
C ARG A 1072 -31.36 -17.48 10.75
N GLY A 1073 -32.45 -16.86 10.29
CA GLY A 1073 -33.72 -17.02 10.95
C GLY A 1073 -34.46 -18.27 10.52
N GLU A 1074 -33.99 -18.92 9.46
CA GLU A 1074 -34.57 -20.15 8.96
C GLU A 1074 -33.71 -21.37 9.26
N LEU A 1075 -32.61 -21.20 9.98
CA LEU A 1075 -31.68 -22.29 10.28
C LEU A 1075 -31.76 -22.80 11.70
N TYR A 1076 -31.96 -21.92 12.68
CA TYR A 1076 -32.01 -22.30 14.09
C TYR A 1076 -33.41 -22.27 14.66
N ARG A 1077 -34.25 -21.33 14.23
CA ARG A 1077 -35.61 -21.26 14.75
C ARG A 1077 -36.43 -22.51 14.43
N PRO A 1078 -36.46 -23.07 13.21
CA PRO A 1078 -37.25 -24.29 13.03
C PRO A 1078 -36.62 -25.50 13.71
N SER B 258 -12.37 -7.66 46.77
CA SER B 258 -13.40 -7.45 45.75
C SER B 258 -12.79 -6.99 44.44
N VAL B 259 -13.65 -6.54 43.52
CA VAL B 259 -13.18 -6.07 42.22
C VAL B 259 -12.33 -4.79 42.35
N LEU B 260 -12.61 -3.95 43.35
CA LEU B 260 -11.82 -2.73 43.53
C LEU B 260 -10.37 -3.05 43.84
N ARG B 261 -10.12 -4.09 44.64
CA ARG B 261 -8.74 -4.49 44.94
C ARG B 261 -8.01 -4.89 43.66
N GLU B 262 -8.65 -5.69 42.82
CA GLU B 262 -8.05 -6.12 41.56
C GLU B 262 -7.79 -4.91 40.67
N LEU B 263 -8.74 -3.98 40.61
CA LEU B 263 -8.57 -2.79 39.78
C LEU B 263 -7.40 -1.94 40.24
N VAL B 264 -7.29 -1.71 41.55
CA VAL B 264 -6.22 -0.83 42.02
C VAL B 264 -4.86 -1.52 41.88
N THR B 265 -4.79 -2.83 42.12
CA THR B 265 -3.53 -3.54 41.91
C THR B 265 -3.10 -3.49 40.45
N TYR B 266 -4.05 -3.70 39.53
CA TYR B 266 -3.72 -3.60 38.11
C TYR B 266 -3.29 -2.20 37.74
N LEU B 267 -3.94 -1.18 38.31
CA LEU B 267 -3.56 0.20 38.01
C LEU B 267 -2.15 0.51 38.49
N LEU B 268 -1.79 0.04 39.69
CA LEU B 268 -0.42 0.24 40.17
C LEU B 268 0.59 -0.47 39.28
N PHE B 269 0.27 -1.71 38.88
CA PHE B 269 1.15 -2.45 37.98
C PHE B 269 1.34 -1.71 36.66
N LEU B 270 0.24 -1.21 36.10
CA LEU B 270 0.31 -0.49 34.84
C LEU B 270 1.13 0.78 34.97
N ILE B 271 0.96 1.50 36.09
CA ILE B 271 1.73 2.72 36.32
C ILE B 271 3.21 2.41 36.40
N VAL B 272 3.59 1.38 37.15
CA VAL B 272 5.01 1.02 37.27
C VAL B 272 5.58 0.63 35.92
N LEU B 273 4.84 -0.18 35.15
CA LEU B 273 5.33 -0.61 33.86
C LEU B 273 5.52 0.56 32.90
N CYS B 274 4.56 1.49 32.88
CA CYS B 274 4.74 2.68 32.05
C CYS B 274 5.92 3.53 32.51
N ILE B 275 6.10 3.71 33.81
CA ILE B 275 7.24 4.48 34.29
C ILE B 275 8.53 3.86 33.78
N LEU B 276 8.67 2.54 33.92
CA LEU B 276 9.91 1.89 33.46
C LEU B 276 10.12 2.08 31.96
N THR B 277 9.11 1.73 31.16
CA THR B 277 9.29 1.72 29.71
C THR B 277 9.53 3.11 29.17
N TYR B 278 8.79 4.11 29.66
CA TYR B 278 8.96 5.46 29.14
C TYR B 278 10.15 6.19 29.76
N GLY B 279 10.64 5.71 30.90
CA GLY B 279 11.95 6.14 31.35
C GLY B 279 13.05 5.65 30.45
N MET B 280 12.95 4.41 29.97
CA MET B 280 13.86 3.95 28.94
C MET B 280 13.73 4.76 27.67
N MET B 281 12.50 5.06 27.24
CA MET B 281 12.25 5.94 26.11
C MET B 281 12.31 7.38 26.58
N SER B 282 13.49 7.84 26.96
CA SER B 282 13.68 9.13 27.61
C SER B 282 13.66 10.26 26.58
N SER B 283 14.21 11.41 26.97
CA SER B 283 14.29 12.59 26.11
C SER B 283 14.93 12.24 24.77
N ASN B 284 14.79 13.14 23.79
CA ASN B 284 14.97 12.74 22.40
C ASN B 284 16.35 12.20 22.11
N VAL B 285 16.42 10.88 21.95
CA VAL B 285 17.58 10.22 21.37
C VAL B 285 17.39 9.99 19.89
N TYR B 286 16.19 10.26 19.38
CA TYR B 286 15.96 10.23 17.94
C TYR B 286 16.92 11.14 17.21
N TYR B 287 17.18 12.33 17.75
CA TYR B 287 18.13 13.22 17.09
C TYR B 287 19.55 12.70 17.19
N TYR B 288 19.88 12.00 18.28
CA TYR B 288 21.17 11.34 18.39
C TYR B 288 21.36 10.32 17.29
N THR B 289 20.34 9.50 17.03
CA THR B 289 20.43 8.51 15.96
C THR B 289 20.43 9.19 14.59
N ARG B 290 19.58 10.21 14.41
CA ARG B 290 19.42 10.85 13.11
C ARG B 290 20.69 11.57 12.68
N MET B 291 21.40 12.22 13.61
CA MET B 291 22.64 12.87 13.23
C MET B 291 23.65 11.88 12.67
N MET B 292 23.81 10.73 13.33
CA MET B 292 24.77 9.74 12.87
C MET B 292 24.35 9.15 11.53
N SER B 293 23.07 8.78 11.40
CA SER B 293 22.62 8.16 10.15
C SER B 293 22.72 9.14 8.99
N GLN B 294 22.37 10.41 9.22
CA GLN B 294 22.52 11.41 8.16
C GLN B 294 23.98 11.66 7.84
N LEU B 295 24.87 11.59 8.83
CA LEU B 295 26.28 11.82 8.58
C LEU B 295 26.89 10.72 7.74
N PHE B 296 26.50 9.47 7.98
CA PHE B 296 27.15 8.35 7.30
C PHE B 296 26.42 7.89 6.04
N LEU B 297 25.11 7.66 6.12
CA LEU B 297 24.37 7.10 5.00
C LEU B 297 24.16 8.12 3.89
N ASP B 298 23.78 9.36 4.23
CA ASP B 298 23.35 10.32 3.23
C ASP B 298 24.47 11.18 2.67
N THR B 299 25.68 11.08 3.22
CA THR B 299 26.77 11.89 2.69
C THR B 299 27.27 11.27 1.38
N PRO B 300 27.33 12.04 0.29
CA PRO B 300 27.85 11.49 -0.97
C PRO B 300 29.30 11.04 -0.82
N VAL B 301 29.63 9.95 -1.52
CA VAL B 301 30.94 9.33 -1.40
C VAL B 301 32.08 10.27 -1.83
N SER B 302 31.78 11.24 -2.68
CA SER B 302 32.79 12.21 -3.09
C SER B 302 32.07 13.44 -3.63
N LYS B 303 32.85 14.49 -3.92
CA LYS B 303 32.26 15.78 -4.28
C LYS B 303 31.48 15.70 -5.59
N THR B 304 32.04 15.01 -6.59
CA THR B 304 31.40 15.00 -7.91
C THR B 304 30.26 13.99 -7.97
N GLU B 305 30.54 12.74 -7.60
CA GLU B 305 29.53 11.69 -7.65
C GLU B 305 28.43 11.94 -6.64
N LYS B 306 27.23 11.51 -7.00
CA LYS B 306 26.05 11.62 -6.15
C LYS B 306 25.73 10.34 -5.40
N THR B 307 26.61 9.35 -5.44
CA THR B 307 26.37 8.08 -4.79
C THR B 307 26.60 8.19 -3.28
N ASN B 308 25.73 7.57 -2.50
CA ASN B 308 25.91 7.49 -1.06
C ASN B 308 25.88 6.03 -0.62
N PHE B 309 25.96 5.78 0.69
CA PHE B 309 25.95 4.40 1.16
C PHE B 309 24.63 3.71 0.91
N LYS B 310 23.51 4.43 0.93
CA LYS B 310 22.22 3.81 0.72
C LYS B 310 22.02 3.38 -0.73
N THR B 311 22.82 3.90 -1.66
CA THR B 311 22.65 3.57 -3.07
C THR B 311 23.96 3.05 -3.68
N LEU B 312 24.62 2.12 -3.00
CA LEU B 312 25.78 1.46 -3.58
C LEU B 312 25.31 0.48 -4.66
N SER B 313 26.12 0.39 -5.72
CA SER B 313 25.75 -0.44 -6.87
C SER B 313 26.85 -1.40 -7.32
N SER B 314 28.06 -1.29 -6.81
CA SER B 314 29.15 -2.15 -7.27
C SER B 314 30.23 -2.18 -6.20
N MET B 315 31.33 -2.87 -6.52
CA MET B 315 32.48 -2.94 -5.62
C MET B 315 33.26 -1.63 -5.60
N GLU B 316 33.40 -0.98 -6.76
CA GLU B 316 34.13 0.28 -6.80
C GLU B 316 33.41 1.36 -6.00
N ASP B 317 32.08 1.32 -5.96
CA ASP B 317 31.34 2.24 -5.10
C ASP B 317 31.69 2.02 -3.63
N PHE B 318 31.81 0.75 -3.22
CA PHE B 318 32.19 0.45 -1.85
C PHE B 318 33.59 0.94 -1.55
N TRP B 319 34.53 0.75 -2.48
CA TRP B 319 35.88 1.25 -2.26
C TRP B 319 35.95 2.76 -2.24
N LYS B 320 35.11 3.45 -3.01
CA LYS B 320 35.03 4.91 -2.90
C LYS B 320 34.48 5.32 -1.54
N PHE B 321 33.46 4.61 -1.05
CA PHE B 321 32.86 4.95 0.23
C PHE B 321 33.84 4.74 1.38
N THR B 322 34.60 3.65 1.34
CA THR B 322 35.53 3.36 2.43
C THR B 322 36.63 4.42 2.53
N GLU B 323 37.17 4.85 1.40
CA GLU B 323 38.21 5.87 1.40
C GLU B 323 37.66 7.30 1.40
N GLY B 324 36.35 7.47 1.28
CA GLY B 324 35.78 8.78 1.13
C GLY B 324 34.97 9.25 2.32
N SER B 325 33.64 9.11 2.22
CA SER B 325 32.76 9.64 3.26
C SER B 325 32.95 8.96 4.61
N LEU B 326 33.42 7.70 4.62
CA LEU B 326 33.60 7.01 5.89
C LEU B 326 34.67 7.66 6.75
N LEU B 327 35.85 7.90 6.17
CA LEU B 327 36.93 8.51 6.94
C LEU B 327 36.60 9.94 7.32
N ASP B 328 35.91 10.67 6.44
CA ASP B 328 35.52 12.04 6.77
C ASP B 328 34.49 12.07 7.90
N GLY B 329 33.58 11.10 7.92
CA GLY B 329 32.57 11.07 8.97
C GLY B 329 33.07 10.45 10.27
N LEU B 330 34.20 9.75 10.22
CA LEU B 330 34.73 9.11 11.42
C LEU B 330 35.68 10.02 12.19
N TYR B 331 36.70 10.55 11.54
CA TYR B 331 37.80 11.24 12.21
C TYR B 331 37.61 12.74 12.05
N TRP B 332 37.56 13.46 13.17
CA TRP B 332 37.42 14.90 13.19
C TRP B 332 38.61 15.53 13.89
N LYS B 333 38.93 16.76 13.49
CA LYS B 333 40.09 17.47 14.00
C LYS B 333 39.66 18.45 15.10
N MET B 334 40.65 19.16 15.66
CA MET B 334 40.38 20.10 16.74
C MET B 334 40.49 21.54 16.27
N ALA B 342 49.24 15.59 19.52
CA ALA B 342 49.71 14.24 19.24
C ALA B 342 48.54 13.26 19.21
N ASP B 343 48.19 12.83 18.00
CA ASP B 343 47.21 11.77 17.69
C ASP B 343 46.04 11.72 18.68
N ASN B 344 45.45 12.88 18.96
CA ASN B 344 44.40 12.98 19.95
C ASN B 344 43.14 12.26 19.48
N ARG B 345 42.16 12.17 20.39
CA ARG B 345 40.91 11.51 20.10
C ARG B 345 40.08 12.34 19.12
N SER B 346 39.12 11.69 18.47
CA SER B 346 38.25 12.36 17.50
C SER B 346 36.85 12.41 18.07
N PHE B 347 36.32 13.62 18.20
CA PHE B 347 34.94 13.84 18.63
C PHE B 347 34.08 14.07 17.39
N ILE B 348 33.12 13.19 17.17
CA ILE B 348 32.44 13.14 15.87
C ILE B 348 31.64 14.41 15.60
N PHE B 349 30.87 14.91 16.55
CA PHE B 349 30.22 16.20 16.38
C PHE B 349 30.78 17.21 17.38
N TYR B 350 32.05 17.07 17.70
CA TYR B 350 32.71 17.72 18.83
C TYR B 350 32.13 17.26 20.16
N GLU B 351 31.21 16.30 20.14
CA GLU B 351 30.54 15.82 21.34
C GLU B 351 30.57 14.29 21.45
N ASN B 352 30.49 13.60 20.32
CA ASN B 352 30.49 12.14 20.30
C ASN B 352 31.92 11.63 20.21
N LEU B 353 32.35 10.85 21.19
CA LEU B 353 33.72 10.37 21.25
C LEU B 353 33.84 8.99 20.62
N LEU B 354 34.71 8.88 19.61
CA LEU B 354 34.98 7.58 19.00
C LEU B 354 35.78 6.71 19.95
N LEU B 355 35.22 5.57 20.32
CA LEU B 355 35.83 4.67 21.30
C LEU B 355 36.77 3.70 20.58
N GLY B 356 38.06 3.77 20.92
CA GLY B 356 39.03 2.84 20.39
C GLY B 356 39.23 2.92 18.89
N VAL B 357 39.08 1.79 18.21
CA VAL B 357 39.30 1.71 16.77
C VAL B 357 38.17 0.93 16.13
N PRO B 358 37.87 1.23 14.86
CA PRO B 358 36.91 0.43 14.11
C PRO B 358 37.54 -0.78 13.44
N ARG B 359 36.70 -1.77 13.15
CA ARG B 359 37.14 -3.04 12.59
C ARG B 359 36.35 -3.35 11.32
N ILE B 360 37.06 -3.81 10.29
CA ILE B 360 36.46 -4.22 9.03
C ILE B 360 36.68 -5.72 8.84
N ARG B 361 35.65 -6.42 8.38
CA ARG B 361 35.66 -7.88 8.36
C ARG B 361 34.87 -8.34 7.15
N GLN B 362 35.34 -9.40 6.48
CA GLN B 362 34.66 -9.93 5.31
C GLN B 362 34.49 -11.43 5.42
N LEU B 363 33.64 -11.97 4.54
CA LEU B 363 33.41 -13.39 4.40
C LEU B 363 33.64 -13.80 2.95
N ARG B 364 34.16 -15.01 2.75
CA ARG B 364 34.51 -15.47 1.42
C ARG B 364 33.97 -16.86 1.19
N VAL B 365 33.95 -17.27 -0.07
CA VAL B 365 33.62 -18.63 -0.48
C VAL B 365 34.77 -19.18 -1.31
N ARG B 366 34.76 -20.49 -1.49
CA ARG B 366 35.89 -21.20 -2.09
C ARG B 366 35.77 -21.23 -3.61
N ASN B 367 36.92 -21.21 -4.27
CA ASN B 367 36.95 -21.35 -5.72
C ASN B 367 36.59 -22.78 -6.10
N GLY B 368 35.69 -22.93 -7.07
CA GLY B 368 35.22 -24.26 -7.42
C GLY B 368 34.42 -24.92 -6.33
N SER B 369 33.51 -24.20 -5.70
CA SER B 369 32.66 -24.74 -4.64
C SER B 369 31.27 -25.11 -5.13
N CYS B 370 31.03 -25.06 -6.44
CA CYS B 370 29.73 -25.38 -7.01
C CYS B 370 29.88 -26.59 -7.92
N SER B 371 28.84 -26.86 -8.70
CA SER B 371 28.86 -27.84 -9.78
C SER B 371 28.60 -27.13 -11.10
N ILE B 372 29.51 -27.26 -12.04
CA ILE B 372 29.37 -26.68 -13.38
C ILE B 372 29.18 -27.80 -14.38
N PRO B 373 28.37 -27.61 -15.43
CA PRO B 373 28.14 -28.70 -16.38
C PRO B 373 29.40 -29.10 -17.12
N GLN B 374 29.48 -30.40 -17.45
CA GLN B 374 30.62 -30.94 -18.16
C GLN B 374 30.69 -30.47 -19.61
N ASP B 375 29.58 -29.98 -20.17
CA ASP B 375 29.58 -29.48 -21.54
C ASP B 375 30.26 -28.11 -21.67
N LEU B 376 30.51 -27.43 -20.55
CA LEU B 376 31.17 -26.13 -20.57
C LEU B 376 32.41 -26.06 -19.71
N ARG B 377 32.99 -27.19 -19.32
CA ARG B 377 34.13 -27.17 -18.41
C ARG B 377 35.39 -26.61 -19.04
N ASP B 378 35.38 -26.39 -20.36
CA ASP B 378 36.45 -25.67 -21.02
C ASP B 378 36.11 -24.22 -21.32
N GLU B 379 34.84 -23.82 -21.16
CA GLU B 379 34.44 -22.43 -21.35
C GLU B 379 34.29 -21.67 -20.04
N ILE B 380 33.93 -22.36 -18.95
CA ILE B 380 33.78 -21.76 -17.64
C ILE B 380 34.79 -22.42 -16.71
N LYS B 381 35.65 -21.62 -16.08
CA LYS B 381 36.75 -22.14 -15.29
C LYS B 381 36.53 -22.02 -13.79
N GLU B 382 36.16 -20.84 -13.30
CA GLU B 382 36.04 -20.59 -11.88
C GLU B 382 34.58 -20.43 -11.49
N CYS B 383 34.24 -20.89 -10.28
CA CYS B 383 32.86 -20.82 -9.79
C CYS B 383 32.85 -20.66 -8.28
N TYR B 384 31.99 -19.77 -7.81
CA TYR B 384 31.81 -19.50 -6.39
C TYR B 384 30.32 -19.67 -6.05
N ASP B 385 30.04 -20.50 -5.06
CA ASP B 385 28.66 -20.77 -4.68
C ASP B 385 28.09 -19.58 -3.92
N VAL B 386 26.83 -19.69 -3.50
CA VAL B 386 26.23 -18.74 -2.57
C VAL B 386 26.85 -19.00 -1.20
N TYR B 387 26.65 -18.08 -0.25
CA TYR B 387 27.29 -18.25 1.04
C TYR B 387 26.65 -19.41 1.80
N SER B 388 27.50 -20.25 2.38
CA SER B 388 27.08 -21.27 3.32
C SER B 388 28.28 -21.65 4.16
N VAL B 389 28.01 -22.12 5.39
CA VAL B 389 29.10 -22.47 6.29
C VAL B 389 29.94 -23.62 5.74
N SER B 390 29.35 -24.43 4.86
CA SER B 390 30.07 -25.54 4.25
C SER B 390 30.87 -25.11 3.03
N SER B 391 30.66 -23.91 2.51
CA SER B 391 31.32 -23.45 1.30
C SER B 391 32.27 -22.29 1.53
N GLU B 392 32.49 -21.88 2.78
CA GLU B 392 33.30 -20.70 3.04
C GLU B 392 34.78 -21.03 2.98
N ASP B 393 35.55 -20.08 2.45
CA ASP B 393 36.99 -20.22 2.37
C ASP B 393 37.62 -20.14 3.76
N ARG B 394 38.69 -20.91 3.96
CA ARG B 394 39.41 -20.88 5.22
C ARG B 394 40.92 -20.88 5.05
N ALA B 395 41.42 -20.52 3.88
CA ALA B 395 42.83 -20.60 3.59
C ALA B 395 43.44 -19.21 3.43
N PRO B 396 44.74 -19.05 3.70
CA PRO B 396 45.39 -17.77 3.45
C PRO B 396 45.43 -17.45 1.97
N PHE B 397 45.37 -16.16 1.65
CA PHE B 397 45.40 -15.70 0.26
C PHE B 397 46.13 -14.38 0.18
N GLY B 398 46.56 -14.04 -1.04
CA GLY B 398 47.23 -12.79 -1.28
C GLY B 398 48.57 -12.70 -0.59
N PRO B 399 48.99 -11.49 -0.23
CA PRO B 399 50.21 -11.31 0.58
C PRO B 399 49.96 -11.72 2.02
N ARG B 400 50.12 -13.01 2.28
CA ARG B 400 49.74 -13.59 3.57
C ARG B 400 50.69 -13.16 4.66
N ASN B 401 50.53 -11.94 5.16
CA ASN B 401 51.38 -11.38 6.20
C ASN B 401 50.62 -11.13 7.49
N GLY B 402 49.55 -10.34 7.43
CA GLY B 402 48.85 -9.95 8.64
C GLY B 402 47.60 -10.76 8.91
N THR B 403 46.67 -10.19 9.68
CA THR B 403 45.42 -10.85 10.02
C THR B 403 44.31 -10.59 9.01
N ALA B 404 44.52 -9.71 8.03
CA ALA B 404 43.53 -9.50 6.99
C ALA B 404 43.58 -10.57 5.91
N TRP B 405 44.65 -11.36 5.86
CA TRP B 405 44.81 -12.41 4.87
C TRP B 405 44.87 -13.79 5.49
N ILE B 406 44.32 -13.94 6.69
CA ILE B 406 44.35 -15.22 7.41
C ILE B 406 43.01 -15.40 8.10
N TYR B 407 42.42 -16.58 7.94
CA TYR B 407 41.12 -16.87 8.53
C TYR B 407 41.22 -16.95 10.05
N THR B 408 40.26 -16.33 10.73
CA THR B 408 40.18 -16.36 12.18
C THR B 408 38.80 -16.86 12.58
N SER B 409 38.77 -17.80 13.52
CA SER B 409 37.54 -18.48 13.88
C SER B 409 36.56 -17.54 14.56
N GLU B 410 35.30 -17.98 14.63
CA GLU B 410 34.29 -17.21 15.35
C GLU B 410 34.62 -17.12 16.84
N LYS B 411 35.07 -18.22 17.43
CA LYS B 411 35.44 -18.21 18.84
C LYS B 411 36.61 -17.27 19.09
N ASP B 412 37.59 -17.26 18.18
CA ASP B 412 38.73 -16.37 18.34
C ASP B 412 38.39 -14.91 18.08
N LEU B 413 37.26 -14.65 17.42
CA LEU B 413 36.82 -13.28 17.15
C LEU B 413 35.72 -12.81 18.09
N ASN B 414 35.22 -13.70 18.96
CA ASN B 414 34.17 -13.37 19.92
C ASN B 414 32.90 -12.89 19.25
N GLY B 415 32.63 -13.32 18.02
CA GLY B 415 31.49 -12.85 17.26
C GLY B 415 30.30 -13.78 17.37
N SER B 416 29.32 -13.54 16.50
CA SER B 416 28.13 -14.38 16.42
C SER B 416 27.45 -14.14 15.08
N SER B 417 26.42 -14.94 14.81
CA SER B 417 25.69 -14.85 13.55
C SER B 417 24.89 -13.56 13.47
N HIS B 418 24.72 -13.05 12.26
CA HIS B 418 24.10 -11.74 12.04
C HIS B 418 22.72 -11.81 11.41
N TRP B 419 22.47 -12.79 10.54
CA TRP B 419 21.21 -12.88 9.80
C TRP B 419 20.99 -11.63 8.94
N GLY B 420 21.82 -11.45 7.92
CA GLY B 420 21.62 -10.37 6.96
C GLY B 420 20.40 -10.58 6.10
N ILE B 421 20.28 -9.80 5.02
CA ILE B 421 19.10 -9.87 4.16
C ILE B 421 19.08 -11.18 3.38
N ILE B 422 20.22 -11.57 2.81
CA ILE B 422 20.27 -12.74 1.94
C ILE B 422 20.38 -14.02 2.74
N ALA B 423 21.29 -14.09 3.70
CA ALA B 423 21.52 -15.31 4.48
C ALA B 423 21.98 -14.92 5.88
N THR B 424 22.14 -15.93 6.73
CA THR B 424 22.63 -15.75 8.09
C THR B 424 24.13 -16.01 8.10
N TYR B 425 24.92 -14.96 8.24
CA TYR B 425 26.36 -15.05 8.15
C TYR B 425 26.97 -15.50 9.47
N SER B 426 28.25 -15.86 9.42
CA SER B 426 28.96 -16.38 10.57
C SER B 426 29.64 -15.24 11.34
N GLY B 427 30.19 -15.57 12.49
CA GLY B 427 30.95 -14.62 13.29
C GLY B 427 32.44 -14.62 13.03
N ALA B 428 32.90 -15.36 12.03
CA ALA B 428 34.31 -15.48 11.71
C ALA B 428 34.62 -14.70 10.43
N GLY B 429 35.85 -14.82 9.97
CA GLY B 429 36.21 -14.27 8.69
C GLY B 429 37.58 -13.64 8.73
N TYR B 430 37.83 -12.79 7.73
CA TYR B 430 39.09 -12.07 7.57
C TYR B 430 38.86 -10.64 8.05
N TYR B 431 39.48 -10.28 9.17
CA TYR B 431 39.26 -8.98 9.78
C TYR B 431 40.55 -8.17 9.84
N LEU B 432 40.40 -6.86 9.95
CA LEU B 432 41.51 -5.94 10.15
C LEU B 432 41.07 -4.85 11.11
N ASP B 433 41.95 -4.48 12.03
CA ASP B 433 41.67 -3.42 12.99
C ASP B 433 42.30 -2.12 12.50
N LEU B 434 41.48 -1.09 12.35
CA LEU B 434 41.94 0.18 11.79
C LEU B 434 42.67 0.98 12.86
N SER B 435 43.00 2.23 12.55
CA SER B 435 43.83 3.06 13.41
C SER B 435 43.00 4.17 14.05
N ARG B 436 43.65 4.93 14.92
CA ARG B 436 42.99 6.01 15.67
C ARG B 436 43.06 7.35 14.96
N THR B 437 43.78 7.45 13.85
CA THR B 437 43.92 8.70 13.11
C THR B 437 43.62 8.46 11.63
N ARG B 438 43.26 9.54 10.94
CA ARG B 438 42.97 9.46 9.51
C ARG B 438 44.20 9.06 8.71
N GLU B 439 45.37 9.60 9.04
CA GLU B 439 46.55 9.40 8.23
C GLU B 439 47.01 7.95 8.19
N GLU B 440 46.62 7.14 9.17
CA GLU B 440 46.97 5.72 9.20
C GLU B 440 45.87 4.82 8.69
N THR B 441 44.61 5.13 9.00
CA THR B 441 43.50 4.36 8.43
C THR B 441 43.47 4.50 6.92
N ALA B 442 43.74 5.70 6.40
CA ALA B 442 43.79 5.89 4.95
C ALA B 442 44.86 5.02 4.32
N ALA B 443 46.04 4.98 4.93
CA ALA B 443 47.12 4.15 4.40
C ALA B 443 46.77 2.67 4.46
N GLN B 444 46.15 2.24 5.56
CA GLN B 444 45.76 0.83 5.68
C GLN B 444 44.74 0.44 4.61
N VAL B 445 43.74 1.29 4.39
CA VAL B 445 42.73 0.98 3.39
C VAL B 445 43.32 1.04 1.99
N ALA B 446 44.25 1.97 1.74
CA ALA B 446 44.90 2.02 0.43
C ALA B 446 45.71 0.76 0.17
N SER B 447 46.43 0.28 1.19
CA SER B 447 47.17 -0.97 1.02
C SER B 447 46.24 -2.16 0.81
N LEU B 448 45.10 -2.18 1.50
CA LEU B 448 44.12 -3.23 1.26
C LEU B 448 43.56 -3.17 -0.15
N LYS B 449 43.40 -1.97 -0.69
CA LYS B 449 42.84 -1.83 -2.03
C LYS B 449 43.85 -2.19 -3.11
N LYS B 450 45.11 -1.83 -2.93
CA LYS B 450 46.14 -2.16 -3.91
C LYS B 450 46.28 -3.67 -4.04
N ASN B 451 46.72 -4.33 -2.97
CA ASN B 451 46.73 -5.79 -2.93
C ASN B 451 45.30 -6.26 -2.79
N VAL B 452 44.69 -6.62 -3.91
CA VAL B 452 43.23 -6.74 -4.03
C VAL B 452 42.66 -7.58 -2.90
N TRP B 453 41.77 -6.98 -2.11
CA TRP B 453 41.20 -7.62 -0.93
C TRP B 453 39.79 -8.13 -1.15
N LEU B 454 39.07 -7.57 -2.12
CA LEU B 454 37.69 -7.94 -2.41
C LEU B 454 37.65 -8.58 -3.79
N ASP B 455 37.70 -9.90 -3.84
CA ASP B 455 37.66 -10.65 -5.08
C ASP B 455 36.21 -10.98 -5.41
N ARG B 456 36.00 -11.88 -6.38
CA ARG B 456 34.64 -12.31 -6.68
C ARG B 456 34.10 -13.27 -5.62
N GLY B 457 34.96 -13.86 -4.80
CA GLY B 457 34.52 -14.77 -3.77
C GLY B 457 33.93 -14.09 -2.55
N THR B 458 34.07 -12.77 -2.44
CA THR B 458 33.54 -12.05 -1.30
C THR B 458 32.02 -12.14 -1.26
N ARG B 459 31.48 -12.36 -0.06
CA ARG B 459 30.04 -12.46 0.12
C ARG B 459 29.46 -11.46 1.11
N ALA B 460 30.30 -10.80 1.91
CA ALA B 460 29.82 -9.80 2.86
C ALA B 460 31.01 -8.96 3.31
N THR B 461 30.72 -7.81 3.90
CA THR B 461 31.73 -6.97 4.52
C THR B 461 31.08 -6.15 5.62
N PHE B 462 31.69 -6.15 6.80
CA PHE B 462 31.15 -5.47 7.97
C PHE B 462 32.08 -4.34 8.40
N ILE B 463 31.49 -3.28 8.97
CA ILE B 463 32.22 -2.19 9.60
C ILE B 463 31.54 -1.88 10.93
N ASP B 464 32.33 -1.80 12.01
CA ASP B 464 31.81 -1.60 13.35
C ASP B 464 32.59 -0.51 14.07
N PHE B 465 31.90 0.26 14.91
CA PHE B 465 32.51 1.25 15.78
C PHE B 465 31.46 1.71 16.78
N SER B 466 31.91 2.44 17.80
CA SER B 466 31.02 2.92 18.85
C SER B 466 31.45 4.30 19.31
N VAL B 467 30.46 5.06 19.82
CA VAL B 467 30.68 6.42 20.31
C VAL B 467 29.97 6.58 21.66
N TYR B 468 30.34 7.63 22.39
CA TYR B 468 29.84 7.81 23.75
C TYR B 468 28.95 9.03 23.94
N ASN B 469 29.39 10.24 23.59
CA ASN B 469 28.59 11.45 23.86
C ASN B 469 28.29 11.65 25.34
N ALA B 470 29.31 12.03 26.12
CA ALA B 470 29.18 12.11 27.57
C ALA B 470 28.13 13.11 28.05
N ASN B 471 27.68 14.04 27.20
CA ASN B 471 26.73 15.07 27.63
C ASN B 471 25.44 14.43 28.14
N ILE B 472 24.95 13.42 27.44
CA ILE B 472 24.00 12.48 28.00
C ILE B 472 24.74 11.19 28.27
N ASN B 473 24.08 10.24 28.91
CA ASN B 473 24.72 8.99 29.27
C ASN B 473 24.17 7.91 28.35
N LEU B 474 24.78 7.74 27.18
CA LEU B 474 24.20 6.88 26.17
C LEU B 474 25.26 6.50 25.14
N PHE B 475 25.56 5.20 25.05
CA PHE B 475 26.44 4.69 24.00
C PHE B 475 25.66 4.51 22.70
N CYS B 476 26.39 4.51 21.59
CA CYS B 476 25.82 4.23 20.27
C CYS B 476 26.70 3.20 19.58
N VAL B 477 26.08 2.14 19.08
CA VAL B 477 26.79 1.04 18.43
C VAL B 477 26.36 0.99 16.98
N VAL B 478 27.32 1.11 16.06
CA VAL B 478 27.05 1.23 14.64
C VAL B 478 27.61 0.01 13.91
N ARG B 479 26.82 -0.54 12.98
CA ARG B 479 27.28 -1.62 12.14
C ARG B 479 26.82 -1.36 10.72
N LEU B 480 27.74 -1.45 9.77
CA LEU B 480 27.46 -1.22 8.35
C LEU B 480 27.79 -2.48 7.57
N LEU B 481 26.79 -3.07 6.93
CA LEU B 481 26.93 -4.34 6.23
C LEU B 481 26.64 -4.17 4.76
N VAL B 482 27.51 -4.72 3.92
CA VAL B 482 27.36 -4.73 2.47
C VAL B 482 27.46 -6.17 2.01
N GLU B 483 26.40 -6.69 1.39
CA GLU B 483 26.38 -8.05 0.91
C GLU B 483 26.59 -8.09 -0.60
N PHE B 484 27.43 -9.01 -1.05
CA PHE B 484 27.66 -9.20 -2.48
C PHE B 484 27.02 -10.53 -2.89
N PRO B 485 25.84 -10.52 -3.50
CA PRO B 485 25.20 -11.78 -3.88
C PRO B 485 25.94 -12.48 -5.01
N ALA B 486 25.73 -13.79 -5.10
CA ALA B 486 26.41 -14.60 -6.10
C ALA B 486 26.06 -14.20 -7.53
N THR B 487 24.91 -13.55 -7.72
CA THR B 487 24.45 -13.15 -9.04
C THR B 487 24.94 -11.75 -9.44
N GLY B 488 25.70 -11.10 -8.59
CA GLY B 488 26.19 -9.76 -8.87
C GLY B 488 25.36 -8.69 -8.18
N GLY B 489 25.99 -7.56 -7.91
CA GLY B 489 25.35 -6.45 -7.26
C GLY B 489 25.82 -6.25 -5.84
N VAL B 490 25.23 -5.24 -5.19
CA VAL B 490 25.57 -4.90 -3.81
C VAL B 490 24.27 -4.57 -3.08
N ILE B 491 24.13 -5.07 -1.86
CA ILE B 491 22.97 -4.78 -1.02
C ILE B 491 23.41 -4.18 0.30
N PRO B 492 23.31 -2.86 0.48
CA PRO B 492 23.73 -2.25 1.75
C PRO B 492 22.66 -2.28 2.83
N SER B 493 23.12 -2.31 4.08
CA SER B 493 22.25 -2.25 5.24
C SER B 493 23.03 -1.61 6.39
N TRP B 494 22.31 -1.22 7.43
CA TRP B 494 22.89 -0.44 8.51
C TRP B 494 22.13 -0.71 9.80
N GLN B 495 22.73 -0.31 10.92
CA GLN B 495 22.13 -0.57 12.23
C GLN B 495 22.77 0.39 13.23
N PHE B 496 21.97 1.33 13.75
CA PHE B 496 22.40 2.30 14.76
C PHE B 496 21.57 2.05 16.01
N GLN B 497 22.23 1.72 17.12
CA GLN B 497 21.53 1.38 18.35
C GLN B 497 22.11 2.15 19.52
N PRO B 498 21.31 2.95 20.25
CA PRO B 498 21.80 3.61 21.46
C PRO B 498 21.70 2.71 22.70
N LEU B 499 22.72 2.73 23.55
CA LEU B 499 22.75 1.92 24.76
C LEU B 499 23.13 2.77 25.97
N LYS B 500 22.70 2.33 27.15
CA LYS B 500 23.09 2.95 28.41
C LYS B 500 23.69 1.86 29.29
N LEU B 501 25.01 1.96 29.54
CA LEU B 501 25.74 0.92 30.24
C LEU B 501 26.28 1.36 31.58
N ILE B 502 26.12 2.63 31.95
CA ILE B 502 26.69 3.19 33.17
C ILE B 502 25.52 3.71 34.01
N ARG B 503 24.43 2.95 34.02
CA ARG B 503 23.10 3.40 34.45
C ARG B 503 23.11 4.32 35.66
N TYR B 504 23.63 3.87 36.79
CA TYR B 504 23.48 4.60 38.05
C TYR B 504 24.40 5.82 38.06
N VAL B 505 23.85 6.97 37.65
CA VAL B 505 24.56 8.25 37.69
C VAL B 505 23.76 9.30 38.43
N THR B 506 22.53 9.56 38.00
CA THR B 506 21.68 10.61 38.55
C THR B 506 20.62 10.00 39.46
N THR B 507 19.86 10.88 40.13
CA THR B 507 18.82 10.41 41.05
C THR B 507 17.68 9.73 40.32
N PHE B 508 17.36 10.18 39.10
CA PHE B 508 16.31 9.53 38.33
C PHE B 508 16.68 8.09 38.03
N ASP B 509 17.97 7.79 37.88
CA ASP B 509 18.40 6.41 37.70
C ASP B 509 18.11 5.57 38.93
N PHE B 510 18.32 6.13 40.12
CA PHE B 510 17.98 5.41 41.35
C PHE B 510 16.48 5.20 41.45
N PHE B 511 15.68 6.19 41.04
CA PHE B 511 14.24 6.01 41.01
C PHE B 511 13.85 4.88 40.06
N LEU B 512 14.49 4.82 38.90
CA LEU B 512 14.21 3.74 37.95
C LEU B 512 14.61 2.37 38.51
N ALA B 513 15.71 2.31 39.25
CA ALA B 513 16.10 1.06 39.89
C ALA B 513 15.05 0.62 40.91
N ALA B 514 14.54 1.57 41.71
CA ALA B 514 13.49 1.23 42.67
C ALA B 514 12.25 0.73 41.94
N CYS B 515 11.88 1.38 40.83
CA CYS B 515 10.75 0.91 40.05
C CYS B 515 10.99 -0.49 39.48
N GLU B 516 12.23 -0.80 39.09
CA GLU B 516 12.56 -2.13 38.61
C GLU B 516 12.32 -3.17 39.70
N ILE B 517 12.76 -2.87 40.92
CA ILE B 517 12.55 -3.80 42.03
C ILE B 517 11.06 -3.98 42.28
N ILE B 518 10.29 -2.89 42.25
CA ILE B 518 8.86 -2.99 42.46
C ILE B 518 8.20 -3.84 41.39
N PHE B 519 8.63 -3.69 40.14
CA PHE B 519 8.08 -4.49 39.05
C PHE B 519 8.40 -5.97 39.24
N CYS B 520 9.62 -6.28 39.67
CA CYS B 520 9.95 -7.69 39.94
C CYS B 520 9.06 -8.24 41.05
N PHE B 521 8.79 -7.44 42.08
CA PHE B 521 7.89 -7.89 43.14
C PHE B 521 6.48 -8.15 42.62
N PHE B 522 5.96 -7.26 41.77
CA PHE B 522 4.66 -7.49 41.15
C PHE B 522 4.65 -8.78 40.33
N ILE B 523 5.71 -9.04 39.58
CA ILE B 523 5.73 -10.25 38.75
C ILE B 523 5.74 -11.49 39.63
N PHE B 524 6.52 -11.47 40.72
CA PHE B 524 6.50 -12.61 41.64
C PHE B 524 5.11 -12.83 42.22
N TYR B 525 4.45 -11.74 42.63
CA TYR B 525 3.11 -11.86 43.21
C TYR B 525 2.12 -12.43 42.21
N TYR B 526 2.17 -11.95 40.96
CA TYR B 526 1.26 -12.46 39.94
C TYR B 526 1.53 -13.94 39.65
N VAL B 527 2.81 -14.32 39.59
CA VAL B 527 3.15 -15.71 39.32
C VAL B 527 2.57 -16.61 40.41
N VAL B 528 2.80 -16.25 41.67
CA VAL B 528 2.34 -17.12 42.75
C VAL B 528 0.82 -17.16 42.81
N GLU B 529 0.16 -16.01 42.53
CA GLU B 529 -1.29 -16.01 42.56
C GLU B 529 -1.89 -16.88 41.45
N GLU B 530 -1.36 -16.77 40.23
CA GLU B 530 -1.89 -17.59 39.14
C GLU B 530 -1.57 -19.07 39.37
N ILE B 531 -0.41 -19.38 39.96
CA ILE B 531 -0.09 -20.76 40.25
C ILE B 531 -1.05 -21.34 41.29
N LEU B 532 -1.36 -20.57 42.34
CA LEU B 532 -2.27 -21.09 43.36
C LEU B 532 -3.70 -21.17 42.84
N GLU B 533 -4.08 -20.32 41.88
CA GLU B 533 -5.41 -20.38 41.29
C GLU B 533 -5.51 -21.40 40.17
N ILE B 534 -4.39 -21.94 39.67
CA ILE B 534 -4.45 -23.04 38.73
C ILE B 534 -4.17 -24.38 39.41
N ARG B 535 -3.70 -24.37 40.66
CA ARG B 535 -3.37 -25.61 41.35
C ARG B 535 -4.58 -26.54 41.44
N ILE B 536 -5.65 -26.10 42.08
CA ILE B 536 -6.80 -26.96 42.31
C ILE B 536 -8.05 -26.38 41.68
N HIS B 537 -8.41 -25.15 42.06
CA HIS B 537 -9.64 -24.53 41.57
C HIS B 537 -9.57 -24.29 40.08
N LYS B 538 -10.52 -24.84 39.33
CA LYS B 538 -10.59 -24.68 37.87
C LYS B 538 -9.30 -25.18 37.21
N LEU B 539 -9.12 -26.51 37.30
CA LEU B 539 -7.94 -27.15 36.74
C LEU B 539 -7.76 -26.89 35.25
N HIS B 540 -8.84 -26.65 34.51
CA HIS B 540 -8.71 -26.31 33.10
C HIS B 540 -8.21 -24.89 32.91
N TYR B 541 -8.95 -23.91 33.42
CA TYR B 541 -8.44 -22.55 33.65
C TYR B 541 -8.17 -21.78 32.35
N PHE B 542 -8.33 -22.43 31.20
CA PHE B 542 -7.92 -21.81 29.94
C PHE B 542 -9.07 -21.30 29.08
N ARG B 543 -10.32 -21.65 29.39
CA ARG B 543 -11.45 -21.18 28.58
C ARG B 543 -12.08 -19.93 29.19
N SER B 544 -11.24 -18.90 29.38
CA SER B 544 -11.74 -17.63 29.89
C SER B 544 -11.24 -16.45 29.06
N PHE B 545 -10.06 -16.60 28.46
CA PHE B 545 -9.35 -15.61 27.65
C PHE B 545 -8.80 -14.48 28.49
N TRP B 546 -9.16 -14.42 29.78
CA TRP B 546 -8.49 -13.51 30.68
C TRP B 546 -7.36 -14.21 31.42
N ASN B 547 -7.56 -15.48 31.76
CA ASN B 547 -6.47 -16.29 32.30
C ASN B 547 -5.38 -16.50 31.26
N CYS B 548 -5.77 -16.71 30.00
CA CYS B 548 -4.79 -16.83 28.93
C CYS B 548 -3.99 -15.54 28.78
N LEU B 549 -4.67 -14.39 28.85
CA LEU B 549 -3.97 -13.12 28.78
C LEU B 549 -3.02 -12.95 29.97
N ASP B 550 -3.47 -13.38 31.15
CA ASP B 550 -2.61 -13.29 32.34
C ASP B 550 -1.35 -14.13 32.16
N VAL B 551 -1.49 -15.37 31.67
CA VAL B 551 -0.30 -16.21 31.53
C VAL B 551 0.60 -15.69 30.42
N VAL B 552 0.04 -15.13 29.35
CA VAL B 552 0.87 -14.53 28.31
C VAL B 552 1.68 -13.37 28.88
N ILE B 553 1.03 -12.51 29.66
CA ILE B 553 1.72 -11.37 30.26
C ILE B 553 2.82 -11.85 31.21
N VAL B 554 2.52 -12.87 32.02
CA VAL B 554 3.49 -13.39 32.97
C VAL B 554 4.70 -13.98 32.25
N VAL B 555 4.47 -14.77 31.19
CA VAL B 555 5.58 -15.38 30.48
C VAL B 555 6.45 -14.32 29.82
N LEU B 556 5.83 -13.32 29.17
CA LEU B 556 6.60 -12.26 28.55
C LEU B 556 7.39 -11.48 29.58
N SER B 557 6.79 -11.22 30.75
CA SER B 557 7.46 -10.46 31.79
C SER B 557 8.65 -11.21 32.37
N VAL B 558 8.50 -12.51 32.62
CA VAL B 558 9.63 -13.26 33.17
C VAL B 558 10.74 -13.41 32.13
N VAL B 559 10.38 -13.53 30.85
CA VAL B 559 11.40 -13.56 29.81
C VAL B 559 12.16 -12.24 29.78
N ALA B 560 11.44 -11.12 29.88
CA ALA B 560 12.10 -9.82 29.90
C ALA B 560 13.02 -9.68 31.10
N ILE B 561 12.56 -10.13 32.28
CA ILE B 561 13.38 -10.05 33.48
C ILE B 561 14.65 -10.89 33.32
N GLY B 562 14.51 -12.11 32.78
CA GLY B 562 15.68 -12.94 32.56
C GLY B 562 16.68 -12.33 31.60
N ILE B 563 16.17 -11.76 30.49
CA ILE B 563 17.06 -11.12 29.53
C ILE B 563 17.77 -9.94 30.15
N ASN B 564 17.04 -9.12 30.92
CA ASN B 564 17.65 -7.97 31.58
C ASN B 564 18.73 -8.41 32.56
N ILE B 565 18.45 -9.46 33.35
CA ILE B 565 19.41 -9.92 34.34
C ILE B 565 20.67 -10.45 33.65
N TYR B 566 20.50 -11.23 32.59
CA TYR B 566 21.64 -11.85 31.94
C TYR B 566 22.32 -10.96 30.90
N ARG B 567 21.83 -9.74 30.66
CA ARG B 567 22.56 -8.78 29.85
C ARG B 567 23.21 -7.68 30.68
N THR B 568 22.57 -7.24 31.78
CA THR B 568 23.18 -6.21 32.60
C THR B 568 24.31 -6.77 33.47
N SER B 569 24.16 -8.02 33.91
CA SER B 569 25.17 -8.63 34.76
C SER B 569 26.46 -8.89 33.98
N ASN B 570 26.38 -8.81 32.66
CA ASN B 570 27.53 -9.02 31.78
C ASN B 570 27.84 -7.71 31.06
N VAL B 571 28.62 -6.86 31.71
CA VAL B 571 29.17 -5.67 31.07
C VAL B 571 30.69 -5.81 31.10
N GLU B 572 31.16 -7.05 31.15
CA GLU B 572 32.59 -7.31 31.26
C GLU B 572 33.35 -6.83 30.03
N VAL B 573 32.70 -6.75 28.88
CA VAL B 573 33.34 -6.18 27.70
C VAL B 573 33.67 -4.71 27.92
N LEU B 574 32.78 -3.98 28.60
CA LEU B 574 33.05 -2.59 28.92
C LEU B 574 34.26 -2.47 29.85
N LEU B 575 34.36 -3.33 30.86
CA LEU B 575 35.53 -3.31 31.72
C LEU B 575 36.80 -3.63 30.96
N GLN B 576 36.77 -4.65 30.10
CA GLN B 576 37.94 -4.99 29.30
C GLN B 576 38.37 -3.81 28.43
N PHE B 577 37.40 -3.12 27.83
CA PHE B 577 37.74 -1.93 27.05
C PHE B 577 38.34 -0.85 27.93
N LEU B 578 37.81 -0.67 29.13
CA LEU B 578 38.31 0.39 30.00
C LEU B 578 39.72 0.12 30.49
N GLU B 579 40.12 -1.16 30.58
CA GLU B 579 41.52 -1.45 30.93
C GLU B 579 42.48 -0.89 29.89
N ASP B 580 42.16 -1.06 28.60
CA ASP B 580 42.99 -0.55 27.52
C ASP B 580 42.09 -0.07 26.40
N GLN B 581 42.14 1.23 26.11
CA GLN B 581 41.20 1.87 25.20
C GLN B 581 41.77 2.04 23.79
N ASN B 582 42.78 1.25 23.44
CA ASN B 582 43.30 1.20 22.07
C ASN B 582 42.86 -0.07 21.36
N THR B 583 41.78 -0.69 21.85
CA THR B 583 41.26 -1.93 21.31
C THR B 583 39.87 -1.71 20.75
N PHE B 584 39.35 -2.72 20.09
CA PHE B 584 38.01 -2.65 19.51
C PHE B 584 36.98 -2.95 20.57
N PRO B 585 36.05 -2.04 20.86
CA PRO B 585 35.00 -2.32 21.84
C PRO B 585 33.97 -3.29 21.26
N ASN B 586 33.78 -4.42 21.93
CA ASN B 586 32.89 -5.48 21.45
C ASN B 586 31.51 -5.35 22.07
N PHE B 587 30.73 -4.39 21.55
CA PHE B 587 29.39 -4.11 22.06
C PHE B 587 28.29 -4.61 21.13
N GLU B 588 28.50 -5.74 20.46
CA GLU B 588 27.50 -6.23 19.51
C GLU B 588 26.40 -7.02 20.20
N HIS B 589 26.79 -7.95 21.08
CA HIS B 589 25.82 -8.75 21.81
C HIS B 589 24.96 -7.89 22.73
N LEU B 590 25.55 -6.86 23.32
CA LEU B 590 24.79 -5.94 24.16
C LEU B 590 23.69 -5.25 23.35
N ALA B 591 24.02 -4.77 22.15
CA ALA B 591 23.01 -4.14 21.31
C ALA B 591 21.93 -5.14 20.88
N TYR B 592 22.34 -6.36 20.54
CA TYR B 592 21.37 -7.38 20.13
C TYR B 592 20.37 -7.68 21.25
N TRP B 593 20.89 -7.89 22.46
CA TRP B 593 20.00 -8.20 23.57
C TRP B 593 19.19 -6.99 24.01
N GLN B 594 19.72 -5.78 23.84
CA GLN B 594 18.90 -4.59 24.07
C GLN B 594 17.72 -4.55 23.13
N ILE B 595 17.94 -4.88 21.85
CA ILE B 595 16.85 -4.90 20.88
C ILE B 595 15.81 -5.95 21.26
N GLN B 596 16.26 -7.14 21.65
CA GLN B 596 15.31 -8.18 22.05
C GLN B 596 14.50 -7.74 23.26
N PHE B 597 15.16 -7.13 24.26
CA PHE B 597 14.46 -6.67 25.44
C PHE B 597 13.45 -5.58 25.09
N ASN B 598 13.81 -4.68 24.18
CA ASN B 598 12.88 -3.65 23.75
C ASN B 598 11.64 -4.26 23.10
N ASN B 599 11.83 -5.27 22.24
CA ASN B 599 10.69 -5.90 21.59
C ASN B 599 9.78 -6.56 22.61
N ILE B 600 10.35 -7.29 23.56
CA ILE B 600 9.53 -7.97 24.57
C ILE B 600 8.79 -6.95 25.43
N ALA B 601 9.46 -5.86 25.82
CA ALA B 601 8.81 -4.85 26.64
C ALA B 601 7.67 -4.17 25.89
N ALA B 602 7.87 -3.87 24.60
CA ALA B 602 6.79 -3.25 23.82
C ALA B 602 5.58 -4.16 23.74
N VAL B 603 5.79 -5.46 23.47
CA VAL B 603 4.66 -6.38 23.39
C VAL B 603 3.97 -6.52 24.75
N THR B 604 4.76 -6.57 25.83
CA THR B 604 4.16 -6.68 27.16
C THR B 604 3.31 -5.45 27.49
N VAL B 605 3.80 -4.26 27.16
CA VAL B 605 3.00 -3.05 27.39
C VAL B 605 1.72 -3.09 26.57
N PHE B 606 1.81 -3.51 25.32
CA PHE B 606 0.61 -3.63 24.49
C PHE B 606 -0.43 -4.52 25.16
N PHE B 607 -0.02 -5.71 25.61
CA PHE B 607 -1.00 -6.64 26.16
C PHE B 607 -1.51 -6.20 27.53
N VAL B 608 -0.67 -5.55 28.33
CA VAL B 608 -1.13 -5.02 29.60
C VAL B 608 -2.17 -3.93 29.38
N TRP B 609 -1.97 -3.07 28.37
CA TRP B 609 -2.99 -2.07 28.06
C TRP B 609 -4.27 -2.71 27.53
N ILE B 610 -4.14 -3.77 26.73
CA ILE B 610 -5.33 -4.47 26.24
C ILE B 610 -6.11 -5.11 27.37
N LYS B 611 -5.42 -5.51 28.45
CA LYS B 611 -6.13 -6.13 29.57
C LYS B 611 -7.06 -5.15 30.28
N LEU B 612 -6.97 -3.85 29.98
CA LEU B 612 -7.83 -2.86 30.63
C LEU B 612 -9.31 -3.11 30.36
N PHE B 613 -9.65 -3.87 29.33
CA PHE B 613 -11.04 -4.15 29.01
C PHE B 613 -11.75 -4.96 30.08
N LYS B 614 -11.01 -5.55 31.02
CA LYS B 614 -11.59 -6.39 32.04
C LYS B 614 -12.43 -5.60 33.05
N PHE B 615 -12.28 -4.28 33.11
CA PHE B 615 -12.91 -3.49 34.15
C PHE B 615 -13.88 -2.43 33.65
N ILE B 616 -13.97 -2.20 32.34
CA ILE B 616 -14.86 -1.15 31.81
C ILE B 616 -16.22 -1.81 31.56
N ASN B 617 -16.97 -1.97 32.65
CA ASN B 617 -18.32 -2.52 32.62
C ASN B 617 -19.22 -1.75 33.57
N PHE B 618 -18.95 -0.46 33.75
CA PHE B 618 -19.60 0.34 34.79
C PHE B 618 -21.06 0.64 34.49
N ASN B 619 -21.55 0.37 33.29
CA ASN B 619 -22.94 0.63 32.96
C ASN B 619 -23.38 -0.42 31.95
N ARG B 620 -24.55 -0.20 31.33
CA ARG B 620 -25.09 -1.16 30.38
C ARG B 620 -24.55 -0.96 28.96
N THR B 621 -24.22 0.28 28.59
CA THR B 621 -23.74 0.54 27.25
C THR B 621 -22.45 -0.19 26.96
N MET B 622 -21.50 -0.17 27.89
CA MET B 622 -20.26 -0.92 27.70
C MET B 622 -20.48 -2.42 27.83
N SER B 623 -21.38 -2.84 28.72
CA SER B 623 -21.63 -4.26 28.90
C SER B 623 -22.18 -4.91 27.64
N GLN B 624 -23.15 -4.26 26.99
CA GLN B 624 -23.71 -4.85 25.77
C GLN B 624 -22.70 -4.86 24.63
N LEU B 625 -21.82 -3.87 24.54
CA LEU B 625 -20.81 -3.88 23.49
C LEU B 625 -19.78 -4.98 23.72
N SER B 626 -19.35 -5.16 24.98
CA SER B 626 -18.43 -6.25 25.28
C SER B 626 -19.07 -7.60 24.99
N THR B 627 -20.34 -7.76 25.37
CA THR B 627 -21.05 -9.01 25.07
C THR B 627 -21.16 -9.23 23.56
N THR B 628 -21.42 -8.17 22.80
CA THR B 628 -21.49 -8.28 21.35
C THR B 628 -20.16 -8.77 20.78
N MET B 629 -19.05 -8.18 21.22
CA MET B 629 -17.75 -8.62 20.72
C MET B 629 -17.47 -10.07 21.09
N SER B 630 -17.78 -10.45 22.33
CA SER B 630 -17.54 -11.82 22.76
C SER B 630 -18.36 -12.81 21.95
N ARG B 631 -19.61 -12.49 21.67
CA ARG B 631 -20.48 -13.40 20.94
C ARG B 631 -20.26 -13.38 19.44
N CYS B 632 -19.61 -12.35 18.90
CA CYS B 632 -19.29 -12.34 17.47
C CYS B 632 -17.91 -12.89 17.16
N ALA B 633 -17.03 -13.01 18.17
CA ALA B 633 -15.72 -13.58 17.90
C ALA B 633 -15.80 -14.99 17.35
N LYS B 634 -16.74 -15.80 17.86
CA LYS B 634 -16.86 -17.19 17.47
C LYS B 634 -17.26 -17.36 16.00
N ASP B 635 -18.02 -16.42 15.45
CA ASP B 635 -18.40 -16.45 14.03
C ASP B 635 -17.39 -15.76 13.14
N LEU B 636 -16.79 -14.67 13.62
CA LEU B 636 -15.78 -13.99 12.84
C LEU B 636 -14.55 -14.86 12.66
N PHE B 637 -14.23 -15.72 13.62
CA PHE B 637 -13.13 -16.67 13.43
C PHE B 637 -13.44 -17.64 12.30
N GLY B 638 -14.67 -18.16 12.28
CA GLY B 638 -15.06 -19.09 11.24
C GLY B 638 -15.03 -18.47 9.85
N PHE B 639 -15.46 -17.21 9.74
CA PHE B 639 -15.38 -16.55 8.44
C PHE B 639 -13.95 -16.11 8.10
N ALA B 640 -13.16 -15.76 9.11
CA ALA B 640 -11.78 -15.34 8.87
C ALA B 640 -10.92 -16.48 8.37
N ILE B 641 -11.25 -17.72 8.73
CA ILE B 641 -10.54 -18.86 8.12
C ILE B 641 -10.68 -18.80 6.60
N MET B 642 -11.90 -18.65 6.10
CA MET B 642 -12.12 -18.58 4.66
C MET B 642 -11.48 -17.34 4.05
N PHE B 643 -11.60 -16.21 4.75
CA PHE B 643 -11.00 -14.97 4.26
C PHE B 643 -9.50 -15.12 4.08
N PHE B 644 -8.83 -15.74 5.06
CA PHE B 644 -7.39 -15.90 4.97
C PHE B 644 -6.98 -16.97 3.98
N ILE B 645 -7.81 -18.00 3.78
CA ILE B 645 -7.50 -18.97 2.73
C ILE B 645 -7.52 -18.30 1.37
N ILE B 646 -8.54 -17.46 1.10
CA ILE B 646 -8.58 -16.76 -0.17
C ILE B 646 -7.44 -15.74 -0.27
N PHE B 647 -7.12 -15.08 0.84
CA PHE B 647 -6.01 -14.13 0.87
C PHE B 647 -4.70 -14.81 0.49
N LEU B 648 -4.44 -15.99 1.06
CA LEU B 648 -3.24 -16.74 0.75
C LEU B 648 -3.24 -17.30 -0.66
N ALA B 649 -4.40 -17.68 -1.19
CA ALA B 649 -4.47 -18.09 -2.59
C ALA B 649 -4.05 -16.95 -3.51
N TYR B 650 -4.57 -15.75 -3.27
CA TYR B 650 -4.17 -14.60 -4.06
C TYR B 650 -2.68 -14.31 -3.90
N ALA B 651 -2.19 -14.39 -2.66
CA ALA B 651 -0.78 -14.11 -2.40
C ALA B 651 0.14 -15.08 -3.12
N GLN B 652 -0.20 -16.37 -3.10
CA GLN B 652 0.65 -17.35 -3.77
C GLN B 652 0.58 -17.21 -5.29
N LEU B 653 -0.59 -16.89 -5.83
CA LEU B 653 -0.67 -16.65 -7.27
C LEU B 653 0.19 -15.45 -7.67
N ALA B 654 0.12 -14.37 -6.90
CA ALA B 654 0.95 -13.20 -7.18
C ALA B 654 2.43 -13.53 -7.06
N TYR B 655 2.79 -14.33 -6.05
CA TYR B 655 4.19 -14.72 -5.89
C TYR B 655 4.68 -15.54 -7.08
N LEU B 656 3.86 -16.47 -7.57
CA LEU B 656 4.29 -17.32 -8.66
C LEU B 656 4.29 -16.61 -10.01
N VAL B 657 3.45 -15.60 -10.20
CA VAL B 657 3.36 -14.93 -11.50
C VAL B 657 4.24 -13.69 -11.56
N PHE B 658 4.10 -12.77 -10.60
CA PHE B 658 4.87 -11.52 -10.62
C PHE B 658 6.12 -11.58 -9.77
N GLY B 659 6.47 -12.74 -9.21
CA GLY B 659 7.52 -12.80 -8.21
C GLY B 659 8.89 -12.42 -8.71
N THR B 660 9.19 -12.71 -9.97
CA THR B 660 10.53 -12.48 -10.51
C THR B 660 10.67 -11.13 -11.20
N GLN B 661 9.66 -10.28 -11.16
CA GLN B 661 9.71 -9.08 -11.98
C GLN B 661 9.36 -7.80 -11.25
N VAL B 662 8.46 -7.85 -10.27
CA VAL B 662 7.84 -6.63 -9.76
C VAL B 662 8.65 -6.03 -8.62
N ASP B 663 9.29 -6.84 -7.80
CA ASP B 663 10.12 -6.29 -6.73
C ASP B 663 9.29 -6.07 -5.48
N ASP B 664 7.98 -6.10 -5.66
CA ASP B 664 7.07 -6.04 -4.51
C ASP B 664 6.52 -7.41 -4.15
N PHE B 665 6.76 -8.42 -4.98
CA PHE B 665 6.27 -9.78 -4.76
C PHE B 665 7.41 -10.79 -4.69
N SER B 666 8.63 -10.34 -4.40
CA SER B 666 9.80 -11.22 -4.48
C SER B 666 9.73 -12.38 -3.50
N THR B 667 9.04 -12.22 -2.37
CA THR B 667 8.87 -13.30 -1.40
C THR B 667 7.42 -13.35 -0.97
N PHE B 668 7.05 -14.48 -0.35
CA PHE B 668 5.66 -14.67 0.06
C PHE B 668 5.22 -13.61 1.07
N GLN B 669 6.08 -13.30 2.03
CA GLN B 669 5.75 -12.27 3.01
C GLN B 669 5.59 -10.92 2.34
N GLU B 670 6.43 -10.61 1.35
CA GLU B 670 6.28 -9.36 0.63
C GLU B 670 4.97 -9.33 -0.15
N CYS B 671 4.53 -10.48 -0.68
CA CYS B 671 3.22 -10.53 -1.33
C CYS B 671 2.10 -10.21 -0.35
N ILE B 672 2.18 -10.76 0.87
CA ILE B 672 1.14 -10.49 1.85
C ILE B 672 1.14 -9.00 2.23
N PHE B 673 2.34 -8.43 2.44
CA PHE B 673 2.43 -7.02 2.77
C PHE B 673 1.90 -6.15 1.64
N THR B 674 2.21 -6.51 0.40
CA THR B 674 1.75 -5.75 -0.75
C THR B 674 0.23 -5.80 -0.87
N GLN B 675 -0.37 -6.96 -0.58
CA GLN B 675 -1.83 -7.05 -0.62
C GLN B 675 -2.46 -6.20 0.47
N PHE B 676 -1.89 -6.21 1.67
CA PHE B 676 -2.41 -5.35 2.74
C PHE B 676 -2.26 -3.88 2.40
N ARG B 677 -1.19 -3.50 1.70
CA ARG B 677 -1.04 -2.13 1.23
C ARG B 677 -2.01 -1.78 0.12
N ILE B 678 -2.29 -2.73 -0.78
CA ILE B 678 -3.28 -2.51 -1.83
C ILE B 678 -4.65 -2.24 -1.20
N ILE B 679 -4.96 -2.92 -0.10
CA ILE B 679 -6.20 -2.64 0.61
C ILE B 679 -6.28 -1.17 1.00
N LEU B 680 -5.15 -0.56 1.34
CA LEU B 680 -5.11 0.86 1.67
C LEU B 680 -5.09 1.77 0.45
N GLY B 681 -4.77 1.25 -0.72
CA GLY B 681 -4.58 2.07 -1.89
C GLY B 681 -3.19 2.65 -2.06
N ASP B 682 -2.17 1.99 -1.50
CA ASP B 682 -0.79 2.47 -1.52
C ASP B 682 0.04 1.78 -2.58
N ILE B 683 -0.56 1.46 -3.74
CA ILE B 683 0.09 0.62 -4.74
C ILE B 683 0.26 1.40 -6.03
N ASN B 684 1.14 0.90 -6.90
CA ASN B 684 1.42 1.46 -8.22
C ASN B 684 1.02 0.42 -9.26
N PHE B 685 -0.19 0.57 -9.82
CA PHE B 685 -0.72 -0.39 -10.78
C PHE B 685 0.12 -0.46 -12.05
N ALA B 686 0.85 0.61 -12.39
CA ALA B 686 1.65 0.61 -13.60
C ALA B 686 2.74 -0.46 -13.56
N GLU B 687 3.39 -0.62 -12.41
CA GLU B 687 4.47 -1.60 -12.30
C GLU B 687 3.95 -3.03 -12.43
N ILE B 688 2.80 -3.34 -11.84
CA ILE B 688 2.25 -4.69 -11.94
C ILE B 688 1.56 -4.94 -13.26
N GLU B 689 1.19 -3.90 -14.00
CA GLU B 689 0.69 -4.09 -15.36
C GLU B 689 1.80 -4.33 -16.37
N GLU B 690 2.94 -3.66 -16.22
CA GLU B 690 4.05 -3.83 -17.14
C GLU B 690 4.65 -5.23 -17.06
N ALA B 691 4.68 -5.82 -15.86
CA ALA B 691 5.24 -7.16 -15.69
C ALA B 691 4.49 -8.21 -16.50
N ASN B 692 3.16 -8.14 -16.51
CA ASN B 692 2.36 -9.05 -17.32
C ASN B 692 1.10 -8.32 -17.75
N ARG B 693 1.03 -7.97 -19.04
CA ARG B 693 -0.06 -7.14 -19.53
C ARG B 693 -1.40 -7.85 -19.39
N VAL B 694 -1.41 -9.17 -19.44
CA VAL B 694 -2.58 -9.96 -19.11
C VAL B 694 -2.25 -10.78 -17.87
N LEU B 695 -3.28 -10.99 -17.03
CA LEU B 695 -3.22 -11.61 -15.70
C LEU B 695 -2.67 -10.64 -14.65
N GLY B 696 -2.21 -9.46 -15.05
CA GLY B 696 -1.89 -8.42 -14.10
C GLY B 696 -3.11 -7.58 -13.78
N PRO B 697 -3.69 -6.96 -14.81
CA PRO B 697 -4.97 -6.25 -14.60
C PRO B 697 -6.06 -7.16 -14.08
N ILE B 698 -6.12 -8.41 -14.53
CA ILE B 698 -7.13 -9.33 -14.02
C ILE B 698 -6.94 -9.56 -12.53
N TYR B 699 -5.71 -9.83 -12.11
CA TYR B 699 -5.42 -10.05 -10.70
C TYR B 699 -5.80 -8.83 -9.87
N PHE B 700 -5.33 -7.65 -10.29
CA PHE B 700 -5.58 -6.44 -9.50
C PHE B 700 -7.07 -6.14 -9.41
N THR B 701 -7.76 -6.12 -10.55
CA THR B 701 -9.17 -5.74 -10.57
C THR B 701 -10.01 -6.75 -9.79
N THR B 702 -9.78 -8.04 -10.00
CA THR B 702 -10.56 -9.05 -9.30
C THR B 702 -10.29 -9.00 -7.81
N PHE B 703 -9.04 -8.81 -7.41
CA PHE B 703 -8.71 -8.70 -5.99
C PHE B 703 -9.44 -7.53 -5.35
N VAL B 704 -9.34 -6.35 -5.95
CA VAL B 704 -9.97 -5.17 -5.37
C VAL B 704 -11.48 -5.36 -5.29
N PHE B 705 -12.09 -5.82 -6.38
CA PHE B 705 -13.54 -5.97 -6.43
C PHE B 705 -14.02 -6.96 -5.38
N PHE B 706 -13.42 -8.15 -5.32
CA PHE B 706 -13.92 -9.17 -4.41
C PHE B 706 -13.57 -8.87 -2.96
N MET B 707 -12.49 -8.11 -2.72
CA MET B 707 -12.13 -7.75 -1.36
C MET B 707 -13.06 -6.68 -0.80
N PHE B 708 -13.41 -5.69 -1.63
CA PHE B 708 -14.22 -4.58 -1.14
C PHE B 708 -15.72 -4.81 -1.29
N PHE B 709 -16.14 -5.59 -2.27
CA PHE B 709 -17.57 -5.77 -2.52
C PHE B 709 -18.15 -6.97 -1.80
N ILE B 710 -17.34 -8.00 -1.54
CA ILE B 710 -17.86 -9.26 -1.00
C ILE B 710 -17.31 -9.53 0.39
N LEU B 711 -15.99 -9.60 0.51
CA LEU B 711 -15.39 -10.01 1.78
C LEU B 711 -15.55 -8.95 2.87
N LEU B 712 -15.45 -7.67 2.52
CA LEU B 712 -15.57 -6.62 3.52
C LEU B 712 -17.01 -6.45 4.01
N ASN B 713 -17.98 -7.02 3.32
CA ASN B 713 -19.39 -6.86 3.67
C ASN B 713 -19.98 -8.05 4.41
N MET B 714 -19.41 -9.25 4.25
CA MET B 714 -19.86 -10.37 5.07
C MET B 714 -19.49 -10.17 6.54
N PHE B 715 -18.34 -9.55 6.80
CA PHE B 715 -17.98 -9.20 8.17
C PHE B 715 -19.03 -8.27 8.77
N LEU B 716 -19.44 -7.25 8.02
CA LEU B 716 -20.48 -6.35 8.48
C LEU B 716 -21.79 -7.08 8.71
N ALA B 717 -22.15 -7.98 7.80
CA ALA B 717 -23.39 -8.73 7.97
C ALA B 717 -23.40 -9.51 9.27
N ILE B 718 -22.30 -10.22 9.56
CA ILE B 718 -22.22 -11.01 10.78
C ILE B 718 -22.24 -10.10 12.01
N ILE B 719 -21.47 -9.03 11.98
CA ILE B 719 -21.37 -8.15 13.15
C ILE B 719 -22.72 -7.51 13.44
N ASN B 720 -23.39 -6.99 12.41
CA ASN B 720 -24.69 -6.37 12.60
C ASN B 720 -25.73 -7.37 13.06
N ASP B 721 -25.76 -8.58 12.50
CA ASP B 721 -26.71 -9.58 12.96
C ASP B 721 -26.52 -9.90 14.43
N THR B 722 -25.28 -10.14 14.86
CA THR B 722 -25.05 -10.51 16.25
C THR B 722 -25.35 -9.34 17.19
N TYR B 723 -25.00 -8.11 16.78
CA TYR B 723 -25.28 -6.96 17.63
C TYR B 723 -26.78 -6.75 17.81
N SER B 724 -27.53 -6.80 16.71
CA SER B 724 -28.98 -6.66 16.81
C SER B 724 -29.58 -7.78 17.65
N GLU B 725 -29.10 -9.02 17.46
CA GLU B 725 -29.63 -10.14 18.22
C GLU B 725 -29.41 -9.95 19.72
N VAL B 726 -28.20 -9.57 20.12
CA VAL B 726 -27.93 -9.44 21.56
C VAL B 726 -28.68 -8.25 22.15
N LYS B 727 -28.75 -7.14 21.43
CA LYS B 727 -29.46 -5.98 21.95
C LYS B 727 -30.94 -6.30 22.12
N SER B 728 -31.55 -6.91 21.11
CA SER B 728 -32.96 -7.29 21.21
C SER B 728 -33.20 -8.32 22.30
N ASP B 729 -32.30 -9.30 22.47
CA ASP B 729 -32.49 -10.29 23.51
C ASP B 729 -32.44 -9.65 24.90
N LEU B 730 -31.47 -8.76 25.12
CA LEU B 730 -31.38 -8.08 26.41
C LEU B 730 -32.60 -7.22 26.66
N ALA B 731 -33.05 -6.48 25.64
CA ALA B 731 -34.23 -5.63 25.79
C ALA B 731 -35.47 -6.46 26.09
N GLN B 732 -35.62 -7.60 25.41
CA GLN B 732 -36.79 -8.45 25.62
C GLN B 732 -36.77 -9.06 27.02
N GLN B 733 -35.59 -9.47 27.50
CA GLN B 733 -35.53 -10.15 28.79
C GLN B 733 -35.44 -9.17 29.96
N LYS B 734 -35.24 -7.88 29.70
CA LYS B 734 -35.32 -6.88 30.76
C LYS B 734 -36.55 -6.00 30.69
N ALA B 735 -37.34 -6.08 29.62
CA ALA B 735 -38.51 -5.23 29.49
C ALA B 735 -39.71 -5.82 30.23
N GLU B 736 -40.13 -7.02 29.85
CA GLU B 736 -41.28 -7.67 30.47
C GLU B 736 -40.90 -9.01 31.06
N SER C 258 -42.14 33.55 19.21
CA SER C 258 -41.58 32.54 20.10
C SER C 258 -40.20 32.10 19.63
N VAL C 259 -40.15 30.95 18.96
CA VAL C 259 -38.87 30.44 18.44
C VAL C 259 -38.34 31.34 17.34
N LEU C 260 -39.22 32.09 16.66
CA LEU C 260 -38.79 32.97 15.59
C LEU C 260 -37.89 34.09 16.11
N ARG C 261 -38.21 34.66 17.27
CA ARG C 261 -37.37 35.71 17.83
C ARG C 261 -35.98 35.19 18.15
N GLU C 262 -35.92 34.00 18.75
CA GLU C 262 -34.62 33.39 19.05
C GLU C 262 -33.85 33.11 17.76
N LEU C 263 -34.53 32.62 16.72
CA LEU C 263 -33.86 32.35 15.47
C LEU C 263 -33.30 33.62 14.84
N VAL C 264 -34.09 34.70 14.84
CA VAL C 264 -33.62 35.93 14.19
C VAL C 264 -32.48 36.58 14.97
N THR C 265 -32.55 36.55 16.31
CA THR C 265 -31.45 37.13 17.07
C THR C 265 -30.19 36.28 16.94
N TYR C 266 -30.33 34.96 16.84
CA TYR C 266 -29.18 34.11 16.60
C TYR C 266 -28.59 34.37 15.22
N LEU C 267 -29.44 34.60 14.22
CA LEU C 267 -28.95 34.92 12.89
C LEU C 267 -28.17 36.22 12.87
N LEU C 268 -28.70 37.25 13.55
CA LEU C 268 -27.98 38.53 13.62
C LEU C 268 -26.65 38.37 14.34
N PHE C 269 -26.62 37.60 15.43
CA PHE C 269 -25.38 37.36 16.15
C PHE C 269 -24.36 36.65 15.26
N LEU C 270 -24.82 35.64 14.51
CA LEU C 270 -23.92 34.95 13.60
C LEU C 270 -23.39 35.87 12.51
N ILE C 271 -24.25 36.76 11.98
CA ILE C 271 -23.82 37.67 10.94
C ILE C 271 -22.76 38.63 11.46
N VAL C 272 -22.97 39.21 12.64
CA VAL C 272 -21.97 40.15 13.17
C VAL C 272 -20.67 39.42 13.50
N LEU C 273 -20.76 38.19 14.00
CA LEU C 273 -19.56 37.42 14.27
C LEU C 273 -18.78 37.16 12.98
N CYS C 274 -19.46 36.77 11.92
CA CYS C 274 -18.78 36.53 10.64
C CYS C 274 -18.15 37.80 10.09
N ILE C 275 -18.87 38.92 10.19
CA ILE C 275 -18.31 40.19 9.72
C ILE C 275 -17.04 40.54 10.49
N LEU C 276 -17.06 40.34 11.82
CA LEU C 276 -15.85 40.60 12.60
C LEU C 276 -14.71 39.70 12.18
N THR C 277 -14.98 38.41 11.99
CA THR C 277 -13.91 37.47 11.69
C THR C 277 -13.27 37.76 10.33
N TYR C 278 -14.10 38.04 9.32
CA TYR C 278 -13.53 38.31 8.00
C TYR C 278 -13.16 39.77 7.78
N GLY C 279 -13.45 40.64 8.73
CA GLY C 279 -12.90 41.98 8.68
C GLY C 279 -11.41 41.94 8.88
N MET C 280 -10.97 41.13 9.85
CA MET C 280 -9.56 40.92 10.15
C MET C 280 -8.97 39.73 9.40
N MET C 281 -9.63 39.29 8.33
CA MET C 281 -9.17 38.18 7.51
C MET C 281 -8.94 38.70 6.10
N SER C 282 -8.24 39.83 6.01
CA SER C 282 -7.96 40.53 4.76
C SER C 282 -7.63 39.56 3.63
N SER C 283 -8.30 39.74 2.49
CA SER C 283 -8.11 38.83 1.37
C SER C 283 -6.70 38.93 0.82
N ASN C 284 -6.15 37.78 0.42
CA ASN C 284 -4.84 37.70 -0.19
C ASN C 284 -3.76 38.31 0.71
N VAL C 285 -3.90 38.10 2.01
CA VAL C 285 -2.81 38.35 2.96
C VAL C 285 -1.78 37.23 2.93
N TYR C 286 -2.12 36.10 2.32
CA TYR C 286 -1.20 34.98 2.21
C TYR C 286 0.08 35.35 1.47
N TYR C 287 -0.04 36.11 0.39
CA TYR C 287 1.12 36.38 -0.47
C TYR C 287 2.17 37.24 0.22
N TYR C 288 1.79 38.08 1.19
CA TYR C 288 2.76 38.86 1.94
C TYR C 288 3.71 37.96 2.73
N THR C 289 3.13 37.06 3.54
CA THR C 289 3.95 36.10 4.27
C THR C 289 4.67 35.16 3.32
N ARG C 290 4.05 34.84 2.19
CA ARG C 290 4.68 33.94 1.22
C ARG C 290 5.95 34.56 0.65
N MET C 291 5.88 35.82 0.22
CA MET C 291 7.08 36.48 -0.30
C MET C 291 8.14 36.62 0.78
N MET C 292 7.74 36.95 2.01
CA MET C 292 8.71 37.05 3.09
C MET C 292 9.41 35.71 3.32
N SER C 293 8.65 34.62 3.37
CA SER C 293 9.22 33.30 3.59
C SER C 293 10.15 32.91 2.46
N GLN C 294 9.73 33.12 1.21
CA GLN C 294 10.59 32.76 0.09
C GLN C 294 11.88 33.58 0.09
N LEU C 295 11.81 34.82 0.57
CA LEU C 295 13.02 35.64 0.58
C LEU C 295 13.99 35.22 1.68
N PHE C 296 13.49 34.92 2.88
CA PHE C 296 14.38 34.65 4.00
C PHE C 296 14.64 33.18 4.29
N LEU C 297 13.99 32.26 3.58
CA LEU C 297 14.12 30.83 3.85
C LEU C 297 14.69 30.06 2.69
N ASP C 298 14.13 30.21 1.49
CA ASP C 298 14.52 29.40 0.34
C ASP C 298 15.78 29.92 -0.35
N THR C 299 16.22 31.12 -0.04
CA THR C 299 17.42 31.65 -0.68
C THR C 299 18.65 30.89 -0.20
N PRO C 300 19.49 30.37 -1.09
CA PRO C 300 20.71 29.68 -0.64
C PRO C 300 21.62 30.64 0.12
N VAL C 301 22.33 30.10 1.11
CA VAL C 301 23.17 30.90 1.97
C VAL C 301 24.30 31.60 1.23
N SER C 302 24.64 31.14 0.03
CA SER C 302 25.65 31.77 -0.80
C SER C 302 25.45 31.34 -2.24
N LYS C 303 26.15 32.01 -3.15
CA LYS C 303 26.03 31.69 -4.56
C LYS C 303 26.50 30.27 -4.87
N THR C 304 27.59 29.84 -4.23
CA THR C 304 28.12 28.51 -4.50
C THR C 304 27.34 27.43 -3.76
N GLU C 305 27.11 27.63 -2.46
CA GLU C 305 26.41 26.63 -1.67
C GLU C 305 24.95 26.52 -2.08
N LYS C 306 24.42 25.31 -1.95
CA LYS C 306 23.01 25.04 -2.19
C LYS C 306 22.21 24.92 -0.90
N THR C 307 22.80 25.29 0.23
CA THR C 307 22.13 25.20 1.52
C THR C 307 21.37 26.49 1.81
N ASN C 308 20.18 26.33 2.40
CA ASN C 308 19.38 27.47 2.82
C ASN C 308 19.03 27.34 4.29
N PHE C 309 18.16 28.22 4.80
CA PHE C 309 17.84 28.18 6.23
C PHE C 309 17.07 26.91 6.58
N LYS C 310 16.25 26.40 5.67
CA LYS C 310 15.46 25.22 5.96
C LYS C 310 16.30 23.96 6.15
N THR C 311 17.53 23.94 5.63
CA THR C 311 18.36 22.75 5.63
C THR C 311 19.71 23.02 6.27
N LEU C 312 19.72 23.74 7.38
CA LEU C 312 20.93 23.92 8.15
C LEU C 312 21.33 22.61 8.82
N SER C 313 22.63 22.34 8.86
CA SER C 313 23.13 21.10 9.42
C SER C 313 24.32 21.27 10.35
N SER C 314 24.84 22.48 10.52
CA SER C 314 26.00 22.69 11.38
C SER C 314 26.00 24.14 11.85
N MET C 315 27.11 24.55 12.47
CA MET C 315 27.25 25.90 13.00
C MET C 315 27.95 26.84 12.02
N GLU C 316 28.90 26.34 11.22
CA GLU C 316 29.45 27.14 10.14
C GLU C 316 28.40 27.45 9.09
N ASP C 317 27.41 26.56 8.92
CA ASP C 317 26.28 26.88 8.06
C ASP C 317 25.52 28.09 8.59
N PHE C 318 25.30 28.14 9.91
CA PHE C 318 24.64 29.30 10.49
C PHE C 318 25.47 30.57 10.31
N TRP C 319 26.77 30.47 10.53
CA TRP C 319 27.62 31.64 10.36
C TRP C 319 27.67 32.12 8.91
N LYS C 320 27.56 31.21 7.95
CA LYS C 320 27.49 31.61 6.55
C LYS C 320 26.13 32.22 6.21
N PHE C 321 25.07 31.68 6.79
CA PHE C 321 23.73 32.23 6.54
C PHE C 321 23.60 33.64 7.09
N THR C 322 24.09 33.87 8.31
CA THR C 322 23.94 35.18 8.94
C THR C 322 24.68 36.28 8.19
N GLU C 323 25.90 36.01 7.72
CA GLU C 323 26.63 36.97 6.91
C GLU C 323 26.23 36.96 5.45
N GLY C 324 25.35 36.03 5.05
CA GLY C 324 24.98 35.86 3.67
C GLY C 324 23.54 36.24 3.36
N SER C 325 22.66 35.24 3.31
CA SER C 325 21.28 35.45 2.90
C SER C 325 20.56 36.48 3.79
N LEU C 326 20.87 36.51 5.08
CA LEU C 326 20.18 37.43 5.97
C LEU C 326 20.48 38.89 5.62
N LEU C 327 21.77 39.23 5.49
CA LEU C 327 22.15 40.59 5.17
C LEU C 327 21.76 41.00 3.75
N ASP C 328 21.46 40.02 2.88
CA ASP C 328 20.95 40.33 1.55
C ASP C 328 19.46 40.59 1.57
N GLY C 329 18.71 39.78 2.31
CA GLY C 329 17.27 39.97 2.37
C GLY C 329 16.85 41.11 3.28
N LEU C 330 17.76 41.59 4.13
CA LEU C 330 17.41 42.66 5.05
C LEU C 330 17.61 44.05 4.46
N TYR C 331 18.80 44.34 3.95
CA TYR C 331 19.19 45.68 3.57
C TYR C 331 19.14 45.83 2.06
N TRP C 332 18.37 46.81 1.58
CA TRP C 332 18.22 47.10 0.17
C TRP C 332 18.55 48.56 -0.09
N LYS C 333 19.12 48.83 -1.27
CA LYS C 333 19.47 50.17 -1.68
C LYS C 333 18.62 50.60 -2.87
N MET C 334 18.25 51.88 -2.89
CA MET C 334 17.44 52.42 -3.95
C MET C 334 18.30 52.93 -5.11
N ASP C 343 22.64 56.54 6.69
CA ASP C 343 21.73 55.83 7.57
C ASP C 343 20.31 55.80 6.99
N ASN C 344 20.22 55.67 5.67
CA ASN C 344 18.93 55.67 5.01
C ASN C 344 18.13 54.43 5.38
N ARG C 345 16.81 54.51 5.18
CA ARG C 345 15.91 53.42 5.50
C ARG C 345 16.04 52.31 4.46
N SER C 346 15.49 51.15 4.78
CA SER C 346 15.58 49.95 3.94
C SER C 346 14.18 49.48 3.61
N PHE C 347 13.85 49.45 2.32
CA PHE C 347 12.56 48.93 1.86
C PHE C 347 12.79 47.57 1.22
N ILE C 348 12.14 46.54 1.77
CA ILE C 348 12.47 45.16 1.45
C ILE C 348 12.11 44.86 0.00
N PHE C 349 10.84 44.93 -0.34
CA PHE C 349 10.42 44.75 -1.73
C PHE C 349 10.05 46.07 -2.38
N TYR C 350 10.74 47.14 -1.98
CA TYR C 350 10.41 48.53 -2.29
C TYR C 350 9.07 48.93 -1.68
N GLU C 351 8.44 48.06 -0.90
CA GLU C 351 7.18 48.36 -0.22
C GLU C 351 7.28 48.11 1.28
N ASN C 352 8.05 47.11 1.70
CA ASN C 352 8.15 46.73 3.11
C ASN C 352 9.30 47.47 3.78
N LEU C 353 8.99 48.26 4.80
CA LEU C 353 10.00 49.05 5.49
C LEU C 353 10.46 48.36 6.75
N LEU C 354 11.78 48.23 6.91
CA LEU C 354 12.37 47.61 8.09
C LEU C 354 12.36 48.60 9.24
N LEU C 355 11.70 48.22 10.33
CA LEU C 355 11.54 49.10 11.49
C LEU C 355 12.71 48.89 12.46
N GLY C 356 13.52 49.91 12.63
CA GLY C 356 14.55 49.86 13.66
C GLY C 356 15.68 48.94 13.27
N VAL C 357 16.08 48.08 14.21
CA VAL C 357 17.23 47.20 14.03
C VAL C 357 16.85 45.78 14.41
N PRO C 358 17.47 44.76 13.82
CA PRO C 358 17.24 43.38 14.28
C PRO C 358 18.05 43.07 15.54
N ARG C 359 17.68 41.97 16.19
CA ARG C 359 18.32 41.55 17.42
C ARG C 359 18.62 40.05 17.37
N ILE C 360 19.82 39.68 17.82
CA ILE C 360 20.25 38.29 17.89
C ILE C 360 20.59 37.96 19.33
N ARG C 361 20.23 36.76 19.77
CA ARG C 361 20.31 36.39 21.18
C ARG C 361 20.47 34.88 21.31
N GLN C 362 21.38 34.44 22.18
CA GLN C 362 21.63 33.02 22.39
C GLN C 362 21.39 32.62 23.84
N LEU C 363 21.21 31.32 24.04
CA LEU C 363 21.06 30.73 25.36
C LEU C 363 22.14 29.68 25.57
N ARG C 364 22.69 29.64 26.79
CA ARG C 364 23.86 28.83 27.06
C ARG C 364 23.65 27.95 28.28
N VAL C 365 24.55 26.96 28.41
CA VAL C 365 24.64 26.11 29.59
C VAL C 365 26.08 26.14 30.06
N ARG C 366 26.29 25.78 31.33
CA ARG C 366 27.61 25.90 31.94
C ARG C 366 28.30 24.55 31.99
N ASN C 367 29.63 24.60 31.93
CA ASN C 367 30.44 23.39 32.06
C ASN C 367 30.31 22.82 33.46
N GLY C 368 29.94 21.55 33.54
CA GLY C 368 29.71 20.91 34.80
C GLY C 368 28.25 20.76 35.20
N SER C 369 27.33 21.18 34.34
CA SER C 369 25.91 20.94 34.62
C SER C 369 25.57 19.46 34.64
N CYS C 370 26.32 18.65 33.91
CA CYS C 370 26.24 17.19 33.94
C CYS C 370 27.55 16.60 34.45
N SER C 371 27.47 15.38 34.95
CA SER C 371 28.59 14.74 35.62
C SER C 371 29.09 13.57 34.79
N ILE C 372 30.41 13.48 34.64
CA ILE C 372 31.06 12.41 33.89
C ILE C 372 31.33 11.24 34.83
N PRO C 373 31.01 10.01 34.44
CA PRO C 373 31.34 8.85 35.29
C PRO C 373 32.84 8.75 35.50
N GLN C 374 33.24 8.28 36.68
CA GLN C 374 34.65 8.25 37.06
C GLN C 374 35.48 7.38 36.12
N ASP C 375 34.86 6.44 35.43
CA ASP C 375 35.61 5.57 34.52
C ASP C 375 36.22 6.35 33.37
N LEU C 376 35.47 7.31 32.82
CA LEU C 376 35.91 8.06 31.64
C LEU C 376 36.32 9.49 31.97
N ARG C 377 36.73 9.77 33.21
CA ARG C 377 37.16 11.13 33.51
C ARG C 377 38.58 11.41 33.10
N ASP C 378 39.33 10.46 32.56
CA ASP C 378 40.70 10.70 32.14
C ASP C 378 40.82 11.09 30.67
N GLU C 379 39.73 11.10 29.91
CA GLU C 379 39.78 11.55 28.52
C GLU C 379 38.64 12.47 28.13
N ILE C 380 37.63 12.66 28.98
CA ILE C 380 36.54 13.60 28.73
C ILE C 380 36.55 14.61 29.86
N LYS C 381 36.67 15.90 29.52
CA LYS C 381 36.73 16.95 30.53
C LYS C 381 35.43 17.72 30.64
N GLU C 382 34.93 18.25 29.53
CA GLU C 382 33.75 19.10 29.54
C GLU C 382 32.48 18.27 29.54
N CYS C 383 31.42 18.85 30.11
CA CYS C 383 30.11 18.21 30.15
C CYS C 383 29.07 19.32 30.19
N TYR C 384 28.29 19.43 29.11
CA TYR C 384 27.24 20.44 29.00
C TYR C 384 25.90 19.73 28.92
N ASP C 385 25.00 20.03 29.86
CA ASP C 385 23.72 19.35 29.95
C ASP C 385 22.79 19.78 28.83
N VAL C 386 21.61 19.17 28.74
CA VAL C 386 20.55 19.67 27.87
C VAL C 386 20.03 20.97 28.49
N TYR C 387 19.28 21.76 27.72
CA TYR C 387 18.89 23.07 28.20
C TYR C 387 17.89 22.95 29.35
N SER C 388 18.16 23.71 30.41
CA SER C 388 17.22 23.86 31.52
C SER C 388 17.56 25.14 32.24
N VAL C 389 16.57 25.69 32.96
CA VAL C 389 16.79 26.92 33.70
C VAL C 389 17.74 26.73 34.86
N SER C 390 17.79 25.53 35.44
CA SER C 390 18.67 25.28 36.58
C SER C 390 20.11 25.06 36.15
N SER C 391 20.36 24.80 34.87
CA SER C 391 21.70 24.56 34.36
C SER C 391 22.11 25.59 33.30
N GLU C 392 21.56 26.80 33.40
CA GLU C 392 21.81 27.85 32.44
C GLU C 392 22.99 28.71 32.88
N ASP C 393 23.83 29.10 31.93
CA ASP C 393 24.99 29.93 32.22
C ASP C 393 24.57 31.37 32.44
N ARG C 394 25.03 31.96 33.54
CA ARG C 394 24.75 33.36 33.87
C ARG C 394 26.03 34.16 34.05
N ALA C 395 27.12 33.72 33.46
CA ALA C 395 28.43 34.28 33.70
C ALA C 395 28.98 34.93 32.44
N PRO C 396 29.81 35.96 32.59
CA PRO C 396 30.44 36.58 31.42
C PRO C 396 31.48 35.66 30.79
N PHE C 397 31.77 35.92 29.52
CA PHE C 397 32.76 35.13 28.80
C PHE C 397 33.31 35.96 27.64
N GLY C 398 34.36 35.43 27.02
CA GLY C 398 35.00 36.08 25.90
C GLY C 398 35.68 37.38 26.28
N PRO C 399 35.71 38.33 25.36
CA PRO C 399 36.16 39.71 25.65
C PRO C 399 35.07 40.54 26.33
N ARG C 400 35.05 40.51 27.66
CA ARG C 400 33.92 41.04 28.41
C ARG C 400 33.86 42.56 28.37
N ASN C 401 33.34 43.12 27.28
CA ASN C 401 33.16 44.56 27.16
C ASN C 401 31.76 44.97 26.74
N GLY C 402 31.07 44.19 25.91
CA GLY C 402 29.77 44.55 25.40
C GLY C 402 28.64 43.77 26.05
N THR C 403 27.44 44.01 25.54
CA THR C 403 26.24 43.34 26.04
C THR C 403 26.04 41.96 25.44
N ALA C 404 26.81 41.60 24.41
CA ALA C 404 26.73 40.27 23.83
C ALA C 404 27.51 39.23 24.63
N TRP C 405 28.31 39.66 25.60
CA TRP C 405 29.11 38.77 26.43
C TRP C 405 28.69 38.82 27.90
N ILE C 406 27.55 39.41 28.20
CA ILE C 406 27.10 39.61 29.58
C ILE C 406 25.65 39.16 29.68
N TYR C 407 25.35 38.35 30.68
CA TYR C 407 23.99 37.87 30.88
C TYR C 407 23.06 39.01 31.27
N THR C 408 21.86 38.99 30.68
CA THR C 408 20.82 39.96 30.99
C THR C 408 19.55 39.19 31.30
N SER C 409 18.96 39.47 32.46
CA SER C 409 17.84 38.67 32.94
C SER C 409 16.62 38.84 32.04
N GLU C 410 15.61 38.01 32.31
CA GLU C 410 14.38 38.04 31.50
C GLU C 410 13.63 39.35 31.62
N LYS C 411 13.52 39.91 32.83
CA LYS C 411 12.80 41.16 33.03
C LYS C 411 13.57 42.37 32.56
N ASP C 412 14.90 42.36 32.68
CA ASP C 412 15.71 43.45 32.14
C ASP C 412 15.79 43.42 30.63
N LEU C 413 15.31 42.36 29.99
CA LEU C 413 15.38 42.21 28.54
C LEU C 413 14.01 42.23 27.89
N ASN C 414 12.93 42.21 28.69
CA ASN C 414 11.56 42.27 28.20
C ASN C 414 11.25 41.10 27.26
N GLY C 415 11.38 39.89 27.81
CA GLY C 415 11.17 38.67 27.05
C GLY C 415 10.21 37.73 27.76
N SER C 416 10.01 36.58 27.12
CA SER C 416 9.17 35.53 27.70
C SER C 416 9.57 34.19 27.08
N SER C 417 8.94 33.13 27.58
CA SER C 417 9.25 31.78 27.12
C SER C 417 8.82 31.61 25.66
N HIS C 418 9.47 30.66 24.98
CA HIS C 418 9.25 30.48 23.55
C HIS C 418 8.63 29.14 23.18
N TRP C 419 8.96 28.08 23.91
CA TRP C 419 8.51 26.73 23.55
C TRP C 419 8.96 26.32 22.15
N GLY C 420 10.26 26.13 21.97
CA GLY C 420 10.80 25.58 20.74
C GLY C 420 10.49 24.11 20.61
N ILE C 421 11.28 23.42 19.77
CA ILE C 421 11.06 22.00 19.54
C ILE C 421 11.70 21.16 20.64
N ILE C 422 12.98 21.38 20.91
CA ILE C 422 13.68 20.57 21.90
C ILE C 422 13.15 20.85 23.30
N ALA C 423 13.02 22.12 23.66
CA ALA C 423 12.57 22.50 25.00
C ALA C 423 11.86 23.84 24.92
N THR C 424 11.53 24.39 26.08
CA THR C 424 10.87 25.68 26.21
C THR C 424 11.89 26.68 26.72
N TYR C 425 12.38 27.53 25.84
CA TYR C 425 13.46 28.45 26.16
C TYR C 425 12.92 29.67 26.91
N SER C 426 13.82 30.38 27.57
CA SER C 426 13.47 31.54 28.37
C SER C 426 13.76 32.83 27.61
N GLY C 427 13.36 33.94 28.20
CA GLY C 427 13.52 35.24 27.57
C GLY C 427 14.80 35.98 27.88
N ALA C 428 15.74 35.34 28.59
CA ALA C 428 16.99 35.98 28.95
C ALA C 428 18.09 35.52 28.00
N GLY C 429 19.33 35.88 28.31
CA GLY C 429 20.45 35.38 27.58
C GLY C 429 21.35 36.51 27.14
N TYR C 430 22.25 36.18 26.20
CA TYR C 430 23.24 37.12 25.68
C TYR C 430 22.74 37.62 24.33
N TYR C 431 22.47 38.92 24.25
CA TYR C 431 21.84 39.51 23.09
C TYR C 431 22.73 40.60 22.51
N LEU C 432 22.38 41.04 21.30
CA LEU C 432 23.05 42.18 20.67
C LEU C 432 22.08 42.81 19.68
N ASP C 433 21.90 44.12 19.79
CA ASP C 433 21.06 44.86 18.85
C ASP C 433 21.95 45.34 17.70
N LEU C 434 21.58 44.95 16.48
CA LEU C 434 22.38 45.25 15.31
C LEU C 434 22.16 46.69 14.86
N SER C 435 22.63 47.04 13.68
CA SER C 435 22.61 48.41 13.19
C SER C 435 21.52 48.61 12.14
N ARG C 436 21.37 49.85 11.71
CA ARG C 436 20.35 50.22 10.73
C ARG C 436 20.79 49.99 9.29
N THR C 437 22.08 50.04 9.02
CA THR C 437 22.62 49.84 7.68
C THR C 437 23.24 48.44 7.59
N ARG C 438 23.83 48.15 6.43
CA ARG C 438 24.45 46.85 6.20
C ARG C 438 25.94 46.86 6.45
N GLU C 439 26.62 47.97 6.13
CA GLU C 439 28.08 48.00 6.21
C GLU C 439 28.56 47.73 7.62
N GLU C 440 27.91 48.31 8.62
CA GLU C 440 28.34 48.13 10.00
C GLU C 440 27.70 46.91 10.68
N THR C 441 26.53 46.46 10.21
CA THR C 441 26.00 45.18 10.69
C THR C 441 26.92 44.03 10.29
N ALA C 442 27.44 44.07 9.06
CA ALA C 442 28.40 43.06 8.65
C ALA C 442 29.65 43.09 9.52
N ALA C 443 30.12 44.29 9.87
CA ALA C 443 31.28 44.40 10.75
C ALA C 443 30.98 43.84 12.14
N GLN C 444 29.79 44.11 12.67
CA GLN C 444 29.42 43.58 13.98
C GLN C 444 29.38 42.06 13.96
N VAL C 445 28.80 41.46 12.92
CA VAL C 445 28.74 40.01 12.84
C VAL C 445 30.12 39.41 12.65
N ALA C 446 30.98 40.08 11.87
CA ALA C 446 32.35 39.60 11.71
C ALA C 446 33.10 39.64 13.03
N SER C 447 32.91 40.69 13.82
CA SER C 447 33.54 40.75 15.13
C SER C 447 33.01 39.67 16.07
N LEU C 448 31.70 39.40 16.03
CA LEU C 448 31.16 38.31 16.82
C LEU C 448 31.67 36.95 16.36
N LYS C 449 32.01 36.81 15.09
CA LYS C 449 32.58 35.56 14.58
C LYS C 449 34.05 35.40 14.95
N LYS C 450 34.82 36.49 14.94
CA LYS C 450 36.23 36.42 15.30
C LYS C 450 36.41 35.93 16.73
N ASN C 451 35.96 36.73 17.70
CA ASN C 451 35.89 36.28 19.09
C ASN C 451 34.74 35.29 19.18
N VAL C 452 35.06 34.01 19.38
CA VAL C 452 34.08 32.94 19.25
C VAL C 452 32.88 33.22 20.15
N TRP C 453 31.72 33.42 19.53
CA TRP C 453 30.48 33.69 20.25
C TRP C 453 29.62 32.45 20.44
N LEU C 454 29.73 31.48 19.54
CA LEU C 454 28.96 30.25 19.59
C LEU C 454 29.92 29.12 19.95
N ASP C 455 29.97 28.77 21.23
CA ASP C 455 30.83 27.73 21.74
C ASP C 455 30.06 26.42 21.82
N ARG C 456 30.65 25.42 22.47
CA ARG C 456 29.96 24.16 22.72
C ARG C 456 28.81 24.30 23.71
N GLY C 457 28.72 25.42 24.43
CA GLY C 457 27.67 25.60 25.41
C GLY C 457 26.37 26.13 24.86
N THR C 458 26.41 26.66 23.63
CA THR C 458 25.22 27.27 23.04
C THR C 458 24.11 26.25 22.87
N ARG C 459 22.89 26.65 23.23
CA ARG C 459 21.73 25.78 23.12
C ARG C 459 20.61 26.31 22.25
N ALA C 460 20.61 27.60 21.92
CA ALA C 460 19.59 28.17 21.04
C ALA C 460 20.09 29.51 20.54
N THR C 461 19.45 30.01 19.49
CA THR C 461 19.73 31.34 18.96
C THR C 461 18.49 31.87 18.27
N PHE C 462 18.21 33.15 18.45
CA PHE C 462 17.03 33.81 17.90
C PHE C 462 17.44 35.03 17.08
N ILE C 463 16.64 35.33 16.06
CA ILE C 463 16.74 36.57 15.30
C ILE C 463 15.34 37.13 15.12
N ASP C 464 15.17 38.42 15.41
CA ASP C 464 13.86 39.05 15.33
C ASP C 464 13.97 40.41 14.63
N PHE C 465 12.97 40.72 13.82
CA PHE C 465 12.86 42.02 13.16
C PHE C 465 11.42 42.19 12.68
N SER C 466 11.11 43.39 12.20
CA SER C 466 9.74 43.71 11.80
C SER C 466 9.74 44.60 10.56
N VAL C 467 8.63 44.54 9.82
CA VAL C 467 8.42 45.35 8.62
C VAL C 467 6.99 45.90 8.64
N TYR C 468 6.76 46.94 7.84
CA TYR C 468 5.49 47.67 7.87
C TYR C 468 4.66 47.52 6.61
N ASN C 469 5.20 47.82 5.42
CA ASN C 469 4.43 47.77 4.18
C ASN C 469 3.22 48.71 4.19
N ALA C 470 3.46 50.02 4.14
CA ALA C 470 2.42 51.03 4.34
C ALA C 470 1.30 50.99 3.30
N ASN C 471 1.42 50.20 2.22
CA ASN C 471 0.35 50.15 1.22
C ASN C 471 -0.94 49.65 1.83
N ILE C 472 -0.95 48.41 2.30
CA ILE C 472 -1.96 47.96 3.26
C ILE C 472 -1.45 48.37 4.63
N ASN C 473 -2.31 48.31 5.65
CA ASN C 473 -1.89 48.70 7.00
C ASN C 473 -1.71 47.43 7.81
N LEU C 474 -0.51 46.86 7.75
CA LEU C 474 -0.30 45.52 8.30
C LEU C 474 1.19 45.32 8.58
N PHE C 475 1.55 45.26 9.86
CA PHE C 475 2.90 44.92 10.27
C PHE C 475 3.16 43.43 10.05
N CYS C 476 4.44 43.05 10.11
CA CYS C 476 4.84 41.65 10.06
C CYS C 476 5.98 41.45 11.07
N VAL C 477 5.90 40.37 11.85
CA VAL C 477 6.87 40.07 12.88
C VAL C 477 7.55 38.75 12.55
N VAL C 478 8.88 38.78 12.48
CA VAL C 478 9.67 37.63 12.05
C VAL C 478 10.52 37.13 13.21
N ARG C 479 10.58 35.81 13.35
CA ARG C 479 11.46 35.18 14.33
C ARG C 479 12.06 33.92 13.72
N LEU C 480 13.38 33.82 13.78
CA LEU C 480 14.11 32.67 13.26
C LEU C 480 14.87 32.00 14.39
N LEU C 481 14.54 30.74 14.67
CA LEU C 481 15.11 30.02 15.80
C LEU C 481 15.97 28.86 15.31
N VAL C 482 17.16 28.75 15.87
CA VAL C 482 18.11 27.67 15.57
C VAL C 482 18.48 26.99 16.88
N GLU C 483 18.14 25.72 17.01
CA GLU C 483 18.41 24.95 18.21
C GLU C 483 19.61 24.04 17.99
N PHE C 484 20.56 24.07 18.92
CA PHE C 484 21.70 23.17 18.87
C PHE C 484 21.51 22.09 19.92
N PRO C 485 21.14 20.86 19.54
CA PRO C 485 20.87 19.82 20.53
C PRO C 485 22.15 19.36 21.20
N ALA C 486 21.96 18.67 22.33
CA ALA C 486 23.08 18.20 23.14
C ALA C 486 23.83 17.03 22.51
N THR C 487 23.34 16.50 21.40
CA THR C 487 24.00 15.41 20.68
C THR C 487 24.74 15.90 19.44
N GLY C 488 24.71 17.19 19.15
CA GLY C 488 25.30 17.72 17.93
C GLY C 488 24.26 17.96 16.86
N GLY C 489 24.46 18.98 16.03
CA GLY C 489 23.53 19.25 14.95
C GLY C 489 22.81 20.59 15.07
N VAL C 490 21.78 20.78 14.25
CA VAL C 490 21.03 22.03 14.19
C VAL C 490 19.58 21.69 13.84
N ILE C 491 18.65 22.33 14.52
CA ILE C 491 17.22 22.23 14.20
C ILE C 491 16.66 23.62 13.94
N PRO C 492 16.51 24.05 12.69
CA PRO C 492 16.00 25.40 12.42
C PRO C 492 14.49 25.48 12.43
N SER C 493 14.00 26.66 12.82
CA SER C 493 12.57 26.97 12.85
C SER C 493 12.37 28.42 12.44
N TRP C 494 11.12 28.78 12.17
CA TRP C 494 10.79 30.11 11.70
C TRP C 494 9.34 30.42 12.05
N GLN C 495 8.98 31.70 11.98
CA GLN C 495 7.60 32.12 12.20
C GLN C 495 7.42 33.51 11.62
N PHE C 496 6.46 33.67 10.70
CA PHE C 496 6.10 34.96 10.13
C PHE C 496 4.64 35.22 10.46
N GLN C 497 4.38 36.33 11.15
CA GLN C 497 3.03 36.64 11.62
C GLN C 497 2.69 38.10 11.32
N PRO C 498 1.67 38.37 10.51
CA PRO C 498 1.27 39.76 10.26
C PRO C 498 0.32 40.31 11.32
N LEU C 499 0.48 41.60 11.61
CA LEU C 499 -0.30 42.26 12.64
C LEU C 499 -0.78 43.62 12.14
N LYS C 500 -1.83 44.12 12.77
CA LYS C 500 -2.40 45.43 12.48
C LYS C 500 -2.60 46.16 13.80
N LEU C 501 -1.88 47.27 13.99
CA LEU C 501 -1.89 47.99 15.27
C LEU C 501 -2.35 49.44 15.14
N ILE C 502 -2.76 49.87 13.94
CA ILE C 502 -3.17 51.25 13.72
C ILE C 502 -4.60 51.23 13.22
N ARG C 503 -5.41 50.34 13.80
CA ARG C 503 -6.71 49.91 13.26
C ARG C 503 -7.50 51.00 12.54
N TYR C 504 -7.79 52.11 13.22
CA TYR C 504 -8.70 53.12 12.69
C TYR C 504 -8.00 53.94 11.62
N VAL C 505 -8.12 53.52 10.36
CA VAL C 505 -7.56 54.28 9.25
C VAL C 505 -8.61 54.55 8.18
N THR C 506 -9.59 53.66 8.03
CA THR C 506 -10.54 53.73 6.94
C THR C 506 -11.97 53.63 7.49
N THR C 507 -12.94 53.84 6.60
CA THR C 507 -14.35 53.78 7.00
C THR C 507 -14.76 52.34 7.34
N PHE C 508 -14.22 51.36 6.62
CA PHE C 508 -14.51 49.97 6.96
C PHE C 508 -13.98 49.64 8.35
N ASP C 509 -12.91 50.28 8.78
CA ASP C 509 -12.40 50.08 10.13
C ASP C 509 -13.37 50.61 11.18
N PHE C 510 -13.99 51.75 10.92
CA PHE C 510 -15.01 52.27 11.83
C PHE C 510 -16.23 51.34 11.85
N PHE C 511 -16.61 50.81 10.69
CA PHE C 511 -17.68 49.83 10.64
C PHE C 511 -17.35 48.61 11.48
N LEU C 512 -16.11 48.14 11.39
CA LEU C 512 -15.67 47.00 12.20
C LEU C 512 -15.71 47.32 13.68
N ALA C 513 -15.33 48.53 14.07
CA ALA C 513 -15.42 48.91 15.47
C ALA C 513 -16.87 48.91 15.96
N ALA C 514 -17.79 49.42 15.13
CA ALA C 514 -19.19 49.37 15.50
C ALA C 514 -19.68 47.94 15.68
N CYS C 515 -19.28 47.06 14.76
CA CYS C 515 -19.65 45.64 14.90
C CYS C 515 -19.03 45.03 16.14
N GLU C 516 -17.82 45.45 16.52
CA GLU C 516 -17.21 44.96 17.75
C GLU C 516 -18.06 45.34 18.97
N ILE C 517 -18.52 46.59 19.01
CA ILE C 517 -19.36 47.03 20.11
C ILE C 517 -20.65 46.23 20.15
N ILE C 518 -21.26 46.02 18.98
CA ILE C 518 -22.52 45.28 18.92
C ILE C 518 -22.32 43.83 19.39
N PHE C 519 -21.19 43.22 19.00
CA PHE C 519 -20.90 41.86 19.43
C PHE C 519 -20.70 41.79 20.94
N CYS C 520 -20.00 42.77 21.52
CA CYS C 520 -19.88 42.82 22.97
C CYS C 520 -21.25 42.92 23.62
N PHE C 521 -22.17 43.68 23.02
CA PHE C 521 -23.52 43.78 23.55
C PHE C 521 -24.24 42.44 23.54
N PHE C 522 -24.14 41.70 22.42
CA PHE C 522 -24.72 40.36 22.37
C PHE C 522 -24.14 39.45 23.44
N ILE C 523 -22.81 39.50 23.61
CA ILE C 523 -22.19 38.61 24.58
C ILE C 523 -22.65 38.95 25.99
N PHE C 524 -22.77 40.24 26.31
CA PHE C 524 -23.27 40.63 27.62
C PHE C 524 -24.70 40.14 27.83
N TYR C 525 -25.55 40.28 26.80
CA TYR C 525 -26.93 39.81 26.94
C TYR C 525 -26.99 38.31 27.16
N TYR C 526 -26.19 37.55 26.41
CA TYR C 526 -26.16 36.10 26.58
C TYR C 526 -25.66 35.71 27.96
N VAL C 527 -24.64 36.41 28.46
CA VAL C 527 -24.14 36.10 29.81
C VAL C 527 -25.20 36.38 30.85
N VAL C 528 -25.91 37.50 30.73
CA VAL C 528 -26.96 37.82 31.70
C VAL C 528 -28.04 36.75 31.68
N GLU C 529 -28.47 36.34 30.48
CA GLU C 529 -29.50 35.32 30.38
C GLU C 529 -29.02 33.97 30.94
N GLU C 530 -27.75 33.61 30.68
CA GLU C 530 -27.22 32.36 31.19
C GLU C 530 -27.16 32.36 32.72
N ILE C 531 -26.71 33.49 33.31
CA ILE C 531 -26.69 33.58 34.77
C ILE C 531 -28.10 33.49 35.32
N LEU C 532 -29.06 34.13 34.67
CA LEU C 532 -30.45 34.05 35.13
C LEU C 532 -30.97 32.62 35.07
N GLU C 533 -30.64 31.88 34.01
CA GLU C 533 -31.14 30.52 33.83
C GLU C 533 -30.30 29.48 34.58
N ILE C 534 -29.17 29.86 35.16
CA ILE C 534 -28.38 28.93 35.96
C ILE C 534 -28.52 29.17 37.45
N ARG C 535 -28.82 30.40 37.88
CA ARG C 535 -28.77 30.73 39.30
C ARG C 535 -30.01 30.27 40.07
N ILE C 536 -31.20 30.58 39.56
CA ILE C 536 -32.44 30.33 40.28
C ILE C 536 -33.36 29.37 39.53
N HIS C 537 -33.51 29.55 38.22
CA HIS C 537 -34.44 28.74 37.45
C HIS C 537 -33.73 27.54 36.84
N LYS C 538 -34.32 26.36 37.03
CA LYS C 538 -33.80 25.11 36.48
C LYS C 538 -32.33 24.90 36.87
N LEU C 539 -32.11 24.76 38.17
CA LEU C 539 -30.77 24.57 38.69
C LEU C 539 -30.17 23.26 38.17
N HIS C 540 -28.89 23.31 37.83
CA HIS C 540 -28.16 22.17 37.27
C HIS C 540 -28.84 21.65 36.01
N TYR C 541 -28.89 22.52 35.01
CA TYR C 541 -29.59 22.25 33.76
C TYR C 541 -28.65 21.72 32.67
N PHE C 542 -27.44 21.29 33.04
CA PHE C 542 -26.49 20.78 32.05
C PHE C 542 -26.87 19.42 31.49
N ARG C 543 -28.04 18.90 31.83
CA ARG C 543 -28.46 17.60 31.31
C ARG C 543 -28.74 17.63 29.81
N SER C 544 -28.83 18.80 29.21
CA SER C 544 -29.06 18.94 27.77
C SER C 544 -27.75 19.23 27.06
N PHE C 545 -27.81 19.20 25.73
CA PHE C 545 -26.62 19.47 24.91
C PHE C 545 -26.54 20.91 24.46
N TRP C 546 -27.67 21.51 24.07
CA TRP C 546 -27.63 22.89 23.59
C TRP C 546 -27.23 23.85 24.70
N ASN C 547 -27.62 23.57 25.94
CA ASN C 547 -27.19 24.42 27.06
C ASN C 547 -25.68 24.37 27.24
N CYS C 548 -25.08 23.18 27.16
CA CYS C 548 -23.64 23.07 27.26
C CYS C 548 -22.95 23.78 26.10
N LEU C 549 -23.53 23.66 24.89
CA LEU C 549 -22.97 24.36 23.74
C LEU C 549 -23.00 25.87 23.95
N ASP C 550 -24.11 26.39 24.48
CA ASP C 550 -24.20 27.82 24.76
C ASP C 550 -23.17 28.24 25.80
N VAL C 551 -22.97 27.41 26.83
CA VAL C 551 -21.96 27.74 27.84
C VAL C 551 -20.57 27.80 27.22
N VAL C 552 -20.24 26.83 26.37
CA VAL C 552 -18.92 26.84 25.71
C VAL C 552 -18.76 28.07 24.83
N ILE C 553 -19.79 28.41 24.06
CA ILE C 553 -19.70 29.57 23.18
C ILE C 553 -19.52 30.85 23.99
N VAL C 554 -20.27 30.99 25.08
CA VAL C 554 -20.17 32.18 25.92
C VAL C 554 -18.78 32.28 26.54
N VAL C 555 -18.26 31.17 27.07
CA VAL C 555 -16.94 31.20 27.71
C VAL C 555 -15.87 31.58 26.69
N LEU C 556 -15.92 30.96 25.51
CA LEU C 556 -14.92 31.27 24.49
C LEU C 556 -15.01 32.72 24.06
N SER C 557 -16.23 33.25 23.90
CA SER C 557 -16.38 34.64 23.50
C SER C 557 -15.87 35.58 24.57
N VAL C 558 -16.12 35.28 25.84
CA VAL C 558 -15.64 36.15 26.92
C VAL C 558 -14.12 36.11 26.99
N VAL C 559 -13.51 34.93 26.79
CA VAL C 559 -12.05 34.86 26.76
C VAL C 559 -11.49 35.69 25.61
N ALA C 560 -12.12 35.59 24.43
CA ALA C 560 -11.66 36.37 23.28
C ALA C 560 -11.79 37.87 23.54
N ILE C 561 -12.90 38.30 24.13
CA ILE C 561 -13.08 39.71 24.44
C ILE C 561 -12.05 40.18 25.47
N GLY C 562 -11.75 39.32 26.46
CA GLY C 562 -10.73 39.68 27.43
C GLY C 562 -9.37 39.86 26.80
N ILE C 563 -8.98 38.94 25.93
CA ILE C 563 -7.70 39.07 25.23
C ILE C 563 -7.68 40.34 24.39
N ASN C 564 -8.76 40.61 23.66
CA ASN C 564 -8.82 41.78 22.81
C ASN C 564 -8.72 43.06 23.62
N ILE C 565 -9.41 43.12 24.76
CA ILE C 565 -9.34 44.30 25.62
C ILE C 565 -7.93 44.47 26.18
N TYR C 566 -7.31 43.36 26.59
CA TYR C 566 -5.97 43.43 27.16
C TYR C 566 -4.94 43.94 26.15
N ARG C 567 -5.00 43.45 24.91
CA ARG C 567 -3.97 43.80 23.92
C ARG C 567 -4.46 44.80 22.89
N THR C 568 -5.57 45.49 23.15
CA THR C 568 -6.01 46.57 22.27
C THR C 568 -5.57 47.95 22.74
N SER C 569 -5.29 48.09 24.03
CA SER C 569 -4.73 49.32 24.58
C SER C 569 -3.31 49.15 25.08
N ASN C 570 -2.81 47.92 25.10
CA ASN C 570 -1.42 47.64 25.49
C ASN C 570 -0.52 47.68 24.26
N VAL C 571 -0.56 48.81 23.57
CA VAL C 571 0.25 49.04 22.39
C VAL C 571 1.21 50.18 22.65
N GLU C 572 1.56 50.41 23.91
CA GLU C 572 2.52 51.46 24.23
C GLU C 572 3.91 51.12 23.73
N VAL C 573 4.18 49.85 23.41
CA VAL C 573 5.44 49.49 22.78
C VAL C 573 5.56 50.16 21.41
N LEU C 574 4.45 50.26 20.68
CA LEU C 574 4.47 50.96 19.40
C LEU C 574 4.78 52.44 19.59
N LEU C 575 4.19 53.07 20.60
CA LEU C 575 4.50 54.48 20.86
C LEU C 575 5.95 54.67 21.26
N GLN C 576 6.47 53.77 22.09
CA GLN C 576 7.87 53.85 22.51
C GLN C 576 8.81 53.68 21.34
N PHE C 577 8.46 52.83 20.37
CA PHE C 577 9.27 52.75 19.15
C PHE C 577 9.14 54.01 18.31
N LEU C 578 7.92 54.56 18.22
CA LEU C 578 7.71 55.71 17.34
C LEU C 578 8.40 56.96 17.85
N GLU C 579 8.51 57.12 19.18
CA GLU C 579 9.20 58.30 19.70
C GLU C 579 10.70 58.25 19.43
N ASP C 580 11.27 57.05 19.25
CA ASP C 580 12.68 56.91 18.89
C ASP C 580 12.80 55.65 18.04
N GLN C 581 12.97 55.85 16.73
CA GLN C 581 12.90 54.74 15.77
C GLN C 581 14.22 54.02 15.59
N ASN C 582 15.26 54.38 16.33
CA ASN C 582 16.57 53.76 16.21
C ASN C 582 16.76 52.62 17.20
N THR C 583 15.67 52.01 17.66
CA THR C 583 15.75 50.92 18.64
C THR C 583 15.10 49.65 18.10
N PHE C 584 15.01 48.62 18.93
CA PHE C 584 14.41 47.36 18.53
C PHE C 584 12.93 47.36 18.89
N PRO C 585 12.02 47.22 17.92
CA PRO C 585 10.59 47.15 18.22
C PRO C 585 10.22 45.82 18.86
N ASN C 586 9.60 45.88 20.05
CA ASN C 586 9.27 44.69 20.83
C ASN C 586 7.82 44.31 20.54
N PHE C 587 7.63 43.48 19.51
CA PHE C 587 6.30 43.11 19.05
C PHE C 587 6.02 41.61 19.18
N GLU C 588 6.82 40.90 19.98
CA GLU C 588 6.62 39.46 20.08
C GLU C 588 5.40 39.10 20.91
N HIS C 589 5.18 39.83 22.02
CA HIS C 589 4.00 39.56 22.84
C HIS C 589 2.72 39.83 22.07
N LEU C 590 2.70 40.90 21.28
CA LEU C 590 1.54 41.22 20.47
C LEU C 590 1.25 40.11 19.46
N ALA C 591 2.30 39.58 18.82
CA ALA C 591 2.11 38.49 17.88
C ALA C 591 1.58 37.25 18.56
N TYR C 592 2.12 36.92 19.74
CA TYR C 592 1.65 35.75 20.48
C TYR C 592 0.18 35.87 20.83
N TRP C 593 -0.22 37.04 21.33
CA TRP C 593 -1.62 37.22 21.71
C TRP C 593 -2.54 37.30 20.49
N GLN C 594 -2.04 37.81 19.37
CA GLN C 594 -2.80 37.76 18.13
C GLN C 594 -3.06 36.31 17.71
N ILE C 595 -2.04 35.45 17.82
CA ILE C 595 -2.21 34.05 17.46
C ILE C 595 -3.23 33.38 18.37
N GLN C 596 -3.13 33.63 19.68
CA GLN C 596 -4.10 33.03 20.60
C GLN C 596 -5.52 33.52 20.33
N PHE C 597 -5.66 34.82 20.05
CA PHE C 597 -6.97 35.38 19.74
C PHE C 597 -7.54 34.77 18.47
N ASN C 598 -6.69 34.57 17.45
CA ASN C 598 -7.14 33.95 16.21
C ASN C 598 -7.64 32.53 16.47
N ASN C 599 -6.91 31.77 17.28
CA ASN C 599 -7.33 30.40 17.60
C ASN C 599 -8.69 30.40 18.29
N ILE C 600 -8.85 31.26 19.30
CA ILE C 600 -10.10 31.30 20.05
C ILE C 600 -11.26 31.70 19.13
N ALA C 601 -11.04 32.70 18.27
CA ALA C 601 -12.09 33.14 17.37
C ALA C 601 -12.48 32.05 16.37
N ALA C 602 -11.49 31.31 15.84
CA ALA C 602 -11.80 30.24 14.92
C ALA C 602 -12.63 29.15 15.59
N VAL C 603 -12.27 28.76 16.81
CA VAL C 603 -13.04 27.74 17.51
C VAL C 603 -14.46 28.25 17.81
N THR C 604 -14.58 29.52 18.20
CA THR C 604 -15.90 30.08 18.48
C THR C 604 -16.77 30.09 17.24
N VAL C 605 -16.19 30.44 16.08
CA VAL C 605 -16.97 30.43 14.83
C VAL C 605 -17.42 29.02 14.51
N PHE C 606 -16.53 28.04 14.67
CA PHE C 606 -16.92 26.65 14.42
C PHE C 606 -18.12 26.26 15.28
N PHE C 607 -18.06 26.58 16.57
CA PHE C 607 -19.15 26.16 17.45
C PHE C 607 -20.44 26.94 17.20
N VAL C 608 -20.34 28.22 16.84
CA VAL C 608 -21.54 28.98 16.48
C VAL C 608 -22.20 28.37 15.25
N TRP C 609 -21.41 27.97 14.26
CA TRP C 609 -21.97 27.31 13.10
C TRP C 609 -22.62 25.98 13.47
N ILE C 610 -21.97 25.21 14.34
CA ILE C 610 -22.52 23.92 14.76
C ILE C 610 -23.83 24.10 15.52
N LYS C 611 -24.02 25.24 16.18
CA LYS C 611 -25.28 25.49 16.90
C LYS C 611 -26.48 25.57 15.97
N LEU C 612 -26.28 25.69 14.66
CA LEU C 612 -27.39 25.91 13.74
C LEU C 612 -28.36 24.72 13.73
N PHE C 613 -27.93 23.55 14.19
CA PHE C 613 -28.76 22.35 14.14
C PHE C 613 -29.97 22.46 15.05
N LYS C 614 -29.99 23.45 15.93
CA LYS C 614 -31.12 23.63 16.84
C LYS C 614 -32.38 24.10 16.12
N PHE C 615 -32.25 24.66 14.92
CA PHE C 615 -33.38 25.28 14.24
C PHE C 615 -33.82 24.56 12.97
N ILE C 616 -33.05 23.60 12.47
CA ILE C 616 -33.43 22.88 11.25
C ILE C 616 -34.28 21.68 11.66
N ASN C 617 -35.55 21.95 11.91
CA ASN C 617 -36.56 20.92 12.16
C ASN C 617 -37.84 21.28 11.42
N PHE C 618 -37.69 21.78 10.18
CA PHE C 618 -38.80 22.39 9.47
C PHE C 618 -39.69 21.38 8.73
N ASN C 619 -39.33 20.11 8.71
CA ASN C 619 -40.23 19.08 8.20
C ASN C 619 -40.04 17.81 9.03
N ARG C 620 -40.69 16.73 8.60
CA ARG C 620 -40.56 15.45 9.30
C ARG C 620 -39.25 14.74 9.00
N THR C 621 -38.71 14.89 7.79
CA THR C 621 -37.46 14.21 7.46
C THR C 621 -36.30 14.73 8.30
N MET C 622 -36.15 16.05 8.40
CA MET C 622 -35.07 16.62 9.19
C MET C 622 -35.24 16.30 10.68
N SER C 623 -36.48 16.32 11.19
CA SER C 623 -36.71 15.96 12.58
C SER C 623 -36.34 14.50 12.84
N GLN C 624 -36.73 13.60 11.94
CA GLN C 624 -36.37 12.19 12.10
C GLN C 624 -34.87 11.99 12.06
N LEU C 625 -34.19 12.66 11.13
CA LEU C 625 -32.73 12.54 11.05
C LEU C 625 -32.06 13.06 12.31
N SER C 626 -32.54 14.18 12.84
CA SER C 626 -31.99 14.71 14.08
C SER C 626 -32.21 13.76 15.25
N THR C 627 -33.40 13.17 15.35
CA THR C 627 -33.66 12.21 16.42
C THR C 627 -32.76 10.98 16.30
N THR C 628 -32.59 10.46 15.09
CA THR C 628 -31.73 9.30 14.90
C THR C 628 -30.29 9.63 15.26
N MET C 629 -29.80 10.79 14.84
CA MET C 629 -28.43 11.19 15.17
C MET C 629 -28.26 11.45 16.66
N SER C 630 -29.29 11.92 17.34
CA SER C 630 -29.23 12.16 18.77
C SER C 630 -29.26 10.87 19.59
N ARG C 631 -30.10 9.91 19.21
CA ARG C 631 -30.26 8.71 20.02
C ARG C 631 -29.08 7.74 19.86
N CYS C 632 -28.22 7.94 18.87
CA CYS C 632 -27.01 7.15 18.73
C CYS C 632 -25.79 7.86 19.32
N ALA C 633 -26.00 8.70 20.32
CA ALA C 633 -24.91 9.44 20.95
C ALA C 633 -24.26 8.69 22.10
N LYS C 634 -25.04 7.99 22.92
CA LYS C 634 -24.48 7.24 24.04
C LYS C 634 -23.87 5.91 23.61
N ASP C 635 -24.24 5.40 22.43
CA ASP C 635 -23.66 4.16 21.95
C ASP C 635 -22.36 4.41 21.21
N LEU C 636 -22.34 5.41 20.34
CA LEU C 636 -21.11 5.76 19.63
C LEU C 636 -20.03 6.23 20.59
N PHE C 637 -20.40 6.96 21.65
CA PHE C 637 -19.41 7.37 22.64
C PHE C 637 -18.86 6.18 23.41
N GLY C 638 -19.76 5.28 23.85
CA GLY C 638 -19.35 4.09 24.56
C GLY C 638 -18.45 3.18 23.76
N PHE C 639 -18.67 3.07 22.46
CA PHE C 639 -17.75 2.32 21.62
C PHE C 639 -16.52 3.11 21.22
N ALA C 640 -16.60 4.44 21.19
CA ALA C 640 -15.42 5.24 20.91
C ALA C 640 -14.40 5.13 22.02
N ILE C 641 -14.87 4.95 23.26
CA ILE C 641 -13.93 4.69 24.36
C ILE C 641 -13.09 3.45 24.07
N MET C 642 -13.73 2.35 23.68
CA MET C 642 -13.01 1.12 23.38
C MET C 642 -12.13 1.27 22.15
N PHE C 643 -12.65 1.92 21.11
CA PHE C 643 -11.86 2.18 19.91
C PHE C 643 -10.58 2.92 20.27
N PHE C 644 -10.67 3.93 21.13
CA PHE C 644 -9.50 4.70 21.49
C PHE C 644 -8.58 3.98 22.46
N ILE C 645 -9.10 3.06 23.28
CA ILE C 645 -8.22 2.21 24.06
C ILE C 645 -7.34 1.38 23.15
N ILE C 646 -7.95 0.74 22.14
CA ILE C 646 -7.16 -0.06 21.19
C ILE C 646 -6.22 0.83 20.38
N PHE C 647 -6.70 2.01 19.97
CA PHE C 647 -5.89 2.94 19.20
C PHE C 647 -4.66 3.38 19.99
N LEU C 648 -4.84 3.70 21.27
CA LEU C 648 -3.72 4.14 22.09
C LEU C 648 -2.77 3.00 22.42
N ALA C 649 -3.27 1.77 22.58
CA ALA C 649 -2.38 0.64 22.74
C ALA C 649 -1.49 0.47 21.52
N TYR C 650 -2.08 0.55 20.32
CA TYR C 650 -1.27 0.45 19.11
C TYR C 650 -0.27 1.60 19.00
N ALA C 651 -0.69 2.81 19.36
CA ALA C 651 0.21 3.96 19.31
C ALA C 651 1.37 3.79 20.27
N GLN C 652 1.11 3.26 21.46
CA GLN C 652 2.17 3.02 22.43
C GLN C 652 3.17 1.98 21.91
N LEU C 653 2.65 0.89 21.33
CA LEU C 653 3.55 -0.12 20.75
C LEU C 653 4.40 0.47 19.65
N ALA C 654 3.79 1.27 18.76
CA ALA C 654 4.53 1.90 17.68
C ALA C 654 5.59 2.86 18.21
N TYR C 655 5.27 3.63 19.25
CA TYR C 655 6.26 4.53 19.85
C TYR C 655 7.42 3.75 20.45
N LEU C 656 7.13 2.65 21.14
CA LEU C 656 8.19 1.88 21.76
C LEU C 656 9.07 1.15 20.75
N VAL C 657 8.52 0.78 19.60
CA VAL C 657 9.28 0.03 18.61
C VAL C 657 10.01 0.97 17.65
N PHE C 658 9.31 1.92 17.04
CA PHE C 658 9.83 2.77 15.98
C PHE C 658 10.24 4.16 16.45
N GLY C 659 10.20 4.43 17.75
CA GLY C 659 10.32 5.79 18.23
C GLY C 659 11.69 6.42 18.09
N THR C 660 12.69 5.66 17.64
CA THR C 660 14.06 6.16 17.62
C THR C 660 14.57 6.35 16.20
N GLN C 661 13.88 5.82 15.19
CA GLN C 661 14.48 5.74 13.87
C GLN C 661 13.59 6.11 12.70
N VAL C 662 12.29 6.34 12.86
CA VAL C 662 11.45 6.51 11.69
C VAL C 662 11.35 7.96 11.20
N ASP C 663 11.08 8.92 12.10
CA ASP C 663 10.68 10.33 12.05
C ASP C 663 9.16 10.51 12.01
N ASP C 664 8.37 9.45 11.92
CA ASP C 664 6.93 9.55 12.02
C ASP C 664 6.41 9.05 13.35
N PHE C 665 7.27 8.41 14.15
CA PHE C 665 6.91 7.89 15.46
C PHE C 665 7.80 8.46 16.56
N SER C 666 8.52 9.55 16.27
CA SER C 666 9.50 10.07 17.20
C SER C 666 8.89 10.60 18.49
N THR C 667 7.61 10.95 18.49
CA THR C 667 6.90 11.38 19.68
C THR C 667 5.53 10.72 19.72
N PHE C 668 4.93 10.71 20.90
CA PHE C 668 3.64 10.03 21.06
C PHE C 668 2.56 10.69 20.21
N GLN C 669 2.48 12.02 20.22
CA GLN C 669 1.50 12.70 19.39
C GLN C 669 1.76 12.43 17.91
N GLU C 670 3.04 12.42 17.51
CA GLU C 670 3.36 12.05 16.13
C GLU C 670 2.94 10.63 15.82
N CYS C 671 3.05 9.73 16.81
CA CYS C 671 2.56 8.37 16.62
C CYS C 671 1.06 8.37 16.36
N ILE C 672 0.30 9.15 17.13
CA ILE C 672 -1.15 9.20 16.93
C ILE C 672 -1.49 9.75 15.55
N PHE C 673 -0.78 10.80 15.13
CA PHE C 673 -1.04 11.39 13.82
C PHE C 673 -0.71 10.42 12.70
N THR C 674 0.34 9.64 12.87
CA THR C 674 0.68 8.69 11.85
C THR C 674 -0.39 7.67 11.71
N GLN C 675 -1.02 7.24 12.75
CA GLN C 675 -2.08 6.28 12.63
C GLN C 675 -3.30 6.73 11.91
N PHE C 676 -3.75 7.95 12.10
CA PHE C 676 -4.89 8.49 11.38
C PHE C 676 -4.38 8.62 9.99
N ARG C 677 -3.12 8.88 9.81
CA ARG C 677 -2.77 8.95 8.40
C ARG C 677 -2.66 7.59 7.74
N ILE C 678 -2.41 6.53 8.51
CA ILE C 678 -2.33 5.18 7.93
C ILE C 678 -3.66 4.80 7.28
N ILE C 679 -4.78 5.16 7.92
CA ILE C 679 -6.09 4.81 7.42
C ILE C 679 -6.31 5.35 6.01
N LEU C 680 -5.73 6.50 5.71
CA LEU C 680 -5.85 7.12 4.40
C LEU C 680 -4.85 6.57 3.39
N GLY C 681 -4.00 5.63 3.80
CA GLY C 681 -3.02 5.08 2.89
C GLY C 681 -1.98 6.09 2.46
N ASP C 682 -1.39 6.79 3.41
CA ASP C 682 -0.42 7.86 3.15
C ASP C 682 0.89 7.56 3.89
N ILE C 683 1.39 6.33 3.72
CA ILE C 683 2.53 5.86 4.47
C ILE C 683 3.62 5.39 3.51
N ASN C 684 4.80 5.13 4.07
CA ASN C 684 5.92 4.64 3.29
C ASN C 684 6.01 3.12 3.35
N PHE C 685 6.18 2.57 4.56
CA PHE C 685 6.32 1.14 4.82
C PHE C 685 7.68 0.63 4.34
N ALA C 686 8.42 1.45 3.61
CA ALA C 686 9.80 1.11 3.28
C ALA C 686 10.76 1.46 4.41
N GLU C 687 10.30 2.26 5.37
CA GLU C 687 11.08 2.60 6.56
C GLU C 687 10.56 1.92 7.82
N ILE C 688 9.27 1.59 7.85
CA ILE C 688 8.75 0.76 8.95
C ILE C 688 9.35 -0.64 8.89
N GLU C 689 9.43 -1.22 7.69
CA GLU C 689 9.87 -2.60 7.54
C GLU C 689 11.37 -2.78 7.72
N GLU C 690 12.18 -1.76 7.40
CA GLU C 690 13.61 -1.86 7.62
C GLU C 690 14.02 -1.42 9.02
N ALA C 691 13.17 -0.70 9.74
CA ALA C 691 13.45 -0.36 11.13
C ALA C 691 13.36 -1.58 12.03
N ASN C 692 12.42 -2.47 11.76
CA ASN C 692 12.28 -3.72 12.52
C ASN C 692 11.65 -4.74 11.58
N ARG C 693 12.45 -5.69 11.11
CA ARG C 693 11.98 -6.64 10.10
C ARG C 693 10.87 -7.54 10.63
N VAL C 694 10.91 -7.88 11.91
CA VAL C 694 9.80 -8.56 12.58
C VAL C 694 9.23 -7.59 13.60
N LEU C 695 7.94 -7.73 13.90
CA LEU C 695 7.16 -6.86 14.79
C LEU C 695 6.85 -5.52 14.14
N GLY C 696 7.41 -5.22 12.97
CA GLY C 696 7.01 -4.06 12.21
C GLY C 696 5.92 -4.40 11.22
N PRO C 697 6.18 -5.41 10.37
CA PRO C 697 5.10 -5.92 9.51
C PRO C 697 3.93 -6.51 10.28
N ILE C 698 4.18 -7.17 11.41
CA ILE C 698 3.09 -7.70 12.23
C ILE C 698 2.19 -6.56 12.70
N TYR C 699 2.82 -5.48 13.19
CA TYR C 699 2.10 -4.28 13.55
C TYR C 699 1.20 -3.78 12.42
N PHE C 700 1.77 -3.61 11.23
CA PHE C 700 1.03 -3.03 10.12
C PHE C 700 -0.14 -3.92 9.72
N THR C 701 0.12 -5.22 9.59
CA THR C 701 -0.92 -6.15 9.16
C THR C 701 -2.06 -6.20 10.16
N THR C 702 -1.76 -6.39 11.44
CA THR C 702 -2.82 -6.46 12.44
C THR C 702 -3.57 -5.14 12.56
N PHE C 703 -2.86 -4.00 12.49
CA PHE C 703 -3.54 -2.71 12.58
C PHE C 703 -4.51 -2.53 11.42
N VAL C 704 -4.08 -2.82 10.20
CA VAL C 704 -4.94 -2.67 9.04
C VAL C 704 -6.16 -3.59 9.16
N PHE C 705 -5.93 -4.84 9.54
CA PHE C 705 -7.04 -5.79 9.64
C PHE C 705 -8.05 -5.36 10.67
N PHE C 706 -7.58 -4.90 11.84
CA PHE C 706 -8.52 -4.56 12.91
C PHE C 706 -9.21 -3.22 12.68
N MET C 707 -8.54 -2.28 11.99
CA MET C 707 -9.21 -1.03 11.66
C MET C 707 -10.30 -1.24 10.62
N PHE C 708 -9.98 -1.99 9.55
CA PHE C 708 -10.91 -2.00 8.42
C PHE C 708 -11.98 -3.08 8.53
N PHE C 709 -11.67 -4.22 9.16
CA PHE C 709 -12.58 -5.36 9.11
C PHE C 709 -13.38 -5.57 10.40
N ILE C 710 -13.07 -4.85 11.47
CA ILE C 710 -13.75 -5.09 12.73
C ILE C 710 -14.41 -3.83 13.27
N LEU C 711 -13.62 -2.79 13.53
CA LEU C 711 -14.15 -1.61 14.21
C LEU C 711 -15.01 -0.73 13.32
N LEU C 712 -14.62 -0.54 12.05
CA LEU C 712 -15.45 0.24 11.13
C LEU C 712 -16.81 -0.40 10.95
N ASN C 713 -16.84 -1.72 10.78
CA ASN C 713 -18.10 -2.45 10.66
C ASN C 713 -18.91 -2.37 11.96
N MET C 714 -18.24 -2.31 13.12
CA MET C 714 -18.98 -2.17 14.37
C MET C 714 -19.62 -0.80 14.50
N PHE C 715 -18.91 0.25 14.10
CA PHE C 715 -19.51 1.58 14.04
C PHE C 715 -20.73 1.58 13.13
N LEU C 716 -20.58 1.03 11.93
CA LEU C 716 -21.71 1.02 10.99
C LEU C 716 -22.87 0.17 11.52
N ALA C 717 -22.57 -0.93 12.22
CA ALA C 717 -23.64 -1.75 12.78
C ALA C 717 -24.42 -0.99 13.84
N ILE C 718 -23.71 -0.26 14.71
CA ILE C 718 -24.38 0.55 15.72
C ILE C 718 -25.27 1.59 15.05
N ILE C 719 -24.75 2.27 14.04
CA ILE C 719 -25.52 3.32 13.36
C ILE C 719 -26.75 2.73 12.70
N ASN C 720 -26.59 1.61 11.99
CA ASN C 720 -27.70 0.98 11.29
C ASN C 720 -28.80 0.59 12.26
N ASP C 721 -28.42 -0.11 13.34
CA ASP C 721 -29.41 -0.60 14.28
C ASP C 721 -30.14 0.55 14.95
N THR C 722 -29.40 1.59 15.35
CA THR C 722 -30.06 2.73 16.00
C THR C 722 -31.03 3.42 15.05
N TYR C 723 -30.62 3.65 13.79
CA TYR C 723 -31.50 4.31 12.85
C TYR C 723 -32.77 3.50 12.63
N SER C 724 -32.62 2.18 12.44
CA SER C 724 -33.80 1.35 12.21
C SER C 724 -34.74 1.39 13.41
N GLU C 725 -34.20 1.25 14.63
CA GLU C 725 -35.05 1.25 15.81
C GLU C 725 -35.76 2.58 16.00
N VAL C 726 -35.04 3.69 15.81
CA VAL C 726 -35.65 5.01 16.01
C VAL C 726 -36.75 5.25 14.99
N LYS C 727 -36.46 4.97 13.72
CA LYS C 727 -37.48 5.18 12.69
C LYS C 727 -38.71 4.32 12.95
N SER C 728 -38.51 3.04 13.28
CA SER C 728 -39.64 2.16 13.53
C SER C 728 -40.47 2.65 14.72
N ASP C 729 -39.81 3.03 15.82
CA ASP C 729 -40.57 3.40 17.01
C ASP C 729 -41.31 4.72 16.82
N LEU C 730 -40.68 5.71 16.19
CA LEU C 730 -41.40 6.97 15.97
C LEU C 730 -42.54 6.78 14.99
N ALA C 731 -42.34 5.96 13.95
CA ALA C 731 -43.43 5.71 13.00
C ALA C 731 -44.60 5.01 13.68
N GLN C 732 -44.31 4.01 14.51
CA GLN C 732 -45.40 3.27 15.15
C GLN C 732 -46.10 4.11 16.21
N GLN C 733 -45.37 4.99 16.90
CA GLN C 733 -46.02 5.84 17.89
C GLN C 733 -46.82 6.96 17.24
N LYS C 734 -46.40 7.44 16.07
CA LYS C 734 -47.17 8.45 15.37
C LYS C 734 -48.40 7.85 14.70
N ALA C 735 -48.28 6.63 14.19
CA ALA C 735 -49.42 6.00 13.52
C ALA C 735 -50.54 5.67 14.50
N GLU C 736 -50.22 5.53 15.79
CA GLU C 736 -51.22 5.24 16.80
C GLU C 736 -52.07 6.47 17.08
N SER D 258 -44.25 -1.02 -26.81
CA SER D 258 -44.72 0.06 -25.95
C SER D 258 -43.61 1.08 -25.70
N VAL D 259 -42.57 0.64 -24.98
CA VAL D 259 -41.41 1.49 -24.72
C VAL D 259 -40.25 1.03 -25.58
N LEU D 260 -40.51 0.09 -26.49
CA LEU D 260 -39.45 -0.44 -27.35
C LEU D 260 -38.91 0.64 -28.28
N ARG D 261 -39.79 1.45 -28.87
CA ARG D 261 -39.32 2.51 -29.74
C ARG D 261 -38.62 3.62 -28.97
N GLU D 262 -39.18 3.93 -27.79
CA GLU D 262 -38.65 4.98 -26.95
C GLU D 262 -37.26 4.62 -26.51
N LEU D 263 -37.12 3.38 -26.10
CA LEU D 263 -35.81 2.91 -25.72
C LEU D 263 -34.94 2.90 -26.95
N VAL D 264 -35.47 2.45 -28.08
CA VAL D 264 -34.68 2.39 -29.29
C VAL D 264 -34.20 3.76 -29.72
N THR D 265 -35.08 4.76 -29.67
CA THR D 265 -34.70 6.10 -30.08
C THR D 265 -33.62 6.60 -29.17
N TYR D 266 -33.83 6.41 -27.87
CA TYR D 266 -32.82 6.88 -26.97
C TYR D 266 -31.49 6.18 -27.17
N LEU D 267 -31.49 4.88 -27.44
CA LEU D 267 -30.23 4.16 -27.70
C LEU D 267 -29.53 4.70 -28.93
N LEU D 268 -30.31 5.02 -29.97
CA LEU D 268 -29.71 5.57 -31.18
C LEU D 268 -29.06 6.90 -30.89
N PHE D 269 -29.75 7.70 -30.08
CA PHE D 269 -29.29 9.00 -29.66
C PHE D 269 -27.99 8.85 -28.88
N LEU D 270 -27.90 7.84 -28.02
CA LEU D 270 -26.67 7.60 -27.25
C LEU D 270 -25.41 7.22 -28.03
N ILE D 271 -25.55 6.39 -29.04
CA ILE D 271 -24.45 5.99 -29.92
C ILE D 271 -23.96 7.18 -30.74
N VAL D 272 -24.87 8.07 -31.14
CA VAL D 272 -24.44 9.28 -31.84
C VAL D 272 -23.56 10.14 -30.94
N LEU D 273 -23.99 10.34 -29.69
CA LEU D 273 -23.16 11.09 -28.75
C LEU D 273 -21.82 10.42 -28.51
N CYS D 274 -21.81 9.08 -28.40
CA CYS D 274 -20.55 8.38 -28.17
C CYS D 274 -19.60 8.56 -29.35
N ILE D 275 -20.11 8.48 -30.58
CA ILE D 275 -19.26 8.70 -31.74
C ILE D 275 -18.73 10.12 -31.77
N LEU D 276 -19.58 11.11 -31.46
CA LEU D 276 -19.11 12.50 -31.45
C LEU D 276 -18.01 12.70 -30.40
N THR D 277 -18.20 12.13 -29.20
CA THR D 277 -17.18 12.27 -28.17
C THR D 277 -15.88 11.58 -28.56
N TYR D 278 -15.97 10.39 -29.15
CA TYR D 278 -14.76 9.72 -29.60
C TYR D 278 -14.04 10.52 -30.66
N GLY D 279 -14.78 11.12 -31.60
CA GLY D 279 -14.15 12.00 -32.57
C GLY D 279 -13.52 13.21 -31.92
N MET D 280 -14.11 13.69 -30.83
CA MET D 280 -13.57 14.84 -30.10
C MET D 280 -12.46 14.46 -29.13
N MET D 281 -12.42 13.22 -28.68
CA MET D 281 -11.45 12.76 -27.68
C MET D 281 -10.05 12.57 -28.26
N SER D 282 -9.92 12.44 -29.58
CA SER D 282 -8.64 12.08 -30.19
C SER D 282 -8.23 13.09 -31.25
N SER D 283 -8.28 14.38 -30.92
CA SER D 283 -7.92 15.43 -31.87
C SER D 283 -6.41 15.63 -32.01
N ASN D 284 -5.60 14.94 -31.18
CA ASN D 284 -4.14 15.05 -31.23
C ASN D 284 -3.69 16.49 -31.02
N VAL D 285 -4.41 17.20 -30.15
CA VAL D 285 -4.15 18.61 -29.87
C VAL D 285 -3.43 18.78 -28.53
N TYR D 286 -3.77 17.94 -27.56
CA TYR D 286 -3.28 18.04 -26.20
C TYR D 286 -1.76 17.86 -26.15
N TYR D 287 -1.25 16.95 -26.96
CA TYR D 287 0.19 16.86 -27.19
C TYR D 287 0.74 18.19 -27.73
N TYR D 288 0.04 18.78 -28.70
CA TYR D 288 0.50 20.02 -29.28
C TYR D 288 0.48 21.15 -28.25
N THR D 289 -0.53 21.18 -27.37
CA THR D 289 -0.55 22.26 -26.40
C THR D 289 0.55 22.09 -25.35
N ARG D 290 0.88 20.86 -24.94
CA ARG D 290 2.10 20.72 -24.14
C ARG D 290 3.31 21.28 -24.88
N MET D 291 3.53 20.84 -26.12
CA MET D 291 4.79 21.16 -26.78
C MET D 291 4.82 22.58 -27.33
N MET D 292 3.71 23.31 -27.25
CA MET D 292 3.70 24.74 -27.52
C MET D 292 3.81 25.59 -26.26
N SER D 293 3.22 25.15 -25.14
CA SER D 293 3.38 25.90 -23.90
C SER D 293 4.78 25.73 -23.33
N GLN D 294 5.40 24.56 -23.56
CA GLN D 294 6.75 24.32 -23.05
C GLN D 294 7.79 25.25 -23.66
N LEU D 295 7.55 25.77 -24.85
CA LEU D 295 8.46 26.71 -25.48
C LEU D 295 8.56 28.03 -24.73
N PHE D 296 7.45 28.54 -24.20
CA PHE D 296 7.40 29.84 -23.54
C PHE D 296 7.58 29.76 -22.03
N LEU D 297 6.86 28.85 -21.37
CA LEU D 297 6.83 28.83 -19.91
C LEU D 297 7.95 28.00 -19.29
N ASP D 298 8.73 27.28 -20.08
CA ASP D 298 9.75 26.41 -19.53
C ASP D 298 11.18 26.70 -19.99
N THR D 299 11.36 27.45 -21.06
CA THR D 299 12.70 27.80 -21.51
C THR D 299 13.28 28.91 -20.65
N PRO D 300 14.48 28.74 -20.07
CA PRO D 300 15.13 29.83 -19.35
C PRO D 300 15.17 31.12 -20.17
N VAL D 301 15.26 32.23 -19.44
CA VAL D 301 15.35 33.54 -20.10
C VAL D 301 16.65 33.64 -20.90
N SER D 302 17.75 33.14 -20.35
CA SER D 302 19.03 33.15 -21.06
C SER D 302 19.79 31.89 -20.69
N LYS D 303 21.03 31.77 -21.16
CA LYS D 303 21.83 30.59 -20.88
C LYS D 303 22.33 30.57 -19.44
N THR D 304 22.32 31.72 -18.77
CA THR D 304 22.89 31.84 -17.44
C THR D 304 21.90 31.46 -16.35
N GLU D 305 20.74 32.10 -16.33
CA GLU D 305 19.79 31.90 -15.24
C GLU D 305 18.84 30.74 -15.56
N LYS D 306 18.30 30.14 -14.51
CA LYS D 306 17.32 29.08 -14.60
C LYS D 306 15.88 29.61 -14.56
N THR D 307 15.71 30.90 -14.33
CA THR D 307 14.39 31.50 -14.18
C THR D 307 13.60 31.42 -15.48
N ASN D 308 12.31 31.13 -15.35
CA ASN D 308 11.39 31.07 -16.49
C ASN D 308 10.06 31.68 -16.06
N PHE D 309 9.12 31.71 -17.00
CA PHE D 309 7.82 32.31 -16.71
C PHE D 309 7.08 31.57 -15.61
N LYS D 310 7.34 30.27 -15.45
CA LYS D 310 6.68 29.53 -14.38
C LYS D 310 7.14 29.97 -13.01
N THR D 311 8.34 30.53 -12.90
CA THR D 311 8.95 30.89 -11.62
C THR D 311 9.50 32.30 -11.66
N LEU D 312 8.70 33.24 -12.14
CA LEU D 312 9.06 34.65 -12.03
C LEU D 312 8.98 35.09 -10.58
N SER D 313 9.88 35.99 -10.19
CA SER D 313 9.89 36.44 -8.80
C SER D 313 10.15 37.93 -8.61
N SER D 314 10.27 38.72 -9.67
CA SER D 314 10.59 40.13 -9.51
C SER D 314 10.21 40.89 -10.78
N MET D 315 10.71 42.12 -10.86
CA MET D 315 10.45 42.93 -12.05
C MET D 315 11.61 42.84 -13.04
N GLU D 316 12.84 42.76 -12.54
CA GLU D 316 14.00 42.72 -13.44
C GLU D 316 14.01 41.45 -14.29
N ASP D 317 13.67 40.30 -13.68
CA ASP D 317 13.58 39.09 -14.47
C ASP D 317 12.45 39.12 -15.48
N PHE D 318 11.35 39.81 -15.17
CA PHE D 318 10.29 40.00 -16.16
C PHE D 318 10.79 40.85 -17.33
N TRP D 319 11.54 41.91 -17.03
CA TRP D 319 12.11 42.73 -18.09
C TRP D 319 13.07 41.91 -18.94
N LYS D 320 13.84 41.01 -18.31
CA LYS D 320 14.69 40.11 -19.06
C LYS D 320 13.86 39.18 -19.94
N PHE D 321 12.74 38.68 -19.41
CA PHE D 321 11.91 37.75 -20.15
C PHE D 321 11.28 38.39 -21.38
N THR D 322 10.81 39.62 -21.27
CA THR D 322 10.13 40.25 -22.39
C THR D 322 11.06 40.58 -23.55
N GLU D 323 12.37 40.53 -23.36
CA GLU D 323 13.35 40.65 -24.43
C GLU D 323 14.29 39.45 -24.29
N GLY D 324 13.96 38.36 -24.97
CA GLY D 324 14.62 37.10 -24.71
C GLY D 324 13.70 35.92 -24.92
N SER D 325 13.48 35.14 -23.87
CA SER D 325 12.69 33.91 -23.92
C SER D 325 11.34 34.09 -24.61
N LEU D 326 10.85 35.33 -24.67
CA LEU D 326 9.64 35.61 -25.44
C LEU D 326 9.95 35.75 -26.93
N LEU D 327 10.84 36.68 -27.28
CA LEU D 327 11.21 36.87 -28.68
C LEU D 327 11.92 35.64 -29.23
N ASP D 328 12.71 34.96 -28.39
CA ASP D 328 13.42 33.76 -28.85
C ASP D 328 12.44 32.66 -29.22
N GLY D 329 11.28 32.59 -28.58
CA GLY D 329 10.32 31.55 -28.86
C GLY D 329 9.18 31.99 -29.74
N LEU D 330 9.16 33.28 -30.09
CA LEU D 330 8.12 33.84 -30.94
C LEU D 330 8.57 34.04 -32.38
N TYR D 331 9.89 34.09 -32.62
CA TYR D 331 10.43 34.18 -33.97
C TYR D 331 11.63 33.24 -34.08
N TRP D 332 11.44 32.10 -34.71
CA TRP D 332 12.56 31.21 -35.00
C TRP D 332 12.20 30.21 -36.08
N TYR D 350 5.97 23.61 -31.12
CA TYR D 350 7.07 23.25 -32.01
C TYR D 350 7.62 24.45 -32.76
N GLU D 351 7.35 24.50 -34.06
CA GLU D 351 7.96 25.50 -34.93
C GLU D 351 6.91 26.48 -35.43
N ASN D 352 6.06 26.94 -34.52
CA ASN D 352 4.98 27.86 -34.85
C ASN D 352 5.53 29.19 -35.36
N LEU D 353 4.67 29.93 -36.06
CA LEU D 353 5.02 31.24 -36.59
C LEU D 353 3.96 32.26 -36.16
N LEU D 354 4.26 33.52 -36.44
CA LEU D 354 3.38 34.61 -36.03
C LEU D 354 2.14 34.66 -36.91
N LEU D 355 1.12 35.39 -36.44
CA LEU D 355 -0.14 35.51 -37.13
C LEU D 355 -0.67 36.95 -37.07
N GLY D 356 0.23 37.90 -36.83
CA GLY D 356 -0.17 39.30 -36.69
C GLY D 356 0.78 40.09 -35.82
N VAL D 357 0.26 41.06 -35.08
CA VAL D 357 1.08 41.84 -34.16
C VAL D 357 0.61 41.59 -32.73
N PRO D 358 1.51 41.34 -31.79
CA PRO D 358 1.09 41.16 -30.40
C PRO D 358 0.88 42.48 -29.69
N ARG D 359 0.25 42.43 -28.51
CA ARG D 359 -0.06 43.63 -27.75
C ARG D 359 0.36 43.44 -26.30
N ILE D 360 0.93 44.48 -25.72
CA ILE D 360 1.30 44.50 -24.31
C ILE D 360 0.56 45.65 -23.64
N ARG D 361 -0.07 45.36 -22.50
CA ARG D 361 -0.91 46.32 -21.80
C ARG D 361 -0.67 46.20 -20.30
N GLN D 362 -0.87 47.30 -19.57
CA GLN D 362 -0.72 47.27 -18.12
C GLN D 362 -1.84 48.07 -17.47
N LEU D 363 -2.15 47.72 -16.22
CA LEU D 363 -3.08 48.45 -15.39
C LEU D 363 -2.35 48.93 -14.13
N ARG D 364 -2.66 50.14 -13.69
CA ARG D 364 -1.87 50.72 -12.62
C ARG D 364 -2.72 51.64 -11.76
N VAL D 365 -2.24 51.87 -10.54
CA VAL D 365 -2.92 52.71 -9.58
C VAL D 365 -2.13 54.02 -9.45
N ARG D 366 -2.73 55.00 -8.77
CA ARG D 366 -2.19 56.34 -8.72
C ARG D 366 -1.58 56.63 -7.35
N ASN D 367 -0.54 57.46 -7.34
CA ASN D 367 0.09 57.87 -6.10
C ASN D 367 -0.89 58.65 -5.24
N GLY D 368 -0.76 58.50 -3.93
CA GLY D 368 -1.68 59.16 -3.03
C GLY D 368 -3.05 58.53 -2.99
N SER D 369 -3.16 57.25 -3.34
CA SER D 369 -4.43 56.54 -3.28
C SER D 369 -4.76 56.04 -1.88
N CYS D 370 -3.90 56.30 -0.90
CA CYS D 370 -4.03 55.75 0.43
C CYS D 370 -4.35 56.87 1.42
N SER D 371 -4.40 56.49 2.68
CA SER D 371 -4.40 57.43 3.81
C SER D 371 -3.38 56.93 4.82
N ILE D 372 -2.15 57.42 4.69
CA ILE D 372 -1.06 57.00 5.58
C ILE D 372 -1.40 57.45 7.00
N PRO D 373 -1.34 56.56 7.99
CA PRO D 373 -1.62 56.97 9.37
C PRO D 373 -0.64 58.04 9.84
N GLN D 374 -1.16 58.99 10.62
CA GLN D 374 -0.34 60.12 11.06
C GLN D 374 0.73 59.71 12.06
N ASP D 375 0.64 58.51 12.63
CA ASP D 375 1.64 58.07 13.59
C ASP D 375 3.03 57.99 12.96
N LEU D 376 3.10 57.49 11.73
CA LEU D 376 4.35 57.42 10.98
C LEU D 376 4.09 57.93 9.56
N ARG D 377 4.43 59.20 9.35
CA ARG D 377 4.33 59.83 8.04
C ARG D 377 5.61 60.58 7.68
N ASP D 378 6.54 60.74 8.62
CA ASP D 378 7.78 61.44 8.35
C ASP D 378 8.72 60.65 7.44
N GLU D 379 8.45 59.37 7.20
CA GLU D 379 9.30 58.54 6.37
C GLU D 379 8.57 57.90 5.19
N ILE D 380 7.26 57.65 5.31
CA ILE D 380 6.48 57.05 4.24
C ILE D 380 5.88 58.19 3.42
N LYS D 381 6.44 58.42 2.23
CA LYS D 381 6.00 59.52 1.39
C LYS D 381 5.00 59.10 0.32
N GLU D 382 5.09 57.87 -0.19
CA GLU D 382 4.25 57.43 -1.29
C GLU D 382 3.54 56.15 -0.92
N CYS D 383 2.25 56.08 -1.22
CA CYS D 383 1.48 54.86 -0.99
C CYS D 383 0.62 54.56 -2.20
N TYR D 384 0.54 53.29 -2.57
CA TYR D 384 -0.27 52.83 -3.68
C TYR D 384 -1.18 51.70 -3.17
N ASP D 385 -2.49 51.88 -3.33
CA ASP D 385 -3.44 50.89 -2.83
C ASP D 385 -3.40 49.63 -3.67
N VAL D 386 -4.23 48.64 -3.31
CA VAL D 386 -4.40 47.45 -4.14
C VAL D 386 -5.25 47.86 -5.34
N TYR D 387 -5.29 47.02 -6.38
CA TYR D 387 -5.98 47.40 -7.60
C TYR D 387 -7.47 47.49 -7.38
N SER D 388 -8.08 48.57 -7.89
CA SER D 388 -9.51 48.74 -7.91
C SER D 388 -9.85 49.79 -8.95
N VAL D 389 -11.10 49.77 -9.43
CA VAL D 389 -11.50 50.74 -10.44
C VAL D 389 -11.46 52.16 -9.88
N SER D 390 -11.81 52.32 -8.60
CA SER D 390 -11.79 53.64 -7.99
C SER D 390 -10.39 54.19 -7.84
N SER D 391 -9.39 53.32 -7.63
CA SER D 391 -8.02 53.74 -7.41
C SER D 391 -7.17 53.71 -8.68
N GLU D 392 -7.77 53.39 -9.82
CA GLU D 392 -7.01 53.25 -11.05
C GLU D 392 -6.51 54.61 -11.54
N ASP D 393 -5.32 54.59 -12.13
CA ASP D 393 -4.63 55.80 -12.58
C ASP D 393 -5.00 56.08 -14.02
N ARG D 394 -5.26 57.35 -14.33
CA ARG D 394 -5.65 57.76 -15.67
C ARG D 394 -4.81 58.89 -16.24
N ALA D 395 -3.89 59.44 -15.48
CA ALA D 395 -3.08 60.55 -15.94
C ALA D 395 -2.01 60.09 -16.92
N PRO D 396 -1.60 60.96 -17.84
CA PRO D 396 -0.50 60.61 -18.76
C PRO D 396 0.83 60.69 -18.04
N PHE D 397 1.49 59.55 -17.88
CA PHE D 397 2.76 59.47 -17.18
C PHE D 397 3.90 59.28 -18.18
N GLY D 398 5.08 59.75 -17.78
CA GLY D 398 6.27 59.61 -18.60
C GLY D 398 6.21 60.49 -19.83
N PRO D 399 7.14 60.25 -20.76
CA PRO D 399 7.16 61.02 -22.01
C PRO D 399 5.98 60.65 -22.89
N ARG D 400 5.18 61.65 -23.27
CA ARG D 400 3.96 61.44 -24.05
C ARG D 400 4.28 61.39 -25.54
N ASN D 401 5.06 60.38 -25.93
CA ASN D 401 5.40 60.20 -27.33
C ASN D 401 4.42 59.28 -28.04
N GLY D 402 4.08 58.16 -27.43
CA GLY D 402 3.21 57.19 -28.07
C GLY D 402 1.91 56.94 -27.33
N THR D 403 1.30 55.78 -27.56
CA THR D 403 0.04 55.43 -26.93
C THR D 403 0.20 54.61 -25.67
N ALA D 404 1.43 54.21 -25.31
CA ALA D 404 1.66 53.49 -24.07
C ALA D 404 1.81 54.41 -22.87
N TRP D 405 1.87 55.71 -23.08
CA TRP D 405 2.03 56.70 -22.02
C TRP D 405 0.79 57.57 -21.87
N ILE D 406 -0.37 57.02 -22.20
CA ILE D 406 -1.62 57.77 -22.12
C ILE D 406 -2.77 56.80 -21.96
N TYR D 407 -3.82 57.22 -21.25
CA TYR D 407 -4.93 56.33 -20.93
C TYR D 407 -5.86 56.16 -22.11
N THR D 408 -6.23 54.91 -22.38
CA THR D 408 -7.27 54.58 -23.35
C THR D 408 -8.33 53.75 -22.66
N SER D 409 -9.60 54.13 -22.82
CA SER D 409 -10.69 53.50 -22.10
C SER D 409 -10.92 52.08 -22.57
N GLU D 410 -11.79 51.34 -21.86
CA GLU D 410 -12.09 49.97 -22.24
C GLU D 410 -12.76 49.90 -23.60
N LYS D 411 -13.63 50.86 -23.92
CA LYS D 411 -14.32 50.85 -25.20
C LYS D 411 -13.34 50.97 -26.36
N ASP D 412 -12.35 51.85 -26.23
CA ASP D 412 -11.40 52.09 -27.32
C ASP D 412 -10.48 50.91 -27.58
N LEU D 413 -10.43 49.94 -26.66
CA LEU D 413 -9.61 48.74 -26.84
C LEU D 413 -10.43 47.49 -27.11
N ASN D 414 -11.75 47.58 -27.02
CA ASN D 414 -12.64 46.43 -27.19
C ASN D 414 -12.26 45.32 -26.21
N GLY D 415 -12.02 45.69 -24.96
CA GLY D 415 -11.56 44.78 -23.95
C GLY D 415 -12.67 44.39 -22.99
N SER D 416 -12.34 43.44 -22.12
CA SER D 416 -13.31 42.90 -21.16
C SER D 416 -12.56 42.54 -19.88
N SER D 417 -13.30 42.01 -18.91
CA SER D 417 -12.70 41.61 -17.63
C SER D 417 -11.87 40.34 -17.81
N HIS D 418 -10.96 40.11 -16.85
CA HIS D 418 -10.14 38.91 -16.87
C HIS D 418 -10.34 38.00 -15.68
N TRP D 419 -10.69 38.52 -14.51
CA TRP D 419 -10.91 37.72 -13.30
C TRP D 419 -9.65 36.94 -12.93
N GLY D 420 -8.61 37.71 -12.58
CA GLY D 420 -7.31 37.15 -12.23
C GLY D 420 -7.27 36.44 -10.89
N ILE D 421 -6.09 36.38 -10.29
CA ILE D 421 -5.89 35.64 -9.04
C ILE D 421 -6.23 36.48 -7.82
N ILE D 422 -5.61 37.67 -7.71
CA ILE D 422 -5.81 38.51 -6.54
C ILE D 422 -6.80 39.63 -6.78
N ALA D 423 -7.27 39.81 -8.02
CA ALA D 423 -8.23 40.86 -8.33
C ALA D 423 -8.88 40.53 -9.67
N THR D 424 -9.79 41.40 -10.10
CA THR D 424 -10.37 41.34 -11.43
C THR D 424 -9.97 42.60 -12.18
N TYR D 425 -9.50 42.44 -13.41
CA TYR D 425 -8.90 43.52 -14.18
C TYR D 425 -9.79 43.91 -15.34
N SER D 426 -9.92 45.23 -15.56
CA SER D 426 -10.73 45.73 -16.65
C SER D 426 -9.99 45.64 -17.97
N GLY D 427 -10.55 46.23 -19.02
CA GLY D 427 -9.95 46.12 -20.34
C GLY D 427 -9.16 47.33 -20.76
N ALA D 428 -9.21 48.39 -19.95
CA ALA D 428 -8.50 49.63 -20.27
C ALA D 428 -7.02 49.47 -19.94
N GLY D 429 -6.30 50.59 -19.96
CA GLY D 429 -4.92 50.58 -19.55
C GLY D 429 -4.04 51.25 -20.56
N TYR D 430 -2.73 51.01 -20.42
CA TYR D 430 -1.70 51.61 -21.27
C TYR D 430 -1.16 50.48 -22.16
N TYR D 431 -1.54 50.51 -23.44
CA TYR D 431 -1.21 49.44 -24.36
C TYR D 431 -0.24 49.91 -25.42
N LEU D 432 0.39 48.95 -26.09
CA LEU D 432 1.28 49.23 -27.21
C LEU D 432 1.36 47.99 -28.07
N ASP D 433 1.01 48.10 -29.35
CA ASP D 433 1.06 46.99 -30.29
C ASP D 433 2.49 46.86 -30.84
N LEU D 434 3.03 45.66 -30.77
CA LEU D 434 4.39 45.40 -31.21
C LEU D 434 4.42 45.27 -32.74
N SER D 435 5.57 44.85 -33.28
CA SER D 435 5.76 44.75 -34.71
C SER D 435 5.85 43.28 -35.12
N ARG D 436 5.98 43.04 -36.42
CA ARG D 436 6.09 41.69 -36.96
C ARG D 436 7.52 41.20 -37.11
N THR D 437 8.49 42.12 -37.10
CA THR D 437 9.90 41.77 -37.22
C THR D 437 10.56 41.92 -35.86
N ARG D 438 11.33 40.90 -35.46
CA ARG D 438 11.96 40.92 -34.14
C ARG D 438 12.96 42.07 -34.04
N GLU D 439 13.58 42.46 -35.16
CA GLU D 439 14.55 43.54 -35.15
C GLU D 439 13.96 44.84 -34.62
N GLU D 440 12.68 45.09 -34.89
CA GLU D 440 12.01 46.28 -34.39
C GLU D 440 11.25 46.07 -33.09
N THR D 441 10.72 44.87 -32.86
CA THR D 441 10.10 44.58 -31.58
C THR D 441 11.09 44.69 -30.43
N ALA D 442 12.31 44.17 -30.63
CA ALA D 442 13.33 44.29 -29.60
C ALA D 442 13.68 45.74 -29.36
N ALA D 443 13.80 46.53 -30.42
CA ALA D 443 14.13 47.95 -30.26
C ALA D 443 13.04 48.69 -29.49
N GLN D 444 11.77 48.44 -29.81
CA GLN D 444 10.70 49.16 -29.12
C GLN D 444 10.52 48.70 -27.69
N VAL D 445 10.72 47.40 -27.39
CA VAL D 445 10.63 46.97 -26.01
C VAL D 445 11.81 47.51 -25.21
N ALA D 446 13.00 47.61 -25.82
CA ALA D 446 14.12 48.24 -25.14
C ALA D 446 13.86 49.71 -24.89
N SER D 447 13.20 50.39 -25.83
CA SER D 447 12.82 51.78 -25.60
C SER D 447 11.84 51.91 -24.45
N LEU D 448 10.87 51.00 -24.36
CA LEU D 448 9.94 51.04 -23.24
C LEU D 448 10.63 50.70 -21.92
N LYS D 449 11.71 49.91 -21.97
CA LYS D 449 12.45 49.62 -20.76
C LYS D 449 13.30 50.82 -20.33
N LYS D 450 13.89 51.53 -21.30
CA LYS D 450 14.75 52.67 -20.98
C LYS D 450 13.96 53.74 -20.23
N ASN D 451 12.94 54.32 -20.87
CA ASN D 451 12.00 55.18 -20.17
C ASN D 451 11.14 54.29 -19.28
N VAL D 452 11.39 54.35 -17.98
CA VAL D 452 10.84 53.37 -17.04
C VAL D 452 9.33 53.29 -17.18
N TRP D 453 8.83 52.12 -17.56
CA TRP D 453 7.41 51.91 -17.83
C TRP D 453 6.70 51.18 -16.70
N LEU D 454 7.39 50.31 -15.98
CA LEU D 454 6.82 49.55 -14.88
C LEU D 454 7.26 50.20 -13.57
N ASP D 455 6.50 51.21 -13.14
CA ASP D 455 6.80 51.91 -11.90
C ASP D 455 6.31 51.11 -10.70
N ARG D 456 6.28 51.74 -9.53
CA ARG D 456 5.73 51.09 -8.35
C ARG D 456 4.22 50.96 -8.40
N GLY D 457 3.54 51.77 -9.23
CA GLY D 457 2.10 51.72 -9.28
C GLY D 457 1.54 50.64 -10.19
N THR D 458 2.39 50.02 -10.99
CA THR D 458 1.95 48.96 -11.89
C THR D 458 1.35 47.80 -11.11
N ARG D 459 0.18 47.34 -11.54
CA ARG D 459 -0.53 46.29 -10.84
C ARG D 459 -0.79 45.04 -11.67
N ALA D 460 -0.75 45.12 -12.99
CA ALA D 460 -0.91 43.95 -13.84
C ALA D 460 -0.33 44.26 -15.21
N THR D 461 0.00 43.21 -15.95
CA THR D 461 0.54 43.33 -17.30
C THR D 461 0.11 42.13 -18.13
N PHE D 462 -0.46 42.39 -19.30
CA PHE D 462 -0.96 41.36 -20.18
C PHE D 462 -0.17 41.32 -21.48
N ILE D 463 0.05 40.11 -21.99
CA ILE D 463 0.65 39.90 -23.30
C ILE D 463 -0.23 38.91 -24.06
N ASP D 464 -0.60 39.26 -25.29
CA ASP D 464 -1.46 38.42 -26.11
C ASP D 464 -0.98 38.41 -27.55
N PHE D 465 -1.11 37.26 -28.21
CA PHE D 465 -0.83 37.12 -29.63
C PHE D 465 -1.49 35.83 -30.13
N SER D 466 -1.31 35.55 -31.42
CA SER D 466 -1.88 34.37 -32.04
C SER D 466 -0.82 33.69 -32.90
N VAL D 467 -0.97 32.37 -33.05
CA VAL D 467 0.02 31.57 -33.77
C VAL D 467 -0.71 30.62 -34.72
N TYR D 468 0.03 30.12 -35.71
CA TYR D 468 -0.53 29.20 -36.72
C TYR D 468 0.16 27.85 -36.71
N ASN D 469 1.50 27.80 -36.68
CA ASN D 469 2.26 26.55 -36.75
C ASN D 469 1.92 25.79 -38.03
N ALA D 470 2.34 26.39 -39.15
CA ALA D 470 2.02 25.86 -40.49
C ALA D 470 2.40 24.39 -40.66
N ASN D 471 3.23 23.84 -39.78
CA ASN D 471 3.62 22.43 -39.89
C ASN D 471 2.40 21.51 -39.77
N ILE D 472 1.51 21.82 -38.84
CA ILE D 472 0.25 21.09 -38.68
C ILE D 472 -0.89 22.10 -38.59
N ASN D 473 -1.97 21.83 -39.32
CA ASN D 473 -3.07 22.79 -39.42
C ASN D 473 -3.83 22.83 -38.10
N LEU D 474 -3.50 23.80 -37.25
CA LEU D 474 -4.11 23.92 -35.93
C LEU D 474 -3.79 25.28 -35.35
N PHE D 475 -4.80 25.93 -34.78
CA PHE D 475 -4.69 27.32 -34.33
C PHE D 475 -4.51 27.39 -32.82
N CYS D 476 -4.22 28.60 -32.33
CA CYS D 476 -4.09 28.83 -30.89
C CYS D 476 -4.07 30.32 -30.59
N VAL D 477 -4.64 30.68 -29.44
CA VAL D 477 -4.62 32.05 -28.93
C VAL D 477 -4.07 32.01 -27.50
N VAL D 478 -3.16 32.94 -27.19
CA VAL D 478 -2.40 32.90 -25.96
C VAL D 478 -2.72 34.13 -25.13
N ARG D 479 -2.57 34.01 -23.82
CA ARG D 479 -2.70 35.14 -22.90
C ARG D 479 -1.75 34.93 -21.73
N LEU D 480 -0.88 35.90 -21.49
CA LEU D 480 0.10 35.84 -20.41
C LEU D 480 -0.11 37.00 -19.45
N LEU D 481 -0.19 36.70 -18.16
CA LEU D 481 -0.50 37.69 -17.14
C LEU D 481 0.56 37.68 -16.05
N VAL D 482 0.97 38.87 -15.62
CA VAL D 482 1.86 39.06 -14.47
C VAL D 482 1.17 40.02 -13.52
N GLU D 483 0.90 39.56 -12.30
CA GLU D 483 0.24 40.38 -11.29
C GLU D 483 1.26 40.87 -10.27
N PHE D 484 1.29 42.18 -10.04
CA PHE D 484 2.22 42.77 -9.08
C PHE D 484 1.46 43.10 -7.81
N PRO D 485 1.60 42.32 -6.74
CA PRO D 485 0.88 42.63 -5.50
C PRO D 485 1.43 43.90 -4.86
N ALA D 486 0.60 44.50 -4.00
CA ALA D 486 1.03 45.67 -3.25
C ALA D 486 2.08 45.34 -2.20
N THR D 487 2.30 44.05 -1.92
CA THR D 487 3.27 43.61 -0.94
C THR D 487 4.60 43.21 -1.55
N GLY D 488 4.78 43.40 -2.85
CA GLY D 488 6.02 43.03 -3.50
C GLY D 488 5.96 41.64 -4.11
N GLY D 489 6.71 41.44 -5.18
CA GLY D 489 6.77 40.18 -5.88
C GLY D 489 5.93 40.20 -7.15
N VAL D 490 5.83 39.04 -7.78
CA VAL D 490 5.00 38.85 -8.97
C VAL D 490 4.29 37.51 -8.87
N ILE D 491 3.10 37.45 -9.45
CA ILE D 491 2.36 36.19 -9.56
C ILE D 491 2.11 35.90 -11.03
N PRO D 492 2.88 35.02 -11.67
CA PRO D 492 2.67 34.75 -13.08
C PRO D 492 1.55 33.76 -13.33
N SER D 493 0.73 34.09 -14.33
CA SER D 493 -0.39 33.26 -14.72
C SER D 493 -0.45 33.20 -16.23
N TRP D 494 -1.05 32.13 -16.75
CA TRP D 494 -1.07 31.88 -18.19
C TRP D 494 -2.29 31.07 -18.55
N GLN D 495 -2.63 31.08 -19.83
CA GLN D 495 -3.67 30.19 -20.35
C GLN D 495 -3.43 30.01 -21.84
N PHE D 496 -3.48 28.77 -22.31
CA PHE D 496 -3.36 28.45 -23.72
C PHE D 496 -4.62 27.76 -24.19
N GLN D 497 -5.20 28.27 -25.27
CA GLN D 497 -6.39 27.62 -25.82
C GLN D 497 -6.32 27.53 -27.34
N PRO D 498 -6.13 26.33 -27.88
CA PRO D 498 -6.11 26.16 -29.33
C PRO D 498 -7.50 26.20 -29.94
N LEU D 499 -7.52 26.44 -31.26
CA LEU D 499 -8.73 26.42 -32.04
C LEU D 499 -8.50 25.60 -33.29
N LYS D 500 -9.59 25.09 -33.87
CA LYS D 500 -9.52 24.21 -35.02
C LYS D 500 -10.18 24.86 -36.23
N LEU D 501 -9.56 24.64 -37.38
CA LEU D 501 -10.07 25.15 -38.66
C LEU D 501 -10.50 23.99 -39.54
N ILE D 502 -11.11 22.97 -38.93
CA ILE D 502 -11.44 21.71 -39.58
C ILE D 502 -12.21 21.93 -40.87
N ARG D 503 -11.77 21.27 -41.94
CA ARG D 503 -12.40 21.33 -43.25
C ARG D 503 -12.46 19.92 -43.84
N TYR D 504 -13.02 19.82 -45.04
CA TYR D 504 -13.23 18.53 -45.70
C TYR D 504 -11.89 18.01 -46.19
N VAL D 505 -11.22 17.25 -45.33
CA VAL D 505 -9.90 16.70 -45.64
C VAL D 505 -9.95 15.20 -45.87
N THR D 506 -10.49 14.44 -44.92
CA THR D 506 -10.51 12.98 -45.02
C THR D 506 -11.94 12.50 -44.88
N THR D 507 -12.15 11.21 -45.14
CA THR D 507 -13.47 10.58 -45.08
C THR D 507 -14.02 10.50 -43.66
N PHE D 508 -13.13 10.27 -42.68
CA PHE D 508 -13.57 10.26 -41.29
C PHE D 508 -14.16 11.61 -40.90
N ASP D 509 -13.60 12.70 -41.43
CA ASP D 509 -14.18 14.02 -41.22
C ASP D 509 -15.59 14.09 -41.79
N PHE D 510 -15.80 13.53 -42.98
CA PHE D 510 -17.13 13.51 -43.58
C PHE D 510 -18.11 12.73 -42.71
N PHE D 511 -17.66 11.59 -42.18
CA PHE D 511 -18.51 10.79 -41.30
C PHE D 511 -18.87 11.56 -40.05
N LEU D 512 -17.90 12.26 -39.45
CA LEU D 512 -18.17 13.05 -38.26
C LEU D 512 -19.13 14.20 -38.56
N ALA D 513 -18.97 14.85 -39.70
CA ALA D 513 -19.88 15.93 -40.07
C ALA D 513 -21.30 15.41 -40.27
N ALA D 514 -21.44 14.26 -40.93
CA ALA D 514 -22.76 13.65 -41.10
C ALA D 514 -23.37 13.30 -39.75
N CYS D 515 -22.55 12.78 -38.84
CA CYS D 515 -23.04 12.47 -37.49
C CYS D 515 -23.49 13.73 -36.77
N GLU D 516 -22.74 14.83 -36.93
CA GLU D 516 -23.14 16.08 -36.31
C GLU D 516 -24.47 16.59 -36.86
N ILE D 517 -24.65 16.48 -38.17
CA ILE D 517 -25.89 16.94 -38.79
C ILE D 517 -27.07 16.08 -38.31
N ILE D 518 -26.90 14.76 -38.30
CA ILE D 518 -28.00 13.91 -37.86
C ILE D 518 -28.26 14.08 -36.37
N PHE D 519 -27.23 14.44 -35.59
CA PHE D 519 -27.45 14.76 -34.18
C PHE D 519 -28.26 16.05 -34.03
N CYS D 520 -27.98 17.04 -34.87
CA CYS D 520 -28.78 18.26 -34.84
C CYS D 520 -30.24 17.97 -35.17
N PHE D 521 -30.48 17.17 -36.21
CA PHE D 521 -31.85 16.78 -36.51
C PHE D 521 -32.49 15.97 -35.39
N PHE D 522 -31.73 15.07 -34.76
CA PHE D 522 -32.26 14.25 -33.69
C PHE D 522 -32.64 15.10 -32.48
N ILE D 523 -31.81 16.07 -32.12
CA ILE D 523 -32.14 16.92 -30.98
C ILE D 523 -33.29 17.86 -31.33
N PHE D 524 -33.42 18.25 -32.60
CA PHE D 524 -34.60 18.99 -33.04
C PHE D 524 -35.86 18.16 -32.81
N TYR D 525 -35.84 16.91 -33.25
CA TYR D 525 -36.98 16.03 -33.01
C TYR D 525 -37.24 15.87 -31.51
N TYR D 526 -36.17 15.73 -30.72
CA TYR D 526 -36.30 15.53 -29.29
C TYR D 526 -36.95 16.74 -28.62
N VAL D 527 -36.56 17.95 -29.03
CA VAL D 527 -37.19 19.13 -28.44
C VAL D 527 -38.63 19.26 -28.92
N VAL D 528 -38.93 18.74 -30.12
CA VAL D 528 -40.34 18.67 -30.54
C VAL D 528 -41.14 17.78 -29.59
N GLU D 529 -40.63 16.58 -29.30
CA GLU D 529 -41.37 15.73 -28.37
C GLU D 529 -41.42 16.34 -26.97
N GLU D 530 -40.37 17.06 -26.56
CA GLU D 530 -40.38 17.70 -25.26
C GLU D 530 -41.44 18.79 -25.18
N ILE D 531 -41.57 19.60 -26.24
CA ILE D 531 -42.60 20.64 -26.23
C ILE D 531 -43.99 20.00 -26.28
N LEU D 532 -44.14 18.87 -26.97
CA LEU D 532 -45.40 18.14 -26.93
C LEU D 532 -45.71 17.66 -25.52
N GLU D 533 -44.71 17.11 -24.83
CA GLU D 533 -44.89 16.63 -23.47
C GLU D 533 -45.31 17.75 -22.55
N ILE D 534 -44.67 18.91 -22.67
CA ILE D 534 -45.03 20.04 -21.82
C ILE D 534 -46.34 20.69 -22.25
N ARG D 535 -46.78 20.44 -23.49
CA ARG D 535 -48.08 20.97 -23.92
C ARG D 535 -49.23 20.15 -23.38
N ILE D 536 -49.17 18.82 -23.51
CA ILE D 536 -50.26 17.99 -23.00
C ILE D 536 -50.19 17.77 -21.48
N HIS D 537 -48.99 17.73 -20.91
CA HIS D 537 -48.83 17.46 -19.48
C HIS D 537 -48.21 18.66 -18.78
N LYS D 538 -48.74 19.85 -19.06
CA LYS D 538 -48.27 21.07 -18.42
C LYS D 538 -48.69 21.17 -16.95
N LEU D 539 -49.69 20.40 -16.52
CA LEU D 539 -50.20 20.54 -15.16
C LEU D 539 -49.19 20.07 -14.13
N HIS D 540 -48.40 19.04 -14.45
CA HIS D 540 -47.42 18.50 -13.52
C HIS D 540 -46.26 17.93 -14.33
N TYR D 541 -45.12 18.61 -14.29
CA TYR D 541 -43.95 18.15 -15.02
C TYR D 541 -42.65 18.27 -14.23
N PHE D 542 -42.68 18.79 -13.00
CA PHE D 542 -41.47 18.99 -12.22
C PHE D 542 -41.51 18.22 -10.91
N ARG D 543 -42.52 17.38 -10.70
CA ARG D 543 -42.56 16.53 -9.52
C ARG D 543 -41.70 15.29 -9.67
N SER D 544 -41.28 14.96 -10.89
CA SER D 544 -40.44 13.79 -11.13
C SER D 544 -39.00 14.21 -11.37
N PHE D 545 -38.08 13.33 -10.97
CA PHE D 545 -36.65 13.59 -11.11
C PHE D 545 -36.14 13.43 -12.53
N TRP D 546 -36.79 12.58 -13.33
CA TRP D 546 -36.31 12.32 -14.69
C TRP D 546 -36.65 13.44 -15.66
N ASN D 547 -37.83 14.06 -15.54
CA ASN D 547 -38.17 15.15 -16.45
C ASN D 547 -37.24 16.34 -16.27
N CYS D 548 -36.80 16.60 -15.03
CA CYS D 548 -35.77 17.60 -14.82
C CYS D 548 -34.48 17.22 -15.53
N LEU D 549 -34.15 15.94 -15.54
CA LEU D 549 -32.97 15.49 -16.28
C LEU D 549 -33.14 15.75 -17.77
N ASP D 550 -34.33 15.49 -18.32
CA ASP D 550 -34.56 15.77 -19.73
C ASP D 550 -34.43 17.25 -20.04
N VAL D 551 -34.98 18.12 -19.17
CA VAL D 551 -34.92 19.54 -19.49
C VAL D 551 -33.49 20.08 -19.36
N VAL D 552 -32.72 19.61 -18.37
CA VAL D 552 -31.34 20.08 -18.28
C VAL D 552 -30.53 19.53 -19.45
N ILE D 553 -30.81 18.30 -19.88
CA ILE D 553 -30.10 17.75 -21.03
C ILE D 553 -30.40 18.57 -22.28
N VAL D 554 -31.65 18.93 -22.50
CA VAL D 554 -31.99 19.64 -23.73
C VAL D 554 -31.42 21.06 -23.70
N VAL D 555 -31.42 21.71 -22.52
CA VAL D 555 -30.87 23.07 -22.49
C VAL D 555 -29.35 23.05 -22.66
N LEU D 556 -28.67 22.06 -22.07
CA LEU D 556 -27.23 21.95 -22.30
C LEU D 556 -26.94 21.62 -23.76
N SER D 557 -27.74 20.77 -24.39
CA SER D 557 -27.54 20.46 -25.79
C SER D 557 -27.73 21.69 -26.67
N VAL D 558 -28.76 22.49 -26.39
CA VAL D 558 -29.01 23.65 -27.23
C VAL D 558 -27.91 24.71 -27.04
N VAL D 559 -27.43 24.89 -25.81
CA VAL D 559 -26.34 25.85 -25.64
C VAL D 559 -25.07 25.34 -26.29
N ALA D 560 -24.80 24.04 -26.22
CA ALA D 560 -23.61 23.50 -26.85
C ALA D 560 -23.65 23.67 -28.36
N ILE D 561 -24.81 23.37 -28.98
CA ILE D 561 -24.89 23.52 -30.42
C ILE D 561 -24.86 24.99 -30.83
N GLY D 562 -25.40 25.88 -29.98
CA GLY D 562 -25.27 27.30 -30.27
C GLY D 562 -23.83 27.77 -30.26
N ILE D 563 -23.07 27.32 -29.27
CA ILE D 563 -21.65 27.67 -29.23
C ILE D 563 -20.92 27.09 -30.43
N ASN D 564 -21.28 25.86 -30.81
CA ASN D 564 -20.62 25.22 -31.96
C ASN D 564 -20.90 25.98 -33.25
N ILE D 565 -22.15 26.38 -33.48
CA ILE D 565 -22.45 27.12 -34.71
C ILE D 565 -21.83 28.51 -34.67
N TYR D 566 -21.75 29.13 -33.48
CA TYR D 566 -21.10 30.42 -33.38
C TYR D 566 -19.62 30.33 -33.76
N ARG D 567 -18.90 29.34 -33.20
CA ARG D 567 -17.49 29.21 -33.52
C ARG D 567 -17.29 28.78 -34.98
N THR D 568 -18.19 27.96 -35.52
CA THR D 568 -18.11 27.61 -36.93
C THR D 568 -18.30 28.81 -37.83
N SER D 569 -19.24 29.69 -37.51
CA SER D 569 -19.42 30.91 -38.30
C SER D 569 -18.22 31.85 -38.18
N ASN D 570 -17.66 31.98 -36.97
CA ASN D 570 -16.62 32.98 -36.74
C ASN D 570 -15.21 32.47 -37.01
N VAL D 571 -15.02 31.18 -37.31
CA VAL D 571 -13.68 30.71 -37.62
C VAL D 571 -13.21 31.15 -38.99
N GLU D 572 -14.12 31.53 -39.88
CA GLU D 572 -13.75 31.99 -41.22
C GLU D 572 -13.23 33.42 -41.22
N VAL D 573 -13.60 34.24 -40.24
CA VAL D 573 -13.16 35.63 -40.20
C VAL D 573 -11.67 35.74 -39.99
N LEU D 574 -11.07 34.78 -39.29
CA LEU D 574 -9.70 34.95 -38.79
C LEU D 574 -8.62 34.67 -39.82
N LEU D 575 -8.94 34.06 -40.96
CA LEU D 575 -7.89 33.70 -41.91
C LEU D 575 -7.32 34.91 -42.64
N GLN D 576 -7.89 36.10 -42.46
CA GLN D 576 -7.34 37.30 -43.08
C GLN D 576 -5.95 37.63 -42.54
N PHE D 577 -5.64 37.18 -41.33
CA PHE D 577 -4.39 37.52 -40.66
C PHE D 577 -3.27 36.53 -40.96
N LEU D 578 -3.53 35.50 -41.78
CA LEU D 578 -2.53 34.46 -42.01
C LEU D 578 -1.39 34.94 -42.90
N GLU D 579 -1.68 35.82 -43.87
CA GLU D 579 -0.63 36.22 -44.81
C GLU D 579 0.19 37.41 -44.30
N ASP D 580 -0.45 38.56 -44.12
CA ASP D 580 0.22 39.72 -43.53
C ASP D 580 -0.84 40.76 -43.20
N GLN D 581 -0.97 41.10 -41.92
CA GLN D 581 -1.83 42.21 -41.48
C GLN D 581 -1.26 42.77 -40.19
N ASN D 582 -1.00 44.06 -40.17
CA ASN D 582 -0.46 44.73 -38.99
C ASN D 582 -1.59 45.30 -38.14
N THR D 583 -2.39 44.39 -37.58
CA THR D 583 -3.50 44.76 -36.72
C THR D 583 -3.72 43.63 -35.72
N PHE D 584 -3.87 44.00 -34.45
CA PHE D 584 -4.02 43.01 -33.41
C PHE D 584 -5.36 42.29 -33.55
N PRO D 585 -5.38 40.96 -33.64
CA PRO D 585 -6.66 40.25 -33.69
C PRO D 585 -7.22 39.96 -32.31
N ASN D 586 -8.47 40.38 -32.07
CA ASN D 586 -9.12 40.21 -30.77
C ASN D 586 -9.80 38.85 -30.74
N PHE D 587 -9.08 37.85 -30.23
CA PHE D 587 -9.56 36.47 -30.30
C PHE D 587 -9.60 35.80 -28.94
N GLU D 588 -10.17 36.46 -27.93
CA GLU D 588 -10.33 35.87 -26.61
C GLU D 588 -11.70 35.25 -26.39
N HIS D 589 -12.74 35.84 -26.98
CA HIS D 589 -14.08 35.27 -26.84
C HIS D 589 -14.16 33.87 -27.43
N LEU D 590 -13.42 33.61 -28.51
CA LEU D 590 -13.39 32.27 -29.08
C LEU D 590 -12.84 31.26 -28.09
N ALA D 591 -11.75 31.60 -27.40
CA ALA D 591 -11.19 30.69 -26.40
C ALA D 591 -12.16 30.49 -25.24
N TYR D 592 -12.78 31.58 -24.77
CA TYR D 592 -13.74 31.46 -23.67
C TYR D 592 -14.88 30.53 -24.04
N TRP D 593 -15.43 30.71 -25.23
CA TRP D 593 -16.56 29.88 -25.65
C TRP D 593 -16.15 28.46 -25.97
N GLN D 594 -14.92 28.23 -26.41
CA GLN D 594 -14.43 26.86 -26.56
C GLN D 594 -14.36 26.16 -25.21
N ILE D 595 -13.86 26.86 -24.19
CA ILE D 595 -13.82 26.30 -22.84
C ILE D 595 -15.23 25.97 -22.35
N GLN D 596 -16.16 26.91 -22.54
CA GLN D 596 -17.54 26.66 -22.11
C GLN D 596 -18.16 25.50 -22.88
N PHE D 597 -17.87 25.40 -24.18
CA PHE D 597 -18.40 24.32 -24.99
C PHE D 597 -17.91 22.96 -24.49
N ASN D 598 -16.61 22.86 -24.17
CA ASN D 598 -16.08 21.60 -23.67
C ASN D 598 -16.71 21.24 -22.33
N ASN D 599 -16.79 22.21 -21.42
CA ASN D 599 -17.37 21.93 -20.11
C ASN D 599 -18.85 21.59 -20.18
N ILE D 600 -19.59 22.16 -21.12
CA ILE D 600 -20.98 21.79 -21.31
C ILE D 600 -21.11 20.40 -21.91
N ALA D 601 -20.25 20.05 -22.87
CA ALA D 601 -20.33 18.73 -23.49
C ALA D 601 -20.05 17.64 -22.46
N ALA D 602 -19.10 17.86 -21.56
CA ALA D 602 -18.78 16.84 -20.56
C ALA D 602 -19.99 16.52 -19.68
N VAL D 603 -20.60 17.54 -19.10
CA VAL D 603 -21.75 17.31 -18.24
C VAL D 603 -22.94 16.80 -19.04
N THR D 604 -23.06 17.20 -20.31
CA THR D 604 -24.15 16.68 -21.14
C THR D 604 -24.03 15.18 -21.34
N VAL D 605 -22.83 14.70 -21.68
CA VAL D 605 -22.69 13.25 -21.88
C VAL D 605 -22.86 12.51 -20.55
N PHE D 606 -22.41 13.11 -19.44
CA PHE D 606 -22.65 12.47 -18.14
C PHE D 606 -24.15 12.32 -17.87
N PHE D 607 -24.91 13.38 -18.14
CA PHE D 607 -26.35 13.31 -17.89
C PHE D 607 -27.03 12.32 -18.83
N VAL D 608 -26.56 12.22 -20.07
CA VAL D 608 -27.12 11.23 -20.99
C VAL D 608 -26.86 9.81 -20.47
N TRP D 609 -25.66 9.55 -19.97
CA TRP D 609 -25.38 8.23 -19.44
C TRP D 609 -26.20 7.94 -18.18
N ILE D 610 -26.44 8.95 -17.36
CA ILE D 610 -27.33 8.73 -16.21
C ILE D 610 -28.75 8.42 -16.67
N LYS D 611 -29.24 9.13 -17.71
CA LYS D 611 -30.56 8.82 -18.24
C LYS D 611 -30.62 7.39 -18.78
N LEU D 612 -29.52 6.91 -19.35
CA LEU D 612 -29.44 5.48 -19.68
C LEU D 612 -29.55 4.63 -18.43
N PHE D 613 -28.85 5.03 -17.36
CA PHE D 613 -28.90 4.29 -16.11
C PHE D 613 -30.31 4.23 -15.55
N LYS D 614 -31.17 5.17 -15.96
CA LYS D 614 -32.56 5.15 -15.52
C LYS D 614 -33.31 3.92 -16.04
N PHE D 615 -33.08 3.55 -17.29
CA PHE D 615 -34.01 2.68 -18.03
C PHE D 615 -33.98 1.22 -17.59
N ILE D 616 -33.02 0.80 -16.77
CA ILE D 616 -32.90 -0.62 -16.44
C ILE D 616 -33.89 -0.98 -15.33
N ASN D 617 -35.10 -1.37 -15.72
CA ASN D 617 -36.15 -1.78 -14.81
C ASN D 617 -36.90 -2.98 -15.36
N PHE D 618 -36.16 -3.97 -15.87
CA PHE D 618 -36.77 -5.09 -16.59
C PHE D 618 -37.25 -6.19 -15.65
N ASN D 619 -36.37 -6.70 -14.78
CA ASN D 619 -36.69 -7.85 -13.96
C ASN D 619 -37.31 -7.38 -12.65
N ARG D 620 -37.62 -8.32 -11.76
CA ARG D 620 -38.10 -7.97 -10.43
C ARG D 620 -36.95 -7.51 -9.53
N THR D 621 -35.75 -8.04 -9.75
CA THR D 621 -34.59 -7.62 -8.96
C THR D 621 -34.27 -6.15 -9.19
N MET D 622 -34.17 -5.74 -10.46
CA MET D 622 -33.94 -4.34 -10.76
C MET D 622 -35.11 -3.48 -10.34
N SER D 623 -36.33 -4.01 -10.36
CA SER D 623 -37.47 -3.27 -9.84
C SER D 623 -37.31 -2.98 -8.36
N GLN D 624 -36.87 -3.99 -7.58
CA GLN D 624 -36.63 -3.77 -6.16
C GLN D 624 -35.52 -2.75 -5.94
N LEU D 625 -34.43 -2.84 -6.71
CA LEU D 625 -33.33 -1.90 -6.53
C LEU D 625 -33.76 -0.47 -6.87
N SER D 626 -34.51 -0.29 -7.97
CA SER D 626 -34.97 1.04 -8.35
C SER D 626 -35.98 1.59 -7.36
N THR D 627 -36.90 0.76 -6.86
CA THR D 627 -37.85 1.23 -5.86
C THR D 627 -37.13 1.64 -4.58
N THR D 628 -36.09 0.88 -4.20
CA THR D 628 -35.30 1.25 -3.03
C THR D 628 -34.61 2.59 -3.24
N MET D 629 -34.00 2.80 -4.41
CA MET D 629 -33.31 4.05 -4.66
C MET D 629 -34.26 5.22 -4.79
N SER D 630 -35.50 4.99 -5.22
CA SER D 630 -36.47 6.06 -5.36
C SER D 630 -37.20 6.38 -4.07
N ARG D 631 -37.32 5.41 -3.16
CA ARG D 631 -38.05 5.64 -1.92
C ARG D 631 -37.21 6.24 -0.82
N CYS D 632 -35.91 6.45 -1.06
CA CYS D 632 -35.00 7.03 -0.08
C CYS D 632 -34.30 8.26 -0.63
N ALA D 633 -34.97 9.00 -1.50
CA ALA D 633 -34.39 10.21 -2.07
C ALA D 633 -34.52 11.41 -1.16
N LYS D 634 -35.71 11.63 -0.58
CA LYS D 634 -35.90 12.78 0.29
C LYS D 634 -35.05 12.68 1.55
N ASP D 635 -34.86 11.47 2.10
CA ASP D 635 -34.03 11.33 3.29
C ASP D 635 -32.56 11.59 3.00
N LEU D 636 -32.05 11.10 1.87
CA LEU D 636 -30.68 11.39 1.49
C LEU D 636 -30.48 12.88 1.25
N PHE D 637 -31.45 13.54 0.60
CA PHE D 637 -31.35 14.98 0.43
C PHE D 637 -31.39 15.71 1.77
N GLY D 638 -32.24 15.24 2.70
CA GLY D 638 -32.31 15.85 4.01
C GLY D 638 -31.01 15.75 4.79
N PHE D 639 -30.37 14.58 4.76
CA PHE D 639 -29.10 14.45 5.45
C PHE D 639 -27.95 15.15 4.72
N ALA D 640 -28.08 15.39 3.42
CA ALA D 640 -27.06 16.18 2.73
C ALA D 640 -26.93 17.56 3.34
N ILE D 641 -28.03 18.14 3.83
CA ILE D 641 -27.99 19.46 4.44
C ILE D 641 -27.14 19.44 5.71
N MET D 642 -27.38 18.48 6.60
CA MET D 642 -26.57 18.39 7.82
C MET D 642 -25.11 18.11 7.49
N PHE D 643 -24.87 17.19 6.55
CA PHE D 643 -23.50 16.87 6.19
C PHE D 643 -22.76 18.09 5.69
N PHE D 644 -23.41 18.89 4.85
CA PHE D 644 -22.75 20.07 4.31
C PHE D 644 -22.66 21.22 5.29
N ILE D 645 -23.57 21.30 6.27
CA ILE D 645 -23.39 22.27 7.34
C ILE D 645 -22.11 21.95 8.12
N ILE D 646 -21.92 20.69 8.49
CA ILE D 646 -20.70 20.30 9.21
C ILE D 646 -19.48 20.49 8.32
N PHE D 647 -19.60 20.13 7.04
CA PHE D 647 -18.50 20.26 6.10
C PHE D 647 -18.03 21.70 5.98
N LEU D 648 -18.97 22.64 5.82
CA LEU D 648 -18.59 24.04 5.68
C LEU D 648 -18.14 24.64 7.01
N ALA D 649 -18.65 24.16 8.14
CA ALA D 649 -18.09 24.61 9.42
C ALA D 649 -16.62 24.23 9.54
N TYR D 650 -16.28 22.98 9.19
CA TYR D 650 -14.88 22.58 9.21
C TYR D 650 -14.04 23.35 8.19
N ALA D 651 -14.59 23.59 7.00
CA ALA D 651 -13.87 24.35 5.99
C ALA D 651 -13.59 25.78 6.45
N GLN D 652 -14.57 26.39 7.12
CA GLN D 652 -14.38 27.75 7.64
C GLN D 652 -13.35 27.77 8.76
N LEU D 653 -13.37 26.77 9.63
CA LEU D 653 -12.33 26.66 10.66
C LEU D 653 -10.95 26.55 10.03
N ALA D 654 -10.82 25.69 9.01
CA ALA D 654 -9.54 25.54 8.34
C ALA D 654 -9.09 26.83 7.67
N TYR D 655 -10.05 27.56 7.07
CA TYR D 655 -9.71 28.82 6.43
C TYR D 655 -9.21 29.84 7.46
N LEU D 656 -9.88 29.91 8.61
CA LEU D 656 -9.47 30.88 9.62
C LEU D 656 -8.18 30.52 10.33
N VAL D 657 -7.82 29.24 10.36
CA VAL D 657 -6.58 28.85 11.04
C VAL D 657 -5.40 28.82 10.08
N PHE D 658 -5.51 28.13 8.94
CA PHE D 658 -4.39 27.93 8.02
C PHE D 658 -4.42 28.88 6.82
N GLY D 659 -5.31 29.88 6.83
CA GLY D 659 -5.51 30.69 5.63
C GLY D 659 -4.27 31.45 5.20
N THR D 660 -3.47 31.92 6.16
CA THR D 660 -2.35 32.80 5.87
C THR D 660 -1.05 32.04 5.59
N GLN D 661 -0.99 30.76 5.92
CA GLN D 661 0.28 30.04 5.93
C GLN D 661 0.38 28.92 4.91
N VAL D 662 -0.67 28.11 4.75
CA VAL D 662 -0.53 26.78 4.16
C VAL D 662 -0.52 26.77 2.63
N ASP D 663 -1.22 27.70 1.97
CA ASP D 663 -1.32 27.80 0.52
C ASP D 663 -2.28 26.76 -0.08
N ASP D 664 -2.73 25.81 0.74
CA ASP D 664 -3.82 24.95 0.35
C ASP D 664 -5.15 25.44 0.90
N PHE D 665 -5.12 26.42 1.80
CA PHE D 665 -6.32 26.97 2.42
C PHE D 665 -6.41 28.48 2.24
N SER D 666 -5.73 29.03 1.23
CA SER D 666 -5.64 30.47 1.07
C SER D 666 -6.97 31.12 0.68
N THR D 667 -7.88 30.37 0.07
CA THR D 667 -9.20 30.89 -0.28
C THR D 667 -10.25 29.86 0.12
N PHE D 668 -11.48 30.33 0.32
CA PHE D 668 -12.53 29.46 0.84
C PHE D 668 -12.84 28.31 -0.09
N GLN D 669 -12.98 28.58 -1.40
CA GLN D 669 -13.23 27.48 -2.33
C GLN D 669 -12.04 26.53 -2.39
N GLU D 670 -10.82 27.05 -2.26
CA GLU D 670 -9.67 26.16 -2.19
C GLU D 670 -9.68 25.35 -0.91
N CYS D 671 -10.18 25.94 0.19
CA CYS D 671 -10.38 25.16 1.40
C CYS D 671 -11.34 24.01 1.17
N ILE D 672 -12.46 24.27 0.48
CA ILE D 672 -13.43 23.22 0.21
C ILE D 672 -12.83 22.12 -0.67
N PHE D 673 -12.06 22.53 -1.68
CA PHE D 673 -11.42 21.55 -2.55
C PHE D 673 -10.42 20.69 -1.78
N THR D 674 -9.64 21.31 -0.89
CA THR D 674 -8.72 20.54 -0.07
C THR D 674 -9.45 19.61 0.89
N GLN D 675 -10.60 19.98 1.38
CA GLN D 675 -11.34 19.08 2.22
C GLN D 675 -11.88 17.93 1.44
N PHE D 676 -12.30 18.12 0.20
CA PHE D 676 -12.73 17.00 -0.64
C PHE D 676 -11.57 16.08 -0.97
N ARG D 677 -10.39 16.66 -1.24
CA ARG D 677 -9.22 15.84 -1.51
C ARG D 677 -8.82 15.03 -0.27
N ILE D 678 -8.91 15.63 0.92
CA ILE D 678 -8.58 14.92 2.16
C ILE D 678 -9.52 13.74 2.36
N ILE D 679 -10.80 13.92 2.03
CA ILE D 679 -11.75 12.82 2.16
C ILE D 679 -11.33 11.66 1.27
N LEU D 680 -10.79 11.94 0.10
CA LEU D 680 -10.27 10.93 -0.80
C LEU D 680 -8.83 10.53 -0.49
N GLY D 681 -8.36 10.81 0.72
CA GLY D 681 -7.04 10.38 1.15
C GLY D 681 -5.85 11.01 0.45
N ASP D 682 -5.89 12.33 0.23
CA ASP D 682 -4.79 13.08 -0.38
C ASP D 682 -4.26 14.13 0.59
N ILE D 683 -4.08 13.72 1.85
CA ILE D 683 -3.67 14.62 2.92
C ILE D 683 -2.18 14.92 2.78
N ASN D 684 -1.75 16.07 3.28
CA ASN D 684 -0.33 16.42 3.35
C ASN D 684 0.20 16.41 4.78
N PHE D 685 -0.42 17.19 5.67
CA PHE D 685 -0.15 17.18 7.10
C PHE D 685 1.25 17.67 7.46
N ALA D 686 2.08 17.96 6.46
CA ALA D 686 3.38 18.53 6.77
C ALA D 686 3.26 20.00 7.11
N GLU D 687 2.79 20.81 6.16
CA GLU D 687 2.59 22.23 6.42
C GLU D 687 1.41 22.47 7.35
N ILE D 688 0.46 21.55 7.41
CA ILE D 688 -0.67 21.70 8.33
C ILE D 688 -0.17 21.68 9.78
N GLU D 689 0.74 20.76 10.10
CA GLU D 689 1.34 20.72 11.42
C GLU D 689 2.40 21.78 11.63
N GLU D 690 3.16 22.14 10.59
CA GLU D 690 4.15 23.20 10.73
C GLU D 690 3.51 24.56 11.01
N ALA D 691 2.41 24.88 10.33
CA ALA D 691 1.80 26.20 10.49
C ALA D 691 1.25 26.40 11.90
N ASN D 692 0.60 25.38 12.46
CA ASN D 692 0.02 25.48 13.79
C ASN D 692 0.16 24.14 14.47
N ARG D 693 1.14 24.02 15.36
CA ARG D 693 1.46 22.75 16.01
C ARG D 693 0.32 22.24 16.87
N VAL D 694 -0.53 23.12 17.37
CA VAL D 694 -1.76 22.74 18.06
C VAL D 694 -2.91 23.41 17.32
N LEU D 695 -4.08 22.77 17.35
CA LEU D 695 -5.31 23.16 16.64
C LEU D 695 -5.22 22.82 15.15
N GLY D 696 -4.06 22.40 14.65
CA GLY D 696 -3.97 21.86 13.31
C GLY D 696 -4.10 20.34 13.34
N PRO D 697 -3.24 19.69 14.12
CA PRO D 697 -3.43 18.25 14.38
C PRO D 697 -4.79 17.92 14.99
N ILE D 698 -5.30 18.77 15.89
CA ILE D 698 -6.62 18.54 16.46
C ILE D 698 -7.68 18.53 15.36
N TYR D 699 -7.62 19.54 14.49
CA TYR D 699 -8.59 19.63 13.40
C TYR D 699 -8.49 18.44 12.48
N PHE D 700 -7.27 18.05 12.11
CA PHE D 700 -7.09 16.91 11.20
C PHE D 700 -7.63 15.62 11.81
N THR D 701 -7.26 15.33 13.05
CA THR D 701 -7.70 14.08 13.68
C THR D 701 -9.21 14.05 13.86
N THR D 702 -9.80 15.15 14.33
CA THR D 702 -11.25 15.17 14.50
C THR D 702 -11.97 15.05 13.17
N PHE D 703 -11.48 15.74 12.14
CA PHE D 703 -12.10 15.65 10.82
C PHE D 703 -12.07 14.23 10.30
N VAL D 704 -10.90 13.57 10.39
CA VAL D 704 -10.79 12.21 9.89
C VAL D 704 -11.70 11.28 10.68
N PHE D 705 -11.70 11.40 12.01
CA PHE D 705 -12.51 10.50 12.83
C PHE D 705 -13.99 10.66 12.54
N PHE D 706 -14.46 11.90 12.38
CA PHE D 706 -15.89 12.11 12.19
C PHE D 706 -16.33 11.78 10.77
N MET D 707 -15.47 12.03 9.77
CA MET D 707 -15.84 11.69 8.41
C MET D 707 -15.81 10.18 8.17
N PHE D 708 -14.74 9.50 8.61
CA PHE D 708 -14.51 8.13 8.19
C PHE D 708 -15.20 7.10 9.07
N PHE D 709 -15.81 7.52 10.18
CA PHE D 709 -16.40 6.57 11.11
C PHE D 709 -17.85 6.84 11.48
N ILE D 710 -18.30 8.09 11.38
CA ILE D 710 -19.60 8.50 11.91
C ILE D 710 -20.51 9.04 10.83
N LEU D 711 -20.10 10.15 10.19
CA LEU D 711 -21.02 10.89 9.34
C LEU D 711 -21.31 10.18 8.03
N LEU D 712 -20.29 9.65 7.38
CA LEU D 712 -20.51 9.02 6.07
C LEU D 712 -21.29 7.73 6.15
N ASN D 713 -21.50 7.17 7.35
CA ASN D 713 -22.27 5.94 7.50
C ASN D 713 -23.76 6.19 7.62
N MET D 714 -24.20 7.44 7.77
CA MET D 714 -25.63 7.72 7.81
C MET D 714 -26.31 7.50 6.46
N PHE D 715 -25.62 7.80 5.36
CA PHE D 715 -26.16 7.50 4.04
C PHE D 715 -26.44 6.01 3.91
N LEU D 716 -25.46 5.19 4.31
CA LEU D 716 -25.63 3.74 4.26
C LEU D 716 -26.72 3.26 5.20
N ALA D 717 -26.86 3.87 6.38
CA ALA D 717 -27.95 3.50 7.27
C ALA D 717 -29.31 3.77 6.63
N ILE D 718 -29.45 4.93 5.99
CA ILE D 718 -30.71 5.27 5.33
C ILE D 718 -31.01 4.27 4.22
N ILE D 719 -30.01 3.99 3.38
CA ILE D 719 -30.22 3.06 2.27
C ILE D 719 -30.59 1.68 2.78
N ASN D 720 -29.91 1.22 3.84
CA ASN D 720 -30.18 -0.10 4.40
C ASN D 720 -31.60 -0.20 4.94
N ASP D 721 -32.04 0.80 5.70
CA ASP D 721 -33.39 0.75 6.23
C ASP D 721 -34.43 0.80 5.13
N THR D 722 -34.22 1.64 4.10
CA THR D 722 -35.17 1.70 3.00
C THR D 722 -35.24 0.38 2.25
N TYR D 723 -34.08 -0.25 2.02
CA TYR D 723 -34.06 -1.55 1.34
C TYR D 723 -34.83 -2.58 2.14
N SER D 724 -34.62 -2.62 3.45
CA SER D 724 -35.35 -3.57 4.28
C SER D 724 -36.84 -3.33 4.22
N GLU D 725 -37.26 -2.06 4.28
CA GLU D 725 -38.68 -1.75 4.23
C GLU D 725 -39.28 -2.15 2.89
N VAL D 726 -38.57 -1.90 1.79
CA VAL D 726 -39.08 -2.24 0.47
C VAL D 726 -39.24 -3.75 0.32
N LYS D 727 -38.22 -4.51 0.76
CA LYS D 727 -38.30 -5.95 0.66
C LYS D 727 -39.46 -6.49 1.49
N SER D 728 -39.63 -5.97 2.71
CA SER D 728 -40.74 -6.43 3.54
C SER D 728 -42.09 -6.10 2.92
N ASP D 729 -42.22 -4.89 2.35
CA ASP D 729 -43.49 -4.50 1.74
C ASP D 729 -43.82 -5.39 0.55
N LEU D 730 -42.84 -5.66 -0.30
CA LEU D 730 -43.11 -6.53 -1.45
C LEU D 730 -43.43 -7.95 -0.99
N ALA D 731 -42.69 -8.45 -0.01
CA ALA D 731 -42.93 -9.81 0.46
C ALA D 731 -44.33 -9.95 1.03
N GLN D 732 -44.77 -8.97 1.82
CA GLN D 732 -46.14 -9.04 2.34
C GLN D 732 -47.19 -8.77 1.27
N GLN D 733 -46.85 -8.01 0.23
CA GLN D 733 -47.78 -7.84 -0.90
C GLN D 733 -48.01 -9.15 -1.63
N LYS D 734 -46.95 -9.95 -1.82
CA LYS D 734 -47.13 -11.27 -2.41
C LYS D 734 -47.40 -12.36 -1.38
N ALA D 735 -47.46 -12.03 -0.09
CA ALA D 735 -47.78 -13.02 0.94
C ALA D 735 -49.28 -13.21 1.12
N GLU D 736 -50.10 -12.46 0.40
CA GLU D 736 -51.55 -12.59 0.50
C GLU D 736 -52.13 -13.26 -0.74
C20 A1D75 E . -27.06 -24.25 -3.00
C21 A1D75 E . -25.50 -23.60 -1.26
C22 A1D75 E . -24.70 -25.13 -2.97
C24 A1D75 E . -25.86 -24.72 -3.81
C26 A1D75 E . -20.39 -20.35 -2.71
C28 A1D75 E . -20.30 -11.86 -8.72
P01 A1D75 E . -21.87 -23.70 -1.43
P02 A1D75 E . -29.42 -22.97 -3.47
O03 A1D75 E . -23.37 -24.24 -1.20
O04 A1D75 E . -28.05 -23.78 -3.87
O05 A1D75 E . -25.91 -24.73 -0.68
O06 A1D75 E . -23.64 -25.41 -3.81
O07 A1D75 E . -26.23 -22.12 -2.92
O08 A1D75 E . -25.49 -23.66 -4.61
O09 A1D75 E . -21.75 -22.35 -2.38
O10 A1D75 E . -21.09 -24.80 -1.96
O11 A1D75 E . -29.13 -21.55 -3.31
O12 A1D75 E . -30.19 -23.56 -2.32
O13 A1D75 E . -21.53 -23.53 -0.03
O14 A1D75 E . -30.28 -23.09 -4.65
O15 A1D75 E . -20.94 -19.85 -3.85
O16 A1D75 E . -18.39 -20.05 -1.32
O17 A1D75 E . -21.02 -18.78 -5.77
O18 A1D75 E . -16.86 -19.44 0.06
C19 A1D75 E . -24.35 -23.95 -2.12
C23 A1D75 E . -26.64 -23.13 -2.09
C25 A1D75 E . -20.56 -21.83 -2.87
C27 A1D75 E . -18.88 -20.18 -2.65
C29 A1D75 E . -20.57 -12.20 -7.23
C30 A1D75 E . -20.12 -10.37 -9.01
C31 A1D75 E . -19.66 -13.40 -6.94
C32 A1D75 E . -12.08 -15.17 -6.86
C33 A1D75 E . -12.07 -15.46 -8.42
C34 A1D75 E . -13.02 -16.09 -6.07
C35 A1D75 E . -19.81 -10.23 -10.52
C36 A1D75 E . -19.89 -13.97 -5.56
C37 A1D75 E . -10.95 -14.65 -9.16
C38 A1D75 E . -13.38 -15.60 -4.62
C39 A1D75 E . -18.32 -10.45 -10.84
C40 A1D75 E . -19.09 -15.25 -5.36
C41 A1D75 E . -10.18 -15.31 -10.36
C42 A1D75 E . -14.19 -16.75 -3.96
C43 A1D75 E . -20.14 -16.36 -5.25
C44 A1D75 E . -17.63 -9.51 -11.88
C45 A1D75 E . -15.20 -16.37 -2.80
C46 A1D75 E . -8.68 -14.83 -10.53
C47 A1D75 E . -19.63 -17.59 -4.51
C48 A1D75 E . -20.56 -18.79 -4.73
C49 A1D75 E . -15.52 -17.48 -1.73
C50 A1D75 E . -16.34 -8.97 -11.21
C51 A1D75 E . -7.90 -15.78 -11.52
C52 A1D75 E . -16.17 -18.83 -2.16
C53 A1D75 E . -15.21 -8.52 -12.12
C54 A1D75 E . -7.89 -17.32 -11.16
C55 A1D75 E . -17.12 -19.46 -1.06
C56 A1D75 E . -15.06 -7.02 -12.17
C57 A1D75 E . -8.39 -18.36 -12.17
C58 A1D75 E . -13.58 -6.80 -12.41
C59 A1D75 E . -9.23 -19.50 -11.58
H201 A1D75 E . -27.44 -25.09 -2.42
H211 A1D75 E . -25.23 -22.85 -0.53
H221 A1D75 E . -24.94 -25.99 -2.36
H241 A1D75 E . -26.16 -25.56 -4.45
H261 A1D75 E . -20.88 -19.97 -1.81
H282 A1D75 E . -21.13 -12.23 -9.31
H281 A1D75 E . -19.39 -12.38 -9.02
H051 A1D75 E . -26.32 -24.52 0.15
H061 A1D75 E . -22.83 -25.37 -3.33
H071 A1D75 E . -26.28 -21.29 -2.46
H081 A1D75 E . -25.29 -22.89 -4.10
H191 A1D75 E . -24.06 -23.11 -2.73
H231 A1D75 E . -27.46 -22.81 -1.47
H251 A1D75 E . -20.49 -22.08 -3.93
H252 A1D75 E . -19.74 -22.33 -2.33
H272 A1D75 E . -18.54 -19.33 -3.21
H271 A1D75 E . -18.43 -21.07 -3.09
H292 A1D75 E . -20.32 -11.36 -6.60
H291 A1D75 E . -21.62 -12.48 -7.10
H301 A1D75 E . -19.30 -9.98 -8.44
H302 A1D75 E . -21.04 -9.84 -8.77
H311 A1D75 E . -19.85 -14.16 -7.68
H312 A1D75 E . -18.63 -13.07 -7.03
H322 A1D75 E . -12.40 -14.13 -6.71
H321 A1D75 E . -11.07 -15.27 -6.47
H332 A1D75 E . -11.90 -16.53 -8.57
H331 A1D75 E . -13.04 -15.20 -8.84
H341 A1D75 E . -12.55 -17.07 -5.98
H342 A1D75 E . -13.94 -16.20 -6.62
H352 A1D75 E . -20.40 -10.96 -11.07
H351 A1D75 E . -20.10 -9.23 -10.84
H362 A1D75 E . -19.59 -13.24 -4.82
H361 A1D75 E . -20.94 -14.19 -5.44
H371 A1D75 E . -11.41 -13.75 -9.53
H372 A1D75 E . -10.22 -14.36 -8.42
H381 A1D75 E . -12.47 -15.41 -4.05
H382 A1D75 E . -13.99 -14.71 -4.67
H392 A1D75 E . -18.21 -11.47 -11.19
H391 A1D75 E . -17.77 -10.36 -9.90
H401 A1D75 E . -18.43 -15.42 -6.20
H402 A1D75 E . -18.51 -15.18 -4.44
H412 A1D75 E . -10.18 -16.38 -10.22
H411 A1D75 E . -10.71 -15.08 -11.27
H422 A1D75 E . -14.76 -17.25 -4.73
H421 A1D75 E . -13.48 -17.46 -3.54
H432 A1D75 E . -21.01 -15.97 -4.74
H431 A1D75 E . -20.44 -16.64 -6.26
H441 A1D75 E . -18.29 -8.69 -12.13
H442 A1D75 E . -17.37 -10.07 -12.77
H452 A1D75 E . -14.80 -15.50 -2.28
H451 A1D75 E . -16.14 -16.07 -3.27
H462 A1D75 E . -8.67 -13.82 -10.93
H461 A1D75 E . -8.19 -14.85 -9.56
H471 A1D75 E . -18.63 -17.84 -4.87
H472 A1D75 E . -19.56 -17.37 -3.45
H492 A1D75 E . -14.59 -17.72 -1.23
H491 A1D75 E . -16.19 -17.03 -0.99
H502 A1D75 E . -15.96 -9.75 -10.54
H501 A1D75 E . -16.62 -8.13 -10.58
H512 A1D75 E . -8.35 -15.68 -12.51
H511 A1D75 E . -6.87 -15.44 -11.57
H522 A1D75 E . -16.75 -18.67 -3.07
H521 A1D75 E . -15.38 -19.54 -2.38
H531 A1D75 E . -15.39 -8.90 -13.12
H532 A1D75 E . -14.27 -8.95 -11.75
H542 A1D75 E . -6.86 -17.59 -10.91
H541 A1D75 E . -8.47 -17.45 -10.24
H562 A1D75 E . -15.35 -6.58 -11.23
H561 A1D75 E . -15.64 -6.61 -12.99
H572 A1D75 E . -8.99 -17.85 -12.92
H571 A1D75 E . -7.53 -18.79 -12.68
H582 A1D75 E . -13.01 -7.36 -11.67
H583 A1D75 E . -13.36 -5.74 -12.33
H581 A1D75 E . -13.32 -7.16 -13.41
H591 A1D75 E . -10.05 -19.08 -10.99
H592 A1D75 E . -8.61 -20.12 -10.95
H593 A1D75 E . -9.65 -20.10 -12.40
#